data_2VZI
# 
_entry.id   2VZI 
# 
_audit_conform.dict_name       mmcif_pdbx.dic 
_audit_conform.dict_version    5.382 
_audit_conform.dict_location   http://mmcif.pdb.org/dictionaries/ascii/mmcif_pdbx.dic 
# 
loop_
_database_2.database_id 
_database_2.database_code 
_database_2.pdbx_database_accession 
_database_2.pdbx_DOI 
PDB   2VZI         pdb_00002vzi 10.2210/pdb2vzi/pdb 
PDBE  EBI-37096    ?            ?                   
WWPDB D_1290037096 ?            ?                   
# 
loop_
_pdbx_database_related.db_name 
_pdbx_database_related.db_id 
_pdbx_database_related.content_type 
_pdbx_database_related.details 
PDB 2VZG unspecified 
'CRYSTAL STRUCTURE OF THE C-TERMINAL CALPONIN HOMOLOGY DOMAIN OF ALPHA-PARVIN IN COMPLEX WITH PAXILLIN LD2 MOTIF' 
PDB 2VZD unspecified 
'CRYSTAL STRUCTURE OF THE C-TERMINAL CALPONIN HOMOLOGY DOMAIN OF ALPHA PARVIN IN COMPLEX WITH PAXILLIN LD1 MOTIF' 
PDB 1KL0 unspecified 'THEORETICAL MODEL OF THE FAT DOMAIN OF FOCAL ADHESIONKINASE COMPLEXED WITH PAXILLIN LD2 MOTIF' 
PDB 2VZC unspecified 'CRYSTAL STRUCTURE OF THE C-TERMINAL CALPONIN HOMOLOGY DOMAIN OF ALPHA PARVIN' 
PDB 1KKY unspecified 'THEORETICAL MODEL OF THE FAT DOMAIN OF FOCAL ADHESIONKINASE COMPLEXED WITH PAXILLIN LD2 MOTIF' 
# 
_pdbx_database_status.status_code                     REL 
_pdbx_database_status.entry_id                        2VZI 
_pdbx_database_status.deposit_site                    PDBE 
_pdbx_database_status.process_site                    PDBE 
_pdbx_database_status.SG_entry                        . 
_pdbx_database_status.recvd_initial_deposition_date   2008-08-01 
_pdbx_database_status.pdb_format_compatible           Y 
_pdbx_database_status.status_code_sf                  REL 
_pdbx_database_status.status_code_mr                  ? 
_pdbx_database_status.status_code_cs                  ? 
_pdbx_database_status.methods_development_category    ? 
_pdbx_database_status.status_code_nmr_data            ? 
# 
loop_
_audit_author.name 
_audit_author.pdbx_ordinal 
_audit_author.identifier_ORCID 
'Lorenz, S.'      1 ? 
'Vakonakis, I.'   2 ? 
'Lowe, E.D.'      3 ? 
'Campbell, I.D.'  4 ? 
'Noble, M.E.M.'   5 ? 
'Hoellerer, M.K.' 6 ? 
# 
_citation.id                        primary 
_citation.title                     'Structural analysis of the interactions between paxillin LD motifs and alpha-parvin.' 
_citation.journal_abbrev            Structure 
_citation.journal_volume            16 
_citation.page_first                1521 
_citation.page_last                 1531 
_citation.year                      2008 
_citation.journal_id_ASTM           STRUE6 
_citation.country                   UK 
_citation.journal_id_ISSN           0969-2126 
_citation.journal_id_CSD            2005 
_citation.book_publisher            ? 
_citation.pdbx_database_id_PubMed   18940607 
_citation.pdbx_database_id_DOI      10.1016/j.str.2008.08.007 
# 
loop_
_citation_author.citation_id 
_citation_author.name 
_citation_author.ordinal 
_citation_author.identifier_ORCID 
primary 'Lorenz, S.'      1 ? 
primary 'Vakonakis, I.'   2 ? 
primary 'Lowe, E.D.'      3 ? 
primary 'Campbell, I.D.'  4 ? 
primary 'Noble, M.E.'     5 ? 
primary 'Hoellerer, M.K.' 6 ? 
# 
_cell.entry_id           2VZI 
_cell.length_a           75.420 
_cell.length_b           94.600 
_cell.length_c           42.170 
_cell.angle_alpha        90.00 
_cell.angle_beta         90.00 
_cell.angle_gamma        90.00 
_cell.Z_PDB              8 
_cell.pdbx_unique_axis   ? 
# 
_symmetry.entry_id                         2VZI 
_symmetry.space_group_name_H-M             'C 2 2 21' 
_symmetry.pdbx_full_space_group_name_H-M   ? 
_symmetry.cell_setting                     ? 
_symmetry.Int_Tables_number                20 
# 
loop_
_entity.id 
_entity.type 
_entity.src_method 
_entity.pdbx_description 
_entity.formula_weight 
_entity.pdbx_number_of_molecules 
_entity.pdbx_ec 
_entity.pdbx_mutation 
_entity.pdbx_fragment 
_entity.details 
1 polymer     man Paxillin,Paxillin      2305.626  1  ? ? 
;PAXILLIN LD4 MOTIF, RESIDUES 262-277 AND 312-315 OF PAXILLIN ISOFORM BETA,PAXILLIN LD4 MOTIF, RESIDUES 262-277 AND 312-315 OF PAXILLIN ISOFORM BETA
;
? 
2 polymer     man Alpha-parvin           15155.380 1  ? ? 'C-TERMINAL CALPONIN HOMOLOGY DOMAIN, RESIDUES 242-372' ? 
3 non-polymer syn 'TETRAETHYLENE GLYCOL' 194.226   1  ? ? ? ? 
4 non-polymer syn 1,2-ETHANEDIOL         62.068    2  ? ? ? ? 
5 non-polymer syn 'TRIETHYLENE GLYCOL'   150.173   2  ? ? ? ? 
6 water       nat water                  18.015    39 ? ? ? ? 
# 
_entity_name_com.entity_id   2 
_entity_name_com.name        
'Actopaxin,CH-ILKBP,Calponin-like integrin-linked kinase-binding protein,Matrix-remodeling-associated protein 2' 
# 
loop_
_entity_poly.entity_id 
_entity_poly.type 
_entity_poly.nstd_linkage 
_entity_poly.nstd_monomer 
_entity_poly.pdbx_seq_one_letter_code 
_entity_poly.pdbx_seq_one_letter_code_can 
_entity_poly.pdbx_strand_id 
_entity_poly.pdbx_target_identifier 
1 'polypeptide(L)' no no ATRELDELMASLSDFKFMAQ ATRELDELMASLSDFKFMAQ A ? 
2 'polypeptide(L)' no no 
;SGRHERDAFDTLFDHAPDKLNVVKKTLITFVNKHLNKLNLEVTELETQFADGVYLVLLMGLLEGYFVPLHSFFLTPDSFE
QKVLNVSFAFELMQDGGLEKPKPRPEDIVNCDLKSTLRVLYNLFTKYRNVE
;
;SGRHERDAFDTLFDHAPDKLNVVKKTLITFVNKHLNKLNLEVTELETQFADGVYLVLLMGLLEGYFVPLHSFFLTPDSFE
QKVLNVSFAFELMQDGGLEKPKPRPEDIVNCDLKSTLRVLYNLFTKYRNVE
;
B ? 
# 
loop_
_entity_poly_seq.entity_id 
_entity_poly_seq.num 
_entity_poly_seq.mon_id 
_entity_poly_seq.hetero 
1 1   ALA n 
1 2   THR n 
1 3   ARG n 
1 4   GLU n 
1 5   LEU n 
1 6   ASP n 
1 7   GLU n 
1 8   LEU n 
1 9   MET n 
1 10  ALA n 
1 11  SER n 
1 12  LEU n 
1 13  SER n 
1 14  ASP n 
1 15  PHE n 
1 16  LYS n 
1 17  PHE n 
1 18  MET n 
1 19  ALA n 
1 20  GLN n 
2 1   SER n 
2 2   GLY n 
2 3   ARG n 
2 4   HIS n 
2 5   GLU n 
2 6   ARG n 
2 7   ASP n 
2 8   ALA n 
2 9   PHE n 
2 10  ASP n 
2 11  THR n 
2 12  LEU n 
2 13  PHE n 
2 14  ASP n 
2 15  HIS n 
2 16  ALA n 
2 17  PRO n 
2 18  ASP n 
2 19  LYS n 
2 20  LEU n 
2 21  ASN n 
2 22  VAL n 
2 23  VAL n 
2 24  LYS n 
2 25  LYS n 
2 26  THR n 
2 27  LEU n 
2 28  ILE n 
2 29  THR n 
2 30  PHE n 
2 31  VAL n 
2 32  ASN n 
2 33  LYS n 
2 34  HIS n 
2 35  LEU n 
2 36  ASN n 
2 37  LYS n 
2 38  LEU n 
2 39  ASN n 
2 40  LEU n 
2 41  GLU n 
2 42  VAL n 
2 43  THR n 
2 44  GLU n 
2 45  LEU n 
2 46  GLU n 
2 47  THR n 
2 48  GLN n 
2 49  PHE n 
2 50  ALA n 
2 51  ASP n 
2 52  GLY n 
2 53  VAL n 
2 54  TYR n 
2 55  LEU n 
2 56  VAL n 
2 57  LEU n 
2 58  LEU n 
2 59  MET n 
2 60  GLY n 
2 61  LEU n 
2 62  LEU n 
2 63  GLU n 
2 64  GLY n 
2 65  TYR n 
2 66  PHE n 
2 67  VAL n 
2 68  PRO n 
2 69  LEU n 
2 70  HIS n 
2 71  SER n 
2 72  PHE n 
2 73  PHE n 
2 74  LEU n 
2 75  THR n 
2 76  PRO n 
2 77  ASP n 
2 78  SER n 
2 79  PHE n 
2 80  GLU n 
2 81  GLN n 
2 82  LYS n 
2 83  VAL n 
2 84  LEU n 
2 85  ASN n 
2 86  VAL n 
2 87  SER n 
2 88  PHE n 
2 89  ALA n 
2 90  PHE n 
2 91  GLU n 
2 92  LEU n 
2 93  MET n 
2 94  GLN n 
2 95  ASP n 
2 96  GLY n 
2 97  GLY n 
2 98  LEU n 
2 99  GLU n 
2 100 LYS n 
2 101 PRO n 
2 102 LYS n 
2 103 PRO n 
2 104 ARG n 
2 105 PRO n 
2 106 GLU n 
2 107 ASP n 
2 108 ILE n 
2 109 VAL n 
2 110 ASN n 
2 111 CYS n 
2 112 ASP n 
2 113 LEU n 
2 114 LYS n 
2 115 SER n 
2 116 THR n 
2 117 LEU n 
2 118 ARG n 
2 119 VAL n 
2 120 LEU n 
2 121 TYR n 
2 122 ASN n 
2 123 LEU n 
2 124 PHE n 
2 125 THR n 
2 126 LYS n 
2 127 TYR n 
2 128 ARG n 
2 129 ASN n 
2 130 VAL n 
2 131 GLU n 
# 
loop_
_entity_src_gen.entity_id 
_entity_src_gen.pdbx_src_id 
_entity_src_gen.pdbx_alt_source_flag 
_entity_src_gen.pdbx_seq_type 
_entity_src_gen.pdbx_beg_seq_num 
_entity_src_gen.pdbx_end_seq_num 
_entity_src_gen.gene_src_common_name 
_entity_src_gen.gene_src_genus 
_entity_src_gen.pdbx_gene_src_gene 
_entity_src_gen.gene_src_species 
_entity_src_gen.gene_src_strain 
_entity_src_gen.gene_src_tissue 
_entity_src_gen.gene_src_tissue_fraction 
_entity_src_gen.gene_src_details 
_entity_src_gen.pdbx_gene_src_fragment 
_entity_src_gen.pdbx_gene_src_scientific_name 
_entity_src_gen.pdbx_gene_src_ncbi_taxonomy_id 
_entity_src_gen.pdbx_gene_src_variant 
_entity_src_gen.pdbx_gene_src_cell_line 
_entity_src_gen.pdbx_gene_src_atcc 
_entity_src_gen.pdbx_gene_src_organ 
_entity_src_gen.pdbx_gene_src_organelle 
_entity_src_gen.pdbx_gene_src_cell 
_entity_src_gen.pdbx_gene_src_cellular_location 
_entity_src_gen.host_org_common_name 
_entity_src_gen.pdbx_host_org_scientific_name 
_entity_src_gen.pdbx_host_org_ncbi_taxonomy_id 
_entity_src_gen.host_org_genus 
_entity_src_gen.pdbx_host_org_gene 
_entity_src_gen.pdbx_host_org_organ 
_entity_src_gen.host_org_species 
_entity_src_gen.pdbx_host_org_tissue 
_entity_src_gen.pdbx_host_org_tissue_fraction 
_entity_src_gen.pdbx_host_org_strain 
_entity_src_gen.pdbx_host_org_variant 
_entity_src_gen.pdbx_host_org_cell_line 
_entity_src_gen.pdbx_host_org_atcc 
_entity_src_gen.pdbx_host_org_culture_collection 
_entity_src_gen.pdbx_host_org_cell 
_entity_src_gen.pdbx_host_org_organelle 
_entity_src_gen.pdbx_host_org_cellular_location 
_entity_src_gen.pdbx_host_org_vector_type 
_entity_src_gen.pdbx_host_org_vector 
_entity_src_gen.host_org_details 
_entity_src_gen.expression_system_id 
_entity_src_gen.plasmid_name 
_entity_src_gen.plasmid_details 
_entity_src_gen.pdbx_description 
1 1 sample 'Biological sequence' 1  16  Human ? PXN            ? ? ? ? ? ? 'Homo sapiens' 9606 ? ? ? ? ? ? ? ? 
'Escherichia coli BL21' 511693 ? ? ? ? ? ? ? ? ? ? ? ? ? ? ? ? ? ? PGEX-6P1 ? ? 
1 2 sample 'Biological sequence' 17 20  Human ? PXN            ? ? ? ? ? ? 'Homo sapiens' 9606 ? ? ? ? ? ? ? ? 
'Escherichia coli BL21' 511693 ? ? ? ? ? ? ? ? ? ? ? ? ? ? ? ? ? ? PGEX-6P1 ? ? 
2 1 sample 'Biological sequence' 1  131 Human ? 'PARVA, MXRA2' ? ? ? ? ? ? 'Homo sapiens' 9606 ? ? ? ? ? ? ? ? 
'Escherichia coli BL21' 511693 ? ? ? ? ? ? ? ? ? ? ? ? ? ? ? ? ? ? ?        ? ? 
# 
loop_
_struct_ref.id 
_struct_ref.db_name 
_struct_ref.db_code 
_struct_ref.pdbx_db_accession 
_struct_ref.pdbx_db_isoform 
_struct_ref.entity_id 
_struct_ref.pdbx_seq_one_letter_code 
_struct_ref.pdbx_align_begin 
1 UNP PAXI_HUMAN  P49023 ? 1 ATRELDELMASLSDFK 262 
2 UNP PAXI_HUMAN  P49023 ? 1 FMAQ 312 
3 UNP PARVA_HUMAN Q9NVD7 ? 2 
;SGRHERDAFDTLFDHAPDKLNVVKKTLITFVNKHLNKLNLEVTELETQFADGVYLVLLMGLLEGYFVPLHSFFLTPDSFE
QKVLNVSFAFELMQDGGLEKPKPRPEDIVNCDLKSTLRVLYNLFTKYRNVE
;
242 
# 
loop_
_struct_ref_seq.align_id 
_struct_ref_seq.ref_id 
_struct_ref_seq.pdbx_PDB_id_code 
_struct_ref_seq.pdbx_strand_id 
_struct_ref_seq.seq_align_beg 
_struct_ref_seq.pdbx_seq_align_beg_ins_code 
_struct_ref_seq.seq_align_end 
_struct_ref_seq.pdbx_seq_align_end_ins_code 
_struct_ref_seq.pdbx_db_accession 
_struct_ref_seq.db_align_beg 
_struct_ref_seq.pdbx_db_align_beg_ins_code 
_struct_ref_seq.db_align_end 
_struct_ref_seq.pdbx_db_align_end_ins_code 
_struct_ref_seq.pdbx_auth_seq_align_beg 
_struct_ref_seq.pdbx_auth_seq_align_end 
1 1 2VZI A 1  ? 16  ? P49023 262 ? 277 ? 1   16  
2 2 2VZI A 17 ? 20  ? P49023 312 ? 315 ? 17  20  
3 3 2VZI B 1  ? 131 ? Q9NVD7 242 ? 372 ? 242 372 
# 
loop_
_chem_comp.id 
_chem_comp.type 
_chem_comp.mon_nstd_flag 
_chem_comp.name 
_chem_comp.pdbx_synonyms 
_chem_comp.formula 
_chem_comp.formula_weight 
ALA 'L-peptide linking' y ALANINE                ?                 'C3 H7 N O2'     89.093  
ARG 'L-peptide linking' y ARGININE               ?                 'C6 H15 N4 O2 1' 175.209 
ASN 'L-peptide linking' y ASPARAGINE             ?                 'C4 H8 N2 O3'    132.118 
ASP 'L-peptide linking' y 'ASPARTIC ACID'        ?                 'C4 H7 N O4'     133.103 
CYS 'L-peptide linking' y CYSTEINE               ?                 'C3 H7 N O2 S'   121.158 
EDO non-polymer         . 1,2-ETHANEDIOL         'ETHYLENE GLYCOL' 'C2 H6 O2'       62.068  
GLN 'L-peptide linking' y GLUTAMINE              ?                 'C5 H10 N2 O3'   146.144 
GLU 'L-peptide linking' y 'GLUTAMIC ACID'        ?                 'C5 H9 N O4'     147.129 
GLY 'peptide linking'   y GLYCINE                ?                 'C2 H5 N O2'     75.067  
HIS 'L-peptide linking' y HISTIDINE              ?                 'C6 H10 N3 O2 1' 156.162 
HOH non-polymer         . WATER                  ?                 'H2 O'           18.015  
ILE 'L-peptide linking' y ISOLEUCINE             ?                 'C6 H13 N O2'    131.173 
LEU 'L-peptide linking' y LEUCINE                ?                 'C6 H13 N O2'    131.173 
LYS 'L-peptide linking' y LYSINE                 ?                 'C6 H15 N2 O2 1' 147.195 
MET 'L-peptide linking' y METHIONINE             ?                 'C5 H11 N O2 S'  149.211 
PG4 non-polymer         . 'TETRAETHYLENE GLYCOL' ?                 'C8 H18 O5'      194.226 
PGE non-polymer         . 'TRIETHYLENE GLYCOL'   ?                 'C6 H14 O4'      150.173 
PHE 'L-peptide linking' y PHENYLALANINE          ?                 'C9 H11 N O2'    165.189 
PRO 'L-peptide linking' y PROLINE                ?                 'C5 H9 N O2'     115.130 
SER 'L-peptide linking' y SERINE                 ?                 'C3 H7 N O3'     105.093 
THR 'L-peptide linking' y THREONINE              ?                 'C4 H9 N O3'     119.119 
TYR 'L-peptide linking' y TYROSINE               ?                 'C9 H11 N O3'    181.189 
VAL 'L-peptide linking' y VALINE                 ?                 'C5 H11 N O2'    117.146 
# 
_exptl.entry_id          2VZI 
_exptl.method            'X-RAY DIFFRACTION' 
_exptl.crystals_number   1 
# 
_exptl_crystal.id                    1 
_exptl_crystal.density_meas          ? 
_exptl_crystal.density_Matthews      2.2 
_exptl_crystal.density_percent_sol   45 
_exptl_crystal.description           NONE 
_exptl_crystal.preparation           ? 
# 
_exptl_crystal_grow.crystal_id      1 
_exptl_crystal_grow.method          'VAPOR DIFFUSION, SITTING DROP' 
_exptl_crystal_grow.temp            286 
_exptl_crystal_grow.temp_details    ? 
_exptl_crystal_grow.pH              5.2 
_exptl_crystal_grow.pdbx_pH_range   ? 
_exptl_crystal_grow.pdbx_details    '40%(W/V) PEG 300, 0.1M CITRATE PH 5.2' 
# 
_diffrn.id                               1 
_diffrn.ambient_temp                     100 
_diffrn.ambient_temp_details             ? 
_diffrn.crystal_id                       1 
_diffrn.pdbx_serial_crystal_experiment   ? 
# 
_diffrn_detector.diffrn_id              1 
_diffrn_detector.detector               CCD 
_diffrn_detector.type                   'ADSC CCD' 
_diffrn_detector.pdbx_collection_date   2007-09-01 
_diffrn_detector.details                MIRRORS 
# 
_diffrn_radiation.diffrn_id                        1 
_diffrn_radiation.wavelength_id                    1 
_diffrn_radiation.pdbx_monochromatic_or_laue_m_l   M 
_diffrn_radiation.monochromator                    'SI(311), SI(111)' 
_diffrn_radiation.pdbx_diffrn_protocol             'SINGLE WAVELENGTH' 
_diffrn_radiation.pdbx_scattering_type             x-ray 
# 
_diffrn_radiation_wavelength.id           1 
_diffrn_radiation_wavelength.wavelength   0.976 
_diffrn_radiation_wavelength.wt           1.0 
# 
_diffrn_source.diffrn_id                   1 
_diffrn_source.source                      SYNCHROTRON 
_diffrn_source.type                        'ESRF BEAMLINE ID29' 
_diffrn_source.pdbx_synchrotron_site       ESRF 
_diffrn_source.pdbx_synchrotron_beamline   ID29 
_diffrn_source.pdbx_wavelength             0.976 
_diffrn_source.pdbx_wavelength_list        ? 
# 
_reflns.pdbx_diffrn_id               1 
_reflns.pdbx_ordinal                 1 
_reflns.entry_id                     2VZI 
_reflns.observed_criterion_sigma_I   2.0 
_reflns.observed_criterion_sigma_F   ? 
_reflns.d_resolution_low             37.72 
_reflns.d_resolution_high            2.20 
_reflns.number_obs                   7929 
_reflns.number_all                   ? 
_reflns.percent_possible_obs         99.5 
_reflns.pdbx_Rmerge_I_obs            0.12 
_reflns.pdbx_Rsym_value              ? 
_reflns.pdbx_netI_over_sigmaI        9.70 
_reflns.B_iso_Wilson_estimate        ? 
_reflns.pdbx_redundancy              3.5 
# 
_reflns_shell.pdbx_diffrn_id         1 
_reflns_shell.pdbx_ordinal           1 
_reflns_shell.d_res_high             2.20 
_reflns_shell.d_res_low              2.32 
_reflns_shell.percent_possible_all   100.0 
_reflns_shell.Rmerge_I_obs           0.63 
_reflns_shell.pdbx_Rsym_value        ? 
_reflns_shell.meanI_over_sigI_obs    2.20 
_reflns_shell.pdbx_redundancy        3.6 
# 
_refine.pdbx_refine_id                           'X-RAY DIFFRACTION' 
_refine.entry_id                                 2VZI 
_refine.pdbx_diffrn_id                           1 
_refine.pdbx_TLS_residual_ADP_flag               'LIKELY RESIDUAL' 
_refine.ls_number_reflns_obs                     7558 
_refine.ls_number_reflns_all                     ? 
_refine.pdbx_ls_sigma_I                          ? 
_refine.pdbx_ls_sigma_F                          ? 
_refine.pdbx_data_cutoff_high_absF               ? 
_refine.pdbx_data_cutoff_low_absF                ? 
_refine.pdbx_data_cutoff_high_rms_absF           ? 
_refine.ls_d_res_low                             58.93 
_refine.ls_d_res_high                            2.20 
_refine.ls_percent_reflns_obs                    99.2 
_refine.ls_R_factor_obs                          0.208 
_refine.ls_R_factor_all                          ? 
_refine.ls_R_factor_R_work                       0.205 
_refine.ls_R_factor_R_free                       0.260 
_refine.ls_R_factor_R_free_error                 ? 
_refine.ls_R_factor_R_free_error_details         ? 
_refine.ls_percent_reflns_R_free                 4.700 
_refine.ls_number_reflns_R_free                  369 
_refine.ls_number_parameters                     ? 
_refine.ls_number_restraints                     ? 
_refine.occupancy_min                            ? 
_refine.occupancy_max                            ? 
_refine.correlation_coeff_Fo_to_Fc               0.937 
_refine.correlation_coeff_Fo_to_Fc_free          0.905 
_refine.B_iso_mean                               31.70 
_refine.aniso_B[1][1]                            1.41000 
_refine.aniso_B[2][2]                            -0.23000 
_refine.aniso_B[3][3]                            -1.18000 
_refine.aniso_B[1][2]                            0.00000 
_refine.aniso_B[1][3]                            0.00000 
_refine.aniso_B[2][3]                            0.00000 
_refine.solvent_model_details                    MASK 
_refine.solvent_model_param_ksol                 ? 
_refine.solvent_model_param_bsol                 ? 
_refine.pdbx_solvent_vdw_probe_radii             1.40 
_refine.pdbx_solvent_ion_probe_radii             0.80 
_refine.pdbx_solvent_shrinkage_radii             0.80 
_refine.pdbx_ls_cross_valid_method               THROUGHOUT 
_refine.details                                  'HYDROGENS HAVE BEEN ADDED IN THE RIDING POSITIONS.' 
_refine.pdbx_starting_model                      'PDB ENTRY 2VZC' 
_refine.pdbx_method_to_determine_struct          'MOLECULAR REPLACEMENT' 
_refine.pdbx_isotropic_thermal_model             ? 
_refine.pdbx_stereochemistry_target_values       'MAXIMUM LIKELIHOOD' 
_refine.pdbx_stereochem_target_val_spec_case     ? 
_refine.pdbx_R_Free_selection_details            RANDOM 
_refine.pdbx_overall_ESU_R                       0.396 
_refine.pdbx_overall_ESU_R_Free                  0.252 
_refine.overall_SU_ML                            0.203 
_refine.pdbx_overall_phase_error                 ? 
_refine.overall_SU_B                             15.117 
_refine.overall_SU_R_Cruickshank_DPI             ? 
_refine.pdbx_overall_SU_R_free_Cruickshank_DPI   ? 
_refine.pdbx_overall_SU_R_Blow_DPI               ? 
_refine.pdbx_overall_SU_R_free_Blow_DPI          ? 
# 
_refine_hist.pdbx_refine_id                   'X-RAY DIFFRACTION' 
_refine_hist.cycle_id                         LAST 
_refine_hist.pdbx_number_atoms_protein        1128 
_refine_hist.pdbx_number_atoms_nucleic_acid   0 
_refine_hist.pdbx_number_atoms_ligand         41 
_refine_hist.number_atoms_solvent             39 
_refine_hist.number_atoms_total               1208 
_refine_hist.d_res_high                       2.20 
_refine_hist.d_res_low                        58.93 
# 
loop_
_refine_ls_restr.type 
_refine_ls_restr.dev_ideal 
_refine_ls_restr.dev_ideal_target 
_refine_ls_restr.weight 
_refine_ls_restr.number 
_refine_ls_restr.pdbx_refine_id 
_refine_ls_restr.pdbx_restraint_function 
r_bond_refined_d             0.008  0.022  ? 1411 'X-RAY DIFFRACTION' ? 
r_bond_other_d               ?      ?      ? ?    'X-RAY DIFFRACTION' ? 
r_angle_refined_deg          1.139  2.020  ? 1919 'X-RAY DIFFRACTION' ? 
r_angle_other_deg            ?      ?      ? ?    'X-RAY DIFFRACTION' ? 
r_dihedral_angle_1_deg       4.659  5.000  ? 180  'X-RAY DIFFRACTION' ? 
r_dihedral_angle_2_deg       30.610 24.746 ? 59   'X-RAY DIFFRACTION' ? 
r_dihedral_angle_3_deg       15.145 15.000 ? 264  'X-RAY DIFFRACTION' ? 
r_dihedral_angle_4_deg       19.377 15.000 ? 6    'X-RAY DIFFRACTION' ? 
r_chiral_restr               0.078  0.200  ? 217  'X-RAY DIFFRACTION' ? 
r_gen_planes_refined         0.003  0.020  ? 1063 'X-RAY DIFFRACTION' ? 
r_gen_planes_other           ?      ?      ? ?    'X-RAY DIFFRACTION' ? 
r_nbd_refined                0.188  0.200  ? 722  'X-RAY DIFFRACTION' ? 
r_nbd_other                  ?      ?      ? ?    'X-RAY DIFFRACTION' ? 
r_nbtor_refined              0.298  0.200  ? 977  'X-RAY DIFFRACTION' ? 
r_nbtor_other                ?      ?      ? ?    'X-RAY DIFFRACTION' ? 
r_xyhbond_nbd_refined        0.131  0.200  ? 70   'X-RAY DIFFRACTION' ? 
r_xyhbond_nbd_other          ?      ?      ? ?    'X-RAY DIFFRACTION' ? 
r_metal_ion_refined          ?      ?      ? ?    'X-RAY DIFFRACTION' ? 
r_metal_ion_other            ?      ?      ? ?    'X-RAY DIFFRACTION' ? 
r_symmetry_vdw_refined       0.161  0.200  ? 49   'X-RAY DIFFRACTION' ? 
r_symmetry_vdw_other         ?      ?      ? ?    'X-RAY DIFFRACTION' ? 
r_symmetry_hbond_refined     0.111  0.200  ? 7    'X-RAY DIFFRACTION' ? 
r_symmetry_hbond_other       ?      ?      ? ?    'X-RAY DIFFRACTION' ? 
r_symmetry_metal_ion_refined ?      ?      ? ?    'X-RAY DIFFRACTION' ? 
r_symmetry_metal_ion_other   ?      ?      ? ?    'X-RAY DIFFRACTION' ? 
r_mcbond_it                  0.366  1.500  ? 858  'X-RAY DIFFRACTION' ? 
r_mcbond_other               ?      ?      ? ?    'X-RAY DIFFRACTION' ? 
r_mcangle_it                 0.656  2.000  ? 1393 'X-RAY DIFFRACTION' ? 
r_mcangle_other              ?      ?      ? ?    'X-RAY DIFFRACTION' ? 
r_scbond_it                  1.073  3.000  ? 596  'X-RAY DIFFRACTION' ? 
r_scbond_other               ?      ?      ? ?    'X-RAY DIFFRACTION' ? 
r_scangle_it                 1.593  4.500  ? 526  'X-RAY DIFFRACTION' ? 
r_scangle_other              ?      ?      ? ?    'X-RAY DIFFRACTION' ? 
r_long_range_B_refined       ?      ?      ? ?    'X-RAY DIFFRACTION' ? 
r_long_range_B_other         ?      ?      ? ?    'X-RAY DIFFRACTION' ? 
r_rigid_bond_restr           ?      ?      ? ?    'X-RAY DIFFRACTION' ? 
r_sphericity_free            ?      ?      ? ?    'X-RAY DIFFRACTION' ? 
r_sphericity_bonded          ?      ?      ? ?    'X-RAY DIFFRACTION' ? 
# 
_refine_ls_shell.pdbx_refine_id                   'X-RAY DIFFRACTION' 
_refine_ls_shell.pdbx_total_number_of_bins_used   20 
_refine_ls_shell.d_res_high                       2.20 
_refine_ls_shell.d_res_low                        2.26 
_refine_ls_shell.number_reflns_R_work             571 
_refine_ls_shell.R_factor_R_work                  0.2450 
_refine_ls_shell.percent_reflns_obs               ? 
_refine_ls_shell.R_factor_R_free                  0.3500 
_refine_ls_shell.R_factor_R_free_error            ? 
_refine_ls_shell.percent_reflns_R_free            ? 
_refine_ls_shell.number_reflns_R_free             22 
_refine_ls_shell.number_reflns_all                ? 
_refine_ls_shell.R_factor_all                     ? 
# 
_struct.entry_id                  2VZI 
_struct.title                     
'Crystal structure of the C-terminal calponin homology domain of alpha- parvin in complex with paxillin LD4 motif' 
_struct.pdbx_model_details        ? 
_struct.pdbx_CASP_flag            ? 
_struct.pdbx_model_type_details   ? 
# 
_struct_keywords.entry_id        2VZI 
_struct_keywords.pdbx_keywords   'CELL ADHESION' 
_struct_keywords.text            
;CELL ADHESION, CELL MEMBRANE, METAL-BINDING, CALPONIN HOMOLOGY DOMAIN, CYTOSKELETON, CELL JUNCTION, ACTIN-BINDING, MEMBRANE, LD2 MOTIF, LIM DOMAIN, PHOSPHOPROTEIN
;
# 
loop_
_struct_asym.id 
_struct_asym.pdbx_blank_PDB_chainid_flag 
_struct_asym.pdbx_modified 
_struct_asym.entity_id 
_struct_asym.details 
A N N 1 ? 
B N N 2 ? 
C N N 3 ? 
D N N 4 ? 
E N N 5 ? 
F N N 4 ? 
G N N 5 ? 
H N N 6 ? 
# 
loop_
_struct_conf.conf_type_id 
_struct_conf.id 
_struct_conf.pdbx_PDB_helix_id 
_struct_conf.beg_label_comp_id 
_struct_conf.beg_label_asym_id 
_struct_conf.beg_label_seq_id 
_struct_conf.pdbx_beg_PDB_ins_code 
_struct_conf.end_label_comp_id 
_struct_conf.end_label_asym_id 
_struct_conf.end_label_seq_id 
_struct_conf.pdbx_end_PDB_ins_code 
_struct_conf.beg_auth_comp_id 
_struct_conf.beg_auth_asym_id 
_struct_conf.beg_auth_seq_id 
_struct_conf.end_auth_comp_id 
_struct_conf.end_auth_asym_id 
_struct_conf.end_auth_seq_id 
_struct_conf.pdbx_PDB_helix_class 
_struct_conf.details 
_struct_conf.pdbx_PDB_helix_length 
HELX_P HELX_P1 1 ALA A 1   ? SER A 13  ? ALA A 1   SER A 13  1 ? 13 
HELX_P HELX_P2 2 ASP B 7   ? ALA B 16  ? ASP B 248 ALA B 257 1 ? 10 
HELX_P HELX_P3 3 LYS B 19  ? ASN B 36  ? LYS B 260 ASN B 277 1 ? 18 
HELX_P HELX_P4 4 LYS B 37  ? ASN B 39  ? LYS B 278 ASN B 280 5 ? 3  
HELX_P HELX_P5 5 GLY B 52  ? GLY B 64  ? GLY B 293 GLY B 305 1 ? 13 
HELX_P HELX_P6 6 PRO B 68  ? PHE B 72  ? PRO B 309 PHE B 313 5 ? 5  
HELX_P HELX_P7 7 SER B 78  ? GLY B 96  ? SER B 319 GLY B 337 1 ? 19 
HELX_P HELX_P8 8 ARG B 104 ? ASN B 110 ? ARG B 345 ASN B 351 1 ? 7  
HELX_P HELX_P9 9 ASP B 112 ? TYR B 127 ? ASP B 353 TYR B 368 1 ? 16 
# 
_struct_conf_type.id          HELX_P 
_struct_conf_type.criteria    ? 
_struct_conf_type.reference   ? 
# 
loop_
_struct_site.id 
_struct_site.pdbx_evidence_code 
_struct_site.pdbx_auth_asym_id 
_struct_site.pdbx_auth_comp_id 
_struct_site.pdbx_auth_seq_id 
_struct_site.pdbx_auth_ins_code 
_struct_site.pdbx_num_residues 
_struct_site.details 
AC1 Software B PG4 1373 ? 7 'BINDING SITE FOR RESIDUE PG4 B 1373' 
AC2 Software B PGE 1377 ? 4 'BINDING SITE FOR RESIDUE PGE B 1377' 
AC3 Software B EDO 1374 ? 7 'BINDING SITE FOR RESIDUE EDO B 1374' 
AC4 Software B PGE 1375 ? 6 'BINDING SITE FOR RESIDUE PGE B 1375' 
AC5 Software B EDO 1376 ? 7 'BINDING SITE FOR RESIDUE EDO B 1376' 
# 
loop_
_struct_site_gen.id 
_struct_site_gen.site_id 
_struct_site_gen.pdbx_num_res 
_struct_site_gen.label_comp_id 
_struct_site_gen.label_asym_id 
_struct_site_gen.label_seq_id 
_struct_site_gen.pdbx_auth_ins_code 
_struct_site_gen.auth_comp_id 
_struct_site_gen.auth_asym_id 
_struct_site_gen.auth_seq_id 
_struct_site_gen.label_atom_id 
_struct_site_gen.label_alt_id 
_struct_site_gen.symmetry 
_struct_site_gen.details 
1  AC1 7 ASN B 21  ? ASN B 262  . ? 4_555 ? 
2  AC1 7 ALA B 50  ? ALA B 291  . ? 1_555 ? 
3  AC1 7 ASP B 77  ? ASP B 318  . ? 1_555 ? 
4  AC1 7 SER B 78  ? SER B 319  . ? 1_555 ? 
5  AC1 7 PHE B 79  ? PHE B 320  . ? 1_555 ? 
6  AC1 7 LYS B 82  ? LYS B 323  . ? 1_555 ? 
7  AC1 7 VAL B 109 ? VAL B 350  . ? 1_555 ? 
8  AC2 4 ASP B 95  ? ASP B 336  . ? 1_555 ? 
9  AC2 4 TYR B 121 ? TYR B 362  . ? 6_545 ? 
10 AC2 4 ASN B 122 ? ASN B 363  . ? 6_545 ? 
11 AC2 4 THR B 125 ? THR B 366  . ? 6_545 ? 
12 AC3 7 PHE B 30  ? PHE B 271  . ? 1_555 ? 
13 AC3 7 LYS B 33  ? LYS B 274  . ? 1_555 ? 
14 AC3 7 HIS B 34  ? HIS B 275  . ? 1_555 ? 
15 AC3 7 TYR B 127 ? TYR B 368  . ? 1_555 ? 
16 AC3 7 ARG B 128 ? ARG B 369  . ? 1_555 ? 
17 AC3 7 VAL B 130 ? VAL B 371  . ? 1_555 ? 
18 AC3 7 HOH H .   ? HOH B 2037 . ? 1_555 ? 
19 AC4 6 GLN B 48  ? GLN B 289  . ? 1_555 ? 
20 AC4 6 ASP B 51  ? ASP B 292  . ? 1_555 ? 
21 AC4 6 VAL B 53  ? VAL B 294  . ? 1_555 ? 
22 AC4 6 TYR B 54  ? TYR B 295  . ? 1_555 ? 
23 AC4 6 LEU B 74  ? LEU B 315  . ? 1_555 ? 
24 AC4 6 THR B 75  ? THR B 316  . ? 3_555 ? 
25 AC5 7 MET B 93  ? MET B 334  . ? 1_555 ? 
26 AC5 7 PRO B 101 ? PRO B 342  . ? 1_555 ? 
27 AC5 7 VAL B 119 ? VAL B 360  . ? 1_555 ? 
28 AC5 7 ASN B 122 ? ASN B 363  . ? 1_555 ? 
29 AC5 7 LEU B 123 ? LEU B 364  . ? 1_555 ? 
30 AC5 7 HOH H .   ? HOH B 2038 . ? 1_555 ? 
31 AC5 7 HOH H .   ? HOH B 2039 . ? 1_555 ? 
# 
_atom_sites.entry_id                    2VZI 
_atom_sites.fract_transf_matrix[1][1]   0.00189228 
_atom_sites.fract_transf_matrix[1][2]   0.00479435 
_atom_sites.fract_transf_matrix[1][3]   0.01221616 
_atom_sites.fract_transf_matrix[2][1]   -0.00419866 
_atom_sites.fract_transf_matrix[2][2]   -0.00879204 
_atom_sites.fract_transf_matrix[2][3]   0.00410089 
_atom_sites.fract_transf_matrix[3][1]   0.02149847 
_atom_sites.fract_transf_matrix[3][2]   -0.00999101 
_atom_sites.fract_transf_matrix[3][3]   0.00059096 
_atom_sites.fract_transf_vector[1]      0.177366 
_atom_sites.fract_transf_vector[2]      -0.142139 
_atom_sites.fract_transf_vector[3]      -0.013277 
# 
loop_
_atom_type.symbol 
C 
N 
O 
S 
# 
loop_
_atom_site.group_PDB 
_atom_site.id 
_atom_site.type_symbol 
_atom_site.label_atom_id 
_atom_site.label_alt_id 
_atom_site.label_comp_id 
_atom_site.label_asym_id 
_atom_site.label_entity_id 
_atom_site.label_seq_id 
_atom_site.pdbx_PDB_ins_code 
_atom_site.Cartn_x 
_atom_site.Cartn_y 
_atom_site.Cartn_z 
_atom_site.occupancy 
_atom_site.B_iso_or_equiv 
_atom_site.pdbx_formal_charge 
_atom_site.auth_seq_id 
_atom_site.auth_comp_id 
_atom_site.auth_asym_id 
_atom_site.auth_atom_id 
_atom_site.pdbx_PDB_model_num 
ATOM   1    N N   . ALA A 1 1   ? -17.820 5.786   -4.464  1.00 43.37 ? 1    ALA A N   1 
ATOM   2    C CA  . ALA A 1 1   ? -16.504 5.094   -4.323  1.00 43.00 ? 1    ALA A CA  1 
ATOM   3    C C   . ALA A 1 1   ? -15.482 5.926   -3.531  1.00 42.67 ? 1    ALA A C   1 
ATOM   4    O O   . ALA A 1 1   ? -15.222 5.624   -2.360  1.00 42.59 ? 1    ALA A O   1 
ATOM   5    C CB  . ALA A 1 1   ? -15.947 4.699   -5.698  1.00 43.07 ? 1    ALA A CB  1 
ATOM   6    N N   . THR A 1 2   ? -14.919 6.962   -4.166  1.00 42.08 ? 2    THR A N   1 
ATOM   7    C CA  . THR A 1 2   ? -13.871 7.792   -3.544  1.00 41.64 ? 2    THR A CA  1 
ATOM   8    C C   . THR A 1 2   ? -14.352 8.627   -2.343  1.00 40.99 ? 2    THR A C   1 
ATOM   9    O O   . THR A 1 2   ? -13.789 8.507   -1.248  1.00 41.02 ? 2    THR A O   1 
ATOM   10   C CB  . THR A 1 2   ? -13.105 8.650   -4.588  1.00 41.79 ? 2    THR A CB  1 
ATOM   11   O OG1 . THR A 1 2   ? -12.195 7.805   -5.306  1.00 42.09 ? 2    THR A OG1 1 
ATOM   12   C CG2 . THR A 1 2   ? -12.296 9.754   -3.921  1.00 42.46 ? 2    THR A CG2 1 
ATOM   13   N N   . ARG A 1 3   ? -15.395 9.438   -2.543  1.00 40.02 ? 3    ARG A N   1 
ATOM   14   C CA  . ARG A 1 3   ? -15.994 10.239  -1.462  1.00 38.92 ? 3    ARG A CA  1 
ATOM   15   C C   . ARG A 1 3   ? -16.441 9.419   -0.256  1.00 38.10 ? 3    ARG A C   1 
ATOM   16   O O   . ARG A 1 3   ? -16.333 9.874   0.885   1.00 37.90 ? 3    ARG A O   1 
ATOM   17   C CB  . ARG A 1 3   ? -17.191 11.044  -1.972  1.00 39.09 ? 3    ARG A CB  1 
ATOM   18   C CG  . ARG A 1 3   ? -16.864 12.460  -2.395  1.00 39.60 ? 3    ARG A CG  1 
ATOM   19   C CD  . ARG A 1 3   ? -17.937 13.419  -1.904  1.00 41.23 ? 3    ARG A CD  1 
ATOM   20   N NE  . ARG A 1 3   ? -17.863 13.574  -0.452  1.00 42.04 ? 3    ARG A NE  1 
ATOM   21   C CZ  . ARG A 1 3   ? -18.431 14.560  0.237   1.00 44.26 ? 3    ARG A CZ  1 
ATOM   22   N NH1 . ARG A 1 3   ? -19.141 15.497  -0.385  1.00 45.17 ? 3    ARG A NH1 1 
ATOM   23   N NH2 . ARG A 1 3   ? -18.290 14.609  1.560   1.00 45.08 ? 3    ARG A NH2 1 
ATOM   24   N N   . GLU A 1 4   ? -16.958 8.220   -0.517  1.00 36.92 ? 4    GLU A N   1 
ATOM   25   C CA  . GLU A 1 4   ? -17.498 7.354   0.528   1.00 36.02 ? 4    GLU A CA  1 
ATOM   26   C C   . GLU A 1 4   ? -16.397 6.866   1.475   1.00 35.01 ? 4    GLU A C   1 
ATOM   27   O O   . GLU A 1 4   ? -16.597 6.787   2.698   1.00 34.20 ? 4    GLU A O   1 
ATOM   28   C CB  . GLU A 1 4   ? -18.229 6.176   -0.120  1.00 36.28 ? 4    GLU A CB  1 
ATOM   29   C CG  . GLU A 1 4   ? -19.240 5.462   0.760   1.00 36.40 ? 4    GLU A CG  1 
ATOM   30   C CD  . GLU A 1 4   ? -19.994 4.371   -0.002  1.00 36.36 ? 4    GLU A CD  1 
ATOM   31   O OE1 . GLU A 1 4   ? -19.827 4.268   -1.242  1.00 36.42 ? 4    GLU A OE1 1 
ATOM   32   O OE2 . GLU A 1 4   ? -20.750 3.617   0.642   1.00 36.50 ? 4    GLU A OE2 1 
ATOM   33   N N   . LEU A 1 5   ? -15.235 6.546   0.906   1.00 34.25 ? 5    LEU A N   1 
ATOM   34   C CA  . LEU A 1 5   ? -14.070 6.182   1.713   1.00 33.49 ? 5    LEU A CA  1 
ATOM   35   C C   . LEU A 1 5   ? -13.640 7.352   2.604   1.00 32.69 ? 5    LEU A C   1 
ATOM   36   O O   . LEU A 1 5   ? -13.420 7.170   3.801   1.00 32.18 ? 5    LEU A O   1 
ATOM   37   C CB  . LEU A 1 5   ? -12.902 5.698   0.839   1.00 33.32 ? 5    LEU A CB  1 
ATOM   38   C CG  . LEU A 1 5   ? -11.558 5.510   1.558   1.00 33.12 ? 5    LEU A CG  1 
ATOM   39   C CD1 . LEU A 1 5   ? -11.657 4.504   2.705   1.00 32.47 ? 5    LEU A CD1 1 
ATOM   40   C CD2 . LEU A 1 5   ? -10.460 5.105   0.587   1.00 33.79 ? 5    LEU A CD2 1 
ATOM   41   N N   . ASP A 1 6   ? -13.528 8.537   2.007   1.00 32.28 ? 6    ASP A N   1 
ATOM   42   C CA  . ASP A 1 6   ? -13.149 9.753   2.731   1.00 32.37 ? 6    ASP A CA  1 
ATOM   43   C C   . ASP A 1 6   ? -14.114 10.090  3.858   1.00 32.57 ? 6    ASP A C   1 
ATOM   44   O O   . ASP A 1 6   ? -13.685 10.460  4.951   1.00 32.79 ? 6    ASP A O   1 
ATOM   45   C CB  . ASP A 1 6   ? -13.038 10.936  1.773   1.00 32.23 ? 6    ASP A CB  1 
ATOM   46   C CG  . ASP A 1 6   ? -11.859 10.817  0.844   1.00 32.02 ? 6    ASP A CG  1 
ATOM   47   O OD1 . ASP A 1 6   ? -10.732 10.552  1.321   1.00 31.46 ? 6    ASP A OD1 1 
ATOM   48   O OD2 . ASP A 1 6   ? -12.059 10.996  -0.370  1.00 33.46 ? 6    ASP A OD2 1 
ATOM   49   N N   . GLU A 1 7   ? -15.412 9.951   3.589   1.00 32.67 ? 7    GLU A N   1 
ATOM   50   C CA  . GLU A 1 7   ? -16.448 10.188  4.592   1.00 32.87 ? 7    GLU A CA  1 
ATOM   51   C C   . GLU A 1 7   ? -16.356 9.183   5.737   1.00 32.78 ? 7    GLU A C   1 
ATOM   52   O O   . GLU A 1 7   ? -16.390 9.566   6.912   1.00 32.78 ? 7    GLU A O   1 
ATOM   53   C CB  . GLU A 1 7   ? -17.838 10.168  3.948   1.00 32.91 ? 7    GLU A CB  1 
ATOM   54   C CG  . GLU A 1 7   ? -18.177 11.462  3.212   1.00 33.79 ? 7    GLU A CG  1 
ATOM   55   C CD  . GLU A 1 7   ? -18.516 12.608  4.159   1.00 34.72 ? 7    GLU A CD  1 
ATOM   56   O OE1 . GLU A 1 7   ? -19.376 12.405  5.049   1.00 35.06 ? 7    GLU A OE1 1 
ATOM   57   O OE2 . GLU A 1 7   ? -17.932 13.709  4.005   1.00 34.66 ? 7    GLU A OE2 1 
ATOM   58   N N   . LEU A 1 8   ? -16.217 7.906   5.389   1.00 32.76 ? 8    LEU A N   1 
ATOM   59   C CA  . LEU A 1 8   ? -16.097 6.845   6.384   1.00 32.89 ? 8    LEU A CA  1 
ATOM   60   C C   . LEU A 1 8   ? -14.925 7.093   7.338   1.00 32.87 ? 8    LEU A C   1 
ATOM   61   O O   . LEU A 1 8   ? -15.116 7.142   8.555   1.00 32.85 ? 8    LEU A O   1 
ATOM   62   C CB  . LEU A 1 8   ? -15.980 5.472   5.713   1.00 32.79 ? 8    LEU A CB  1 
ATOM   63   C CG  . LEU A 1 8   ? -15.642 4.289   6.626   1.00 32.89 ? 8    LEU A CG  1 
ATOM   64   C CD1 . LEU A 1 8   ? -16.803 3.935   7.539   1.00 32.79 ? 8    LEU A CD1 1 
ATOM   65   C CD2 . LEU A 1 8   ? -15.221 3.095   5.801   1.00 33.40 ? 8    LEU A CD2 1 
ATOM   66   N N   . MET A 1 9   ? -13.731 7.274   6.771   1.00 32.85 ? 9    MET A N   1 
ATOM   67   C CA  . MET A 1 9   ? -12.500 7.505   7.536   1.00 32.61 ? 9    MET A CA  1 
ATOM   68   C C   . MET A 1 9   ? -12.591 8.711   8.460   1.00 32.67 ? 9    MET A C   1 
ATOM   69   O O   . MET A 1 9   ? -12.060 8.691   9.573   1.00 32.81 ? 9    MET A O   1 
ATOM   70   C CB  . MET A 1 9   ? -11.309 7.664   6.589   1.00 32.44 ? 9    MET A CB  1 
ATOM   71   C CG  . MET A 1 9   ? -10.969 6.400   5.811   1.00 32.12 ? 9    MET A CG  1 
ATOM   72   S SD  . MET A 1 9   ? -10.921 4.910   6.832   1.00 31.14 ? 9    MET A SD  1 
ATOM   73   C CE  . MET A 1 9   ? -9.526  5.278   7.883   1.00 28.45 ? 9    MET A CE  1 
ATOM   74   N N   . ALA A 1 10  ? -13.270 9.753   7.986   1.00 32.56 ? 10   ALA A N   1 
ATOM   75   C CA  . ALA A 1 10  ? -13.508 10.962  8.768   1.00 32.51 ? 10   ALA A CA  1 
ATOM   76   C C   . ALA A 1 10  ? -14.460 10.721  9.947   1.00 32.46 ? 10   ALA A C   1 
ATOM   77   O O   . ALA A 1 10  ? -14.232 11.234  11.050  1.00 32.52 ? 10   ALA A O   1 
ATOM   78   C CB  . ALA A 1 10  ? -14.036 12.072  7.866   1.00 32.44 ? 10   ALA A CB  1 
ATOM   79   N N   . SER A 1 11  ? -15.515 9.941   9.718   1.00 32.21 ? 11   SER A N   1 
ATOM   80   C CA  . SER A 1 11  ? -16.493 9.651   10.764  1.00 32.32 ? 11   SER A CA  1 
ATOM   81   C C   . SER A 1 11  ? -15.954 8.678   11.823  1.00 32.39 ? 11   SER A C   1 
ATOM   82   O O   . SER A 1 11  ? -16.442 8.664   12.960  1.00 32.30 ? 11   SER A O   1 
ATOM   83   C CB  . SER A 1 11  ? -17.809 9.136   10.166  1.00 32.21 ? 11   SER A CB  1 
ATOM   84   O OG  . SER A 1 11  ? -17.660 7.835   9.622   1.00 32.36 ? 11   SER A OG  1 
ATOM   85   N N   . LEU A 1 12  ? -14.957 7.872   11.446  1.00 32.26 ? 12   LEU A N   1 
ATOM   86   C CA  . LEU A 1 12  ? -14.308 6.941   12.379  1.00 32.27 ? 12   LEU A CA  1 
ATOM   87   C C   . LEU A 1 12  ? -13.229 7.632   13.216  1.00 32.46 ? 12   LEU A C   1 
ATOM   88   O O   . LEU A 1 12  ? -12.776 7.090   14.231  1.00 32.44 ? 12   LEU A O   1 
ATOM   89   C CB  . LEU A 1 12  ? -13.708 5.745   11.632  1.00 32.20 ? 12   LEU A CB  1 
ATOM   90   C CG  . LEU A 1 12  ? -14.638 4.831   10.826  1.00 32.05 ? 12   LEU A CG  1 
ATOM   91   C CD1 . LEU A 1 12  ? -13.809 3.994   9.885   1.00 31.92 ? 12   LEU A CD1 1 
ATOM   92   C CD2 . LEU A 1 12  ? -15.520 3.947   11.711  1.00 31.65 ? 12   LEU A CD2 1 
ATOM   93   N N   . SER A 1 13  ? -12.831 8.828   12.783  1.00 32.67 ? 13   SER A N   1 
ATOM   94   C CA  . SER A 1 13  ? -11.810 9.623   13.465  1.00 32.78 ? 13   SER A CA  1 
ATOM   95   C C   . SER A 1 13  ? -12.423 10.581  14.486  1.00 32.78 ? 13   SER A C   1 
ATOM   96   O O   . SER A 1 13  ? -13.364 10.235  15.203  1.00 32.83 ? 13   SER A O   1 
ATOM   97   C CB  . SER A 1 13  ? -10.975 10.406  12.444  1.00 32.83 ? 13   SER A CB  1 
ATOM   98   O OG  . SER A 1 13  ? -10.434 9.552   11.448  1.00 32.97 ? 13   SER A OG  1 
ATOM   99   N N   . ARG B 2 6   ? -3.935  3.887   18.544  1.00 42.25 ? 247  ARG B N   1 
ATOM   100  C CA  . ARG B 2 6   ? -5.277  3.514   18.008  1.00 42.13 ? 247  ARG B CA  1 
ATOM   101  C C   . ARG B 2 6   ? -5.791  4.572   17.035  1.00 41.58 ? 247  ARG B C   1 
ATOM   102  O O   . ARG B 2 6   ? -6.313  5.622   17.446  1.00 41.79 ? 247  ARG B O   1 
ATOM   103  C CB  . ARG B 2 6   ? -6.295  3.301   19.143  1.00 42.49 ? 247  ARG B CB  1 
ATOM   104  C CG  . ARG B 2 6   ? -5.991  2.132   20.084  1.00 44.14 ? 247  ARG B CG  1 
ATOM   105  C CD  . ARG B 2 6   ? -5.995  0.780   19.361  1.00 46.14 ? 247  ARG B CD  1 
ATOM   106  N NE  . ARG B 2 6   ? -5.836  -0.326  20.305  1.00 47.90 ? 247  ARG B NE  1 
ATOM   107  C CZ  . ARG B 2 6   ? -5.737  -1.612  19.970  1.00 48.23 ? 247  ARG B CZ  1 
ATOM   108  N NH1 . ARG B 2 6   ? -5.599  -2.527  20.926  1.00 48.29 ? 247  ARG B NH1 1 
ATOM   109  N NH2 . ARG B 2 6   ? -5.777  -1.989  18.694  1.00 47.50 ? 247  ARG B NH2 1 
ATOM   110  N N   . ASP B 2 7   ? -5.641  4.288   15.746  1.00 40.53 ? 248  ASP B N   1 
ATOM   111  C CA  . ASP B 2 7   ? -6.137  5.181   14.704  1.00 39.76 ? 248  ASP B CA  1 
ATOM   112  C C   . ASP B 2 7   ? -7.532  4.752   14.214  1.00 38.84 ? 248  ASP B C   1 
ATOM   113  O O   . ASP B 2 7   ? -8.186  3.903   14.834  1.00 38.63 ? 248  ASP B O   1 
ATOM   114  C CB  . ASP B 2 7   ? -5.123  5.276   13.545  1.00 39.92 ? 248  ASP B CB  1 
ATOM   115  C CG  . ASP B 2 7   ? -4.821  3.925   12.897  1.00 40.70 ? 248  ASP B CG  1 
ATOM   116  O OD1 . ASP B 2 7   ? -5.438  2.912   13.284  1.00 40.59 ? 248  ASP B OD1 1 
ATOM   117  O OD2 . ASP B 2 7   ? -3.959  3.876   11.990  1.00 42.72 ? 248  ASP B OD2 1 
ATOM   118  N N   . ALA B 2 8   ? -7.969  5.338   13.102  1.00 37.72 ? 249  ALA B N   1 
ATOM   119  C CA  . ALA B 2 8   ? -9.273  5.038   12.520  1.00 36.87 ? 249  ALA B CA  1 
ATOM   120  C C   . ALA B 2 8   ? -9.375  3.607   11.969  1.00 36.21 ? 249  ALA B C   1 
ATOM   121  O O   . ALA B 2 8   ? -10.473 3.050   11.879  1.00 36.29 ? 249  ALA B O   1 
ATOM   122  C CB  . ALA B 2 8   ? -9.624  6.058   11.446  1.00 36.66 ? 249  ALA B CB  1 
ATOM   123  N N   . PHE B 2 9   ? -8.238  3.016   11.605  1.00 35.12 ? 250  PHE B N   1 
ATOM   124  C CA  . PHE B 2 9   ? -8.220  1.626   11.155  1.00 34.32 ? 250  PHE B CA  1 
ATOM   125  C C   . PHE B 2 9   ? -8.517  0.632   12.278  1.00 33.91 ? 250  PHE B C   1 
ATOM   126  O O   . PHE B 2 9   ? -9.176  -0.383  12.048  1.00 33.97 ? 250  PHE B O   1 
ATOM   127  C CB  . PHE B 2 9   ? -6.935  1.302   10.380  1.00 34.09 ? 250  PHE B CB  1 
ATOM   128  C CG  . PHE B 2 9   ? -6.898  1.936   9.013   1.00 33.42 ? 250  PHE B CG  1 
ATOM   129  C CD1 . PHE B 2 9   ? -7.671  1.425   7.976   1.00 32.67 ? 250  PHE B CD1 1 
ATOM   130  C CD2 . PHE B 2 9   ? -6.140  3.075   8.777   1.00 32.73 ? 250  PHE B CD2 1 
ATOM   131  C CE1 . PHE B 2 9   ? -7.666  2.025   6.721   1.00 32.02 ? 250  PHE B CE1 1 
ATOM   132  C CE2 . PHE B 2 9   ? -6.128  3.674   7.524   1.00 32.06 ? 250  PHE B CE2 1 
ATOM   133  C CZ  . PHE B 2 9   ? -6.894  3.153   6.501   1.00 32.18 ? 250  PHE B CZ  1 
ATOM   134  N N   . ASP B 2 10  ? -8.071  0.946   13.493  1.00 33.36 ? 251  ASP B N   1 
ATOM   135  C CA  . ASP B 2 10  ? -8.444  0.168   14.671  1.00 33.05 ? 251  ASP B CA  1 
ATOM   136  C C   . ASP B 2 10  ? -9.930  0.333   14.961  1.00 32.57 ? 251  ASP B C   1 
ATOM   137  O O   . ASP B 2 10  ? -10.600 -0.639  15.295  1.00 32.55 ? 251  ASP B O   1 
ATOM   138  C CB  . ASP B 2 10  ? -7.614  0.571   15.893  1.00 33.33 ? 251  ASP B CB  1 
ATOM   139  C CG  . ASP B 2 10  ? -6.138  0.228   15.741  1.00 34.10 ? 251  ASP B CG  1 
ATOM   140  O OD1 . ASP B 2 10  ? -5.806  -0.957  15.510  1.00 35.03 ? 251  ASP B OD1 1 
ATOM   141  O OD2 . ASP B 2 10  ? -5.309  1.150   15.859  1.00 35.66 ? 251  ASP B OD2 1 
ATOM   142  N N   . THR B 2 11  ? -10.440 1.558   14.822  1.00 31.95 ? 252  THR B N   1 
ATOM   143  C CA  . THR B 2 11  ? -11.879 1.824   14.974  1.00 31.41 ? 252  THR B CA  1 
ATOM   144  C C   . THR B 2 11  ? -12.683 1.056   13.924  1.00 31.10 ? 252  THR B C   1 
ATOM   145  O O   . THR B 2 11  ? -13.727 0.493   14.241  1.00 31.03 ? 252  THR B O   1 
ATOM   146  C CB  . THR B 2 11  ? -12.216 3.334   14.882  1.00 31.31 ? 252  THR B CB  1 
ATOM   147  O OG1 . THR B 2 11  ? -11.387 4.070   15.788  1.00 31.01 ? 252  THR B OG1 1 
ATOM   148  C CG2 . THR B 2 11  ? -13.687 3.587   15.229  1.00 31.17 ? 252  THR B CG2 1 
ATOM   149  N N   A LEU B 2 12  ? -12.196 1.044   12.684  0.54 30.92 ? 253  LEU B N   1 
ATOM   150  N N   B LEU B 2 12  ? -12.178 1.048   12.689  0.46 30.97 ? 253  LEU B N   1 
ATOM   151  C CA  A LEU B 2 12  ? -12.864 0.341   11.591  0.54 30.79 ? 253  LEU B CA  1 
ATOM   152  C CA  B LEU B 2 12  ? -12.798 0.353   11.564  0.46 30.88 ? 253  LEU B CA  1 
ATOM   153  C C   A LEU B 2 12  ? -13.011 -1.153  11.869  0.54 30.69 ? 253  LEU B C   1 
ATOM   154  C C   B LEU B 2 12  ? -12.997 -1.132  11.864  0.46 30.74 ? 253  LEU B C   1 
ATOM   155  O O   A LEU B 2 12  ? -14.107 -1.688  11.779  0.54 30.74 ? 253  LEU B O   1 
ATOM   156  O O   B LEU B 2 12  ? -14.109 -1.636  11.789  0.46 30.79 ? 253  LEU B O   1 
ATOM   157  C CB  A LEU B 2 12  ? -12.127 0.563   10.264  0.54 30.95 ? 253  LEU B CB  1 
ATOM   158  C CB  B LEU B 2 12  ? -11.929 0.505   10.306  0.46 31.03 ? 253  LEU B CB  1 
ATOM   159  C CG  A LEU B 2 12  ? -12.724 -0.048  8.988   0.54 30.89 ? 253  LEU B CG  1 
ATOM   160  C CG  B LEU B 2 12  ? -12.531 0.743   8.913   0.46 31.22 ? 253  LEU B CG  1 
ATOM   161  C CD1 A LEU B 2 12  ? -14.078 0.568   8.633   0.54 29.69 ? 253  LEU B CD1 1 
ATOM   162  C CD1 B LEU B 2 12  ? -11.532 0.312   7.851   0.46 31.15 ? 253  LEU B CD1 1 
ATOM   163  C CD2 A LEU B 2 12  ? -11.748 0.110   7.838   0.54 30.75 ? 253  LEU B CD2 1 
ATOM   164  C CD2 B LEU B 2 12  ? -13.876 0.050   8.694   0.46 30.82 ? 253  LEU B CD2 1 
ATOM   165  N N   . PHE B 2 13  ? -11.910 -1.816  12.212  1.00 30.71 ? 254  PHE B N   1 
ATOM   166  C CA  . PHE B 2 13  ? -11.927 -3.266  12.447  1.00 30.36 ? 254  PHE B CA  1 
ATOM   167  C C   . PHE B 2 13  ? -12.691 -3.671  13.703  1.00 30.44 ? 254  PHE B C   1 
ATOM   168  O O   . PHE B 2 13  ? -13.363 -4.703  13.718  1.00 30.55 ? 254  PHE B O   1 
ATOM   169  C CB  . PHE B 2 13  ? -10.500 -3.821  12.485  1.00 30.02 ? 254  PHE B CB  1 
ATOM   170  C CG  . PHE B 2 13  ? -9.879  -4.002  11.128  1.00 29.50 ? 254  PHE B CG  1 
ATOM   171  C CD1 . PHE B 2 13  ? -9.572  -5.271  10.658  1.00 29.92 ? 254  PHE B CD1 1 
ATOM   172  C CD2 . PHE B 2 13  ? -9.600  -2.904  10.319  1.00 29.08 ? 254  PHE B CD2 1 
ATOM   173  C CE1 . PHE B 2 13  ? -8.985  -5.444  9.405   1.00 29.78 ? 254  PHE B CE1 1 
ATOM   174  C CE2 . PHE B 2 13  ? -9.026  -3.059  9.064   1.00 28.62 ? 254  PHE B CE2 1 
ATOM   175  C CZ  . PHE B 2 13  ? -8.716  -4.329  8.604   1.00 30.01 ? 254  PHE B CZ  1 
ATOM   176  N N   . ASP B 2 14  ? -12.602 -2.854  14.747  1.00 30.45 ? 255  ASP B N   1 
ATOM   177  C CA  . ASP B 2 14  ? -13.270 -3.156  16.009  1.00 30.44 ? 255  ASP B CA  1 
ATOM   178  C C   . ASP B 2 14  ? -14.758 -2.802  15.977  1.00 30.42 ? 255  ASP B C   1 
ATOM   179  O O   . ASP B 2 14  ? -15.594 -3.555  16.494  1.00 30.24 ? 255  ASP B O   1 
ATOM   180  C CB  . ASP B 2 14  ? -12.601 -2.415  17.174  1.00 30.60 ? 255  ASP B CB  1 
ATOM   181  C CG  . ASP B 2 14  ? -11.121 -2.767  17.352  1.00 31.80 ? 255  ASP B CG  1 
ATOM   182  O OD1 . ASP B 2 14  ? -10.476 -3.331  16.434  1.00 33.31 ? 255  ASP B OD1 1 
ATOM   183  O OD2 . ASP B 2 14  ? -10.589 -2.439  18.432  1.00 33.28 ? 255  ASP B OD2 1 
ATOM   184  N N   . HIS B 2 15  ? -15.086 -1.657  15.376  1.00 30.30 ? 256  HIS B N   1 
ATOM   185  C CA  . HIS B 2 15  ? -16.420 -1.060  15.538  1.00 30.33 ? 256  HIS B CA  1 
ATOM   186  C C   . HIS B 2 15  ? -17.285 -0.962  14.271  1.00 30.01 ? 256  HIS B C   1 
ATOM   187  O O   . HIS B 2 15  ? -18.503 -0.914  14.369  1.00 30.15 ? 256  HIS B O   1 
ATOM   188  C CB  . HIS B 2 15  ? -16.316 0.306   16.233  1.00 30.50 ? 256  HIS B CB  1 
ATOM   189  C CG  . HIS B 2 15  ? -15.707 0.246   17.601  1.00 30.98 ? 256  HIS B CG  1 
ATOM   190  N ND1 . HIS B 2 15  ? -16.414 -0.161  18.714  1.00 30.96 ? 256  HIS B ND1 1 
ATOM   191  C CD2 . HIS B 2 15  ? -14.459 0.543   18.037  1.00 31.24 ? 256  HIS B CD2 1 
ATOM   192  C CE1 . HIS B 2 15  ? -15.629 -0.112  19.775  1.00 31.18 ? 256  HIS B CE1 1 
ATOM   193  N NE2 . HIS B 2 15  ? -14.437 0.311   19.392  1.00 32.26 ? 256  HIS B NE2 1 
ATOM   194  N N   . ALA B 2 16  ? -16.660 -0.928  13.094  1.00 29.81 ? 257  ALA B N   1 
ATOM   195  C CA  . ALA B 2 16  ? -17.404 -0.847  11.827  1.00 29.31 ? 257  ALA B CA  1 
ATOM   196  C C   . ALA B 2 16  ? -16.875 -1.801  10.743  1.00 28.79 ? 257  ALA B C   1 
ATOM   197  O O   . ALA B 2 16  ? -16.695 -1.381  9.597   1.00 28.55 ? 257  ALA B O   1 
ATOM   198  C CB  . ALA B 2 16  ? -17.405 0.597   11.310  1.00 29.34 ? 257  ALA B CB  1 
ATOM   199  N N   . PRO B 2 17  ? -16.645 -3.090  11.091  1.00 28.42 ? 258  PRO B N   1 
ATOM   200  C CA  . PRO B 2 17  ? -15.979 -4.021  10.157  1.00 28.14 ? 258  PRO B CA  1 
ATOM   201  C C   . PRO B 2 17  ? -16.807 -4.372  8.915   1.00 27.92 ? 258  PRO B C   1 
ATOM   202  O O   . PRO B 2 17  ? -16.251 -4.871  7.930   1.00 27.67 ? 258  PRO B O   1 
ATOM   203  C CB  . PRO B 2 17  ? -15.738 -5.267  11.012  1.00 28.06 ? 258  PRO B CB  1 
ATOM   204  C CG  . PRO B 2 17  ? -16.766 -5.202  12.077  1.00 28.23 ? 258  PRO B CG  1 
ATOM   205  C CD  . PRO B 2 17  ? -17.011 -3.759  12.356  1.00 28.28 ? 258  PRO B CD  1 
ATOM   206  N N   . ASP B 2 18  ? -18.113 -4.098  8.963   1.00 27.64 ? 259  ASP B N   1 
ATOM   207  C CA  . ASP B 2 18  ? -18.989 -4.254  7.797   1.00 27.76 ? 259  ASP B CA  1 
ATOM   208  C C   . ASP B 2 18  ? -18.781 -3.174  6.727   1.00 28.14 ? 259  ASP B C   1 
ATOM   209  O O   . ASP B 2 18  ? -19.359 -3.248  5.645   1.00 28.14 ? 259  ASP B O   1 
ATOM   210  C CB  . ASP B 2 18  ? -20.469 -4.352  8.206   1.00 27.53 ? 259  ASP B CB  1 
ATOM   211  C CG  . ASP B 2 18  ? -20.958 -3.153  9.016   1.00 27.01 ? 259  ASP B CG  1 
ATOM   212  O OD1 . ASP B 2 18  ? -20.164 -2.477  9.695   1.00 26.10 ? 259  ASP B OD1 1 
ATOM   213  O OD2 . ASP B 2 18  ? -22.176 -2.908  8.995   1.00 27.72 ? 259  ASP B OD2 1 
ATOM   214  N N   . LYS B 2 19  ? -17.938 -2.190  7.033   1.00 28.58 ? 260  LYS B N   1 
ATOM   215  C CA  . LYS B 2 19  ? -17.597 -1.124  6.091   1.00 29.21 ? 260  LYS B CA  1 
ATOM   216  C C   . LYS B 2 19  ? -16.243 -1.359  5.418   1.00 29.94 ? 260  LYS B C   1 
ATOM   217  O O   . LYS B 2 19  ? -15.795 -0.537  4.612   1.00 30.01 ? 260  LYS B O   1 
ATOM   218  C CB  . LYS B 2 19  ? -17.597 0.238   6.795   1.00 28.98 ? 260  LYS B CB  1 
ATOM   219  C CG  . LYS B 2 19  ? -18.915 0.616   7.468   1.00 28.42 ? 260  LYS B CG  1 
ATOM   220  C CD  . LYS B 2 19  ? -20.004 0.896   6.445   1.00 28.34 ? 260  LYS B CD  1 
ATOM   221  C CE  . LYS B 2 19  ? -21.288 1.371   7.117   1.00 27.95 ? 260  LYS B CE  1 
ATOM   222  N NZ  . LYS B 2 19  ? -22.037 0.237   7.722   1.00 27.53 ? 260  LYS B NZ  1 
ATOM   223  N N   . LEU B 2 20  ? -15.594 -2.476  5.748   1.00 30.87 ? 261  LEU B N   1 
ATOM   224  C CA  . LEU B 2 20  ? -14.282 -2.799  5.172   1.00 31.88 ? 261  LEU B CA  1 
ATOM   225  C C   . LEU B 2 20  ? -14.317 -2.926  3.656   1.00 32.37 ? 261  LEU B C   1 
ATOM   226  O O   . LEU B 2 20  ? -13.371 -2.526  2.982   1.00 32.62 ? 261  LEU B O   1 
ATOM   227  C CB  . LEU B 2 20  ? -13.682 -4.064  5.798   1.00 31.97 ? 261  LEU B CB  1 
ATOM   228  C CG  . LEU B 2 20  ? -12.633 -3.830  6.892   1.00 32.90 ? 261  LEU B CG  1 
ATOM   229  C CD1 . LEU B 2 20  ? -12.282 -5.108  7.607   1.00 33.96 ? 261  LEU B CD1 1 
ATOM   230  C CD2 . LEU B 2 20  ? -11.379 -3.215  6.309   1.00 32.22 ? 261  LEU B CD2 1 
ATOM   231  N N   . ASN B 2 21  ? -15.410 -3.466  3.121   1.00 33.02 ? 262  ASN B N   1 
ATOM   232  C CA  . ASN B 2 21  ? -15.544 -3.644  1.679   1.00 33.66 ? 262  ASN B CA  1 
ATOM   233  C C   . ASN B 2 21  ? -15.475 -2.333  0.908   1.00 34.02 ? 262  ASN B C   1 
ATOM   234  O O   . ASN B 2 21  ? -14.920 -2.296  -0.185  1.00 34.84 ? 262  ASN B O   1 
ATOM   235  C CB  . ASN B 2 21  ? -16.823 -4.411  1.328   1.00 33.93 ? 262  ASN B CB  1 
ATOM   236  C CG  . ASN B 2 21  ? -16.587 -5.913  1.173   1.00 34.36 ? 262  ASN B CG  1 
ATOM   237  O OD1 . ASN B 2 21  ? -15.478 -6.423  1.370   1.00 33.63 ? 262  ASN B OD1 1 
ATOM   238  N ND2 . ASN B 2 21  ? -17.648 -6.628  0.815   1.00 35.36 ? 262  ASN B ND2 1 
ATOM   239  N N   . VAL B 2 22  ? -16.021 -1.265  1.487   1.00 34.08 ? 263  VAL B N   1 
ATOM   240  C CA  . VAL B 2 22  ? -15.939 0.079   0.899   1.00 34.02 ? 263  VAL B CA  1 
ATOM   241  C C   . VAL B 2 22  ? -14.479 0.527   0.766   1.00 33.81 ? 263  VAL B C   1 
ATOM   242  O O   . VAL B 2 22  ? -14.069 1.058   -0.274  1.00 33.73 ? 263  VAL B O   1 
ATOM   243  C CB  . VAL B 2 22  ? -16.720 1.133   1.745   1.00 33.93 ? 263  VAL B CB  1 
ATOM   244  C CG1 . VAL B 2 22  ? -16.589 2.528   1.139   1.00 34.08 ? 263  VAL B CG1 1 
ATOM   245  C CG2 . VAL B 2 22  ? -18.176 0.750   1.892   1.00 33.47 ? 263  VAL B CG2 1 
ATOM   246  N N   . VAL B 2 23  ? -13.714 0.319   1.834   1.00 33.49 ? 264  VAL B N   1 
ATOM   247  C CA  . VAL B 2 23  ? -12.293 0.665   1.867   1.00 33.44 ? 264  VAL B CA  1 
ATOM   248  C C   . VAL B 2 23  ? -11.495 -0.165  0.853   1.00 33.25 ? 264  VAL B C   1 
ATOM   249  O O   . VAL B 2 23  ? -10.726 0.388   0.060   1.00 33.40 ? 264  VAL B O   1 
ATOM   250  C CB  . VAL B 2 23  ? -11.696 0.510   3.295   1.00 33.55 ? 264  VAL B CB  1 
ATOM   251  C CG1 . VAL B 2 23  ? -10.240 0.955   3.326   1.00 33.91 ? 264  VAL B CG1 1 
ATOM   252  C CG2 . VAL B 2 23  ? -12.493 1.307   4.293   1.00 32.91 ? 264  VAL B CG2 1 
ATOM   253  N N   A LYS B 2 24  ? -11.694 -1.481  0.885   0.45 33.17 ? 265  LYS B N   1 
ATOM   254  N N   B LYS B 2 24  ? -11.700 -1.478  0.904   0.23 33.20 ? 265  LYS B N   1 
ATOM   255  N N   C LYS B 2 24  ? -11.713 -1.480  0.852   0.32 33.25 ? 265  LYS B N   1 
ATOM   256  C CA  A LYS B 2 24  ? -11.033 -2.418  -0.026  0.45 33.31 ? 265  LYS B CA  1 
ATOM   257  C CA  B LYS B 2 24  ? -10.905 -2.443  0.158   0.23 33.23 ? 265  LYS B CA  1 
ATOM   258  C CA  C LYS B 2 24  ? -11.033 -2.386  -0.078  0.32 33.38 ? 265  LYS B CA  1 
ATOM   259  C C   A LYS B 2 24  ? -11.237 -2.030  -1.489  0.45 33.29 ? 265  LYS B C   1 
ATOM   260  C C   B LYS B 2 24  ? -11.184 -2.422  -1.342  0.23 33.24 ? 265  LYS B C   1 
ATOM   261  C C   C LYS B 2 24  ? -11.371 -2.121  -1.552  0.32 33.43 ? 265  LYS B C   1 
ATOM   262  O O   A LYS B 2 24  ? -10.284 -1.698  -2.195  0.45 33.16 ? 265  LYS B O   1 
ATOM   263  O O   B LYS B 2 24  ? -10.373 -2.900  -2.125  0.23 33.25 ? 265  LYS B O   1 
ATOM   264  O O   C LYS B 2 24  ? -10.478 -2.078  -2.396  0.32 33.47 ? 265  LYS B O   1 
ATOM   265  C CB  A LYS B 2 24  ? -11.555 -3.839  0.206   0.45 33.26 ? 265  LYS B CB  1 
ATOM   266  C CB  B LYS B 2 24  ? -11.103 -3.848  0.739   0.23 33.14 ? 265  LYS B CB  1 
ATOM   267  C CB  C LYS B 2 24  ? -11.299 -3.852  0.297   0.32 33.30 ? 265  LYS B CB  1 
ATOM   268  C CG  A LYS B 2 24  ? -11.132 -4.456  1.530   0.45 33.56 ? 265  LYS B CG  1 
ATOM   269  C CG  B LYS B 2 24  ? -10.418 -4.045  2.092   0.23 33.13 ? 265  LYS B CG  1 
ATOM   270  C CG  C LYS B 2 24  ? -10.401 -4.367  1.421   0.32 33.32 ? 265  LYS B CG  1 
ATOM   271  C CD  A LYS B 2 24  ? -12.110 -5.537  1.985   0.45 34.15 ? 265  LYS B CD  1 
ATOM   272  C CD  B LYS B 2 24  ? -11.147 -5.044  2.987   0.23 32.99 ? 265  LYS B CD  1 
ATOM   273  C CD  C LYS B 2 24  ? -10.533 -5.874  1.648   0.32 33.38 ? 265  LYS B CD  1 
ATOM   274  C CE  A LYS B 2 24  ? -11.853 -6.875  1.308   0.45 34.43 ? 265  LYS B CE  1 
ATOM   275  C CE  B LYS B 2 24  ? -10.775 -6.483  2.672   0.23 32.76 ? 265  LYS B CE  1 
ATOM   276  C CE  C LYS B 2 24  ? -11.548 -6.205  2.736   0.32 33.79 ? 265  LYS B CE  1 
ATOM   277  N NZ  A LYS B 2 24  ? -12.886 -7.878  1.691   0.45 34.68 ? 265  LYS B NZ  1 
ATOM   278  N NZ  B LYS B 2 24  ? -11.368 -7.443  3.650   0.23 32.63 ? 265  LYS B NZ  1 
ATOM   279  N NZ  C LYS B 2 24  ? -11.425 -7.615  3.214   0.32 33.68 ? 265  LYS B NZ  1 
ATOM   280  N N   A LYS B 2 25  ? -12.493 -2.068  -1.928  0.45 33.21 ? 266  LYS B N   1 
ATOM   281  N N   B LYS B 2 25  ? -12.317 -1.853  -1.739  0.23 33.23 ? 266  LYS B N   1 
ATOM   282  N N   C LYS B 2 25  ? -12.654 -1.925  -1.848  0.32 33.40 ? 266  LYS B N   1 
ATOM   283  C CA  A LYS B 2 25  ? -12.856 -1.685  -3.292  0.45 33.17 ? 266  LYS B CA  1 
ATOM   284  C CA  B LYS B 2 25  ? -12.649 -1.734  -3.158  0.23 33.21 ? 266  LYS B CA  1 
ATOM   285  C CA  C LYS B 2 25  ? -13.118 -1.606  -3.209  0.32 33.39 ? 266  LYS B CA  1 
ATOM   286  C C   A LYS B 2 25  ? -12.200 -0.376  -3.749  0.45 33.15 ? 266  LYS B C   1 
ATOM   287  C C   B LYS B 2 25  ? -12.209 -0.384  -3.739  0.23 33.13 ? 266  LYS B C   1 
ATOM   288  C C   C LYS B 2 25  ? -12.443 -0.350  -3.781  0.32 33.26 ? 266  LYS B C   1 
ATOM   289  O O   A LYS B 2 25  ? -11.587 -0.329  -4.824  0.45 33.16 ? 266  LYS B O   1 
ATOM   290  O O   B LYS B 2 25  ? -11.769 -0.314  -4.892  0.23 33.14 ? 266  LYS B O   1 
ATOM   291  O O   C LYS B 2 25  ? -12.035 -0.321  -4.947  0.32 33.28 ? 266  LYS B O   1 
ATOM   292  C CB  A LYS B 2 25  ? -14.385 -1.595  -3.426  0.45 33.12 ? 266  LYS B CB  1 
ATOM   293  C CB  B LYS B 2 25  ? -14.145 -1.956  -3.381  0.23 33.21 ? 266  LYS B CB  1 
ATOM   294  C CB  C LYS B 2 25  ? -14.642 -1.409  -3.196  0.32 33.37 ? 266  LYS B CB  1 
ATOM   295  C CG  A LYS B 2 25  ? -14.874 -1.011  -4.745  0.45 32.91 ? 266  LYS B CG  1 
ATOM   296  C CG  B LYS B 2 25  ? -14.492 -2.604  -4.717  0.23 33.30 ? 266  LYS B CG  1 
ATOM   297  C CG  C LYS B 2 25  ? -15.328 -1.433  -4.558  0.32 33.54 ? 266  LYS B CG  1 
ATOM   298  C CD  A LYS B 2 25  ? -16.217 -1.598  -5.150  0.45 32.12 ? 266  LYS B CD  1 
ATOM   299  C CD  B LYS B 2 25  ? -15.911 -3.167  -4.711  0.23 33.12 ? 266  LYS B CD  1 
ATOM   300  C CD  C LYS B 2 25  ? -16.776 -0.966  -4.438  0.32 33.50 ? 266  LYS B CD  1 
ATOM   301  C CE  A LYS B 2 25  ? -16.470 -1.411  -6.641  0.45 31.87 ? 266  LYS B CE  1 
ATOM   302  C CE  B LYS B 2 25  ? -16.012 -4.435  -3.870  0.23 32.97 ? 266  LYS B CE  1 
ATOM   303  C CE  C LYS B 2 25  ? -17.621 -1.395  -5.630  0.32 33.84 ? 266  LYS B CE  1 
ATOM   304  N NZ  A LYS B 2 25  ? -15.423 -2.063  -7.478  0.45 30.75 ? 266  LYS B NZ  1 
ATOM   305  N NZ  B LYS B 2 25  ? -17.421 -4.879  -3.698  0.23 32.76 ? 266  LYS B NZ  1 
ATOM   306  N NZ  C LYS B 2 25  ? -18.022 -2.833  -5.556  0.32 33.83 ? 266  LYS B NZ  1 
ATOM   307  N N   . THR B 2 26  ? -12.343 0.678   -2.942  1.00 33.04 ? 267  THR B N   1 
ATOM   308  C CA  . THR B 2 26  ? -11.830 2.015   -3.309  1.00 32.58 ? 267  THR B CA  1 
ATOM   309  C C   . THR B 2 26  ? -10.307 2.036   -3.481  1.00 32.09 ? 267  THR B C   1 
ATOM   310  O O   . THR B 2 26  ? -9.794  2.652   -4.414  1.00 32.17 ? 267  THR B O   1 
ATOM   311  C CB  . THR B 2 26  ? -12.234 3.075   -2.256  1.00 32.69 ? 267  THR B CB  1 
ATOM   312  O OG1 . THR B 2 26  ? -13.643 3.003   -2.013  1.00 32.10 ? 267  THR B OG1 1 
ATOM   313  C CG2 . THR B 2 26  ? -11.867 4.477   -2.716  1.00 33.00 ? 267  THR B CG2 1 
ATOM   314  N N   A LEU B 2 27  ? -9.600  1.364   -2.580  0.62 31.72 ? 268  LEU B N   1 
ATOM   315  N N   B LEU B 2 27  ? -9.601  1.371   -2.567  0.38 31.92 ? 268  LEU B N   1 
ATOM   316  C CA  A LEU B 2 27  ? -8.146  1.238   -2.684  0.62 31.52 ? 268  LEU B CA  1 
ATOM   317  C CA  B LEU B 2 27  ? -8.148  1.204   -2.663  0.38 31.81 ? 268  LEU B CA  1 
ATOM   318  C C   A LEU B 2 27  ? -7.710  0.338   -3.843  0.62 31.52 ? 268  LEU B C   1 
ATOM   319  C C   B LEU B 2 27  ? -7.742  0.372   -3.876  0.38 31.70 ? 268  LEU B C   1 
ATOM   320  O O   A LEU B 2 27  ? -6.659  0.569   -4.433  0.62 31.67 ? 268  LEU B O   1 
ATOM   321  O O   B LEU B 2 27  ? -6.745  0.675   -4.530  0.38 31.75 ? 268  LEU B O   1 
ATOM   322  C CB  A LEU B 2 27  ? -7.532  0.791   -1.353  0.62 31.25 ? 268  LEU B CB  1 
ATOM   323  C CB  B LEU B 2 27  ? -7.585  0.586   -1.377  0.38 31.72 ? 268  LEU B CB  1 
ATOM   324  C CG  A LEU B 2 27  ? -7.647  1.821   -0.215  0.62 30.68 ? 268  LEU B CG  1 
ATOM   325  C CG  B LEU B 2 27  ? -6.920  1.485   -0.321  0.38 31.85 ? 268  LEU B CG  1 
ATOM   326  C CD1 A LEU B 2 27  ? -7.378  1.189   1.140   0.62 30.30 ? 268  LEU B CD1 1 
ATOM   327  C CD1 B LEU B 2 27  ? -7.541  2.873   -0.210  0.38 31.08 ? 268  LEU B CD1 1 
ATOM   328  C CD2 A LEU B 2 27  ? -6.721  3.007   -0.450  0.62 28.71 ? 268  LEU B CD2 1 
ATOM   329  C CD2 B LEU B 2 27  ? -6.914  0.796   1.041   0.38 31.87 ? 268  LEU B CD2 1 
ATOM   330  N N   . ILE B 2 28  ? -8.526  -0.665  -4.174  1.00 31.50 ? 269  ILE B N   1 
ATOM   331  C CA  . ILE B 2 28  ? -8.270  -1.547  -5.329  1.00 31.65 ? 269  ILE B CA  1 
ATOM   332  C C   . ILE B 2 28  ? -8.381  -0.783  -6.657  1.00 31.11 ? 269  ILE B C   1 
ATOM   333  O O   . ILE B 2 28  ? -7.476  -0.836  -7.483  1.00 31.17 ? 269  ILE B O   1 
ATOM   334  C CB  . ILE B 2 28  ? -9.176  -2.831  -5.306  1.00 31.86 ? 269  ILE B CB  1 
ATOM   335  C CG1 . ILE B 2 28  ? -8.477  -3.974  -4.568  1.00 32.62 ? 269  ILE B CG1 1 
ATOM   336  C CG2 . ILE B 2 28  ? -9.525  -3.308  -6.720  1.00 32.55 ? 269  ILE B CG2 1 
ATOM   337  C CD1 . ILE B 2 28  ? -9.433  -5.010  -3.925  1.00 32.32 ? 269  ILE B CD1 1 
ATOM   338  N N   . THR B 2 29  ? -9.480  -0.056  -6.846  1.00 30.45 ? 270  THR B N   1 
ATOM   339  C CA  . THR B 2 29  ? -9.634  0.844   -7.990  1.00 29.54 ? 270  THR B CA  1 
ATOM   340  C C   . THR B 2 29  ? -8.436  1.787   -8.139  1.00 29.60 ? 270  THR B C   1 
ATOM   341  O O   . THR B 2 29  ? -7.908  1.965   -9.247  1.00 29.49 ? 270  THR B O   1 
ATOM   342  C CB  . THR B 2 29  ? -10.938 1.671   -7.864  1.00 29.37 ? 270  THR B CB  1 
ATOM   343  O OG1 . THR B 2 29  ? -12.050 0.775   -7.800  1.00 28.73 ? 270  THR B OG1 1 
ATOM   344  C CG2 . THR B 2 29  ? -11.115 2.608   -9.042  1.00 28.42 ? 270  THR B CG2 1 
ATOM   345  N N   . PHE B 2 30  ? -8.019  2.380   -7.023  1.00 29.16 ? 271  PHE B N   1 
ATOM   346  C CA  . PHE B 2 30  ? -6.905  3.324   -6.993  1.00 29.39 ? 271  PHE B CA  1 
ATOM   347  C C   . PHE B 2 30  ? -5.590  2.688   -7.449  1.00 29.22 ? 271  PHE B C   1 
ATOM   348  O O   . PHE B 2 30  ? -4.934  3.211   -8.351  1.00 29.36 ? 271  PHE B O   1 
ATOM   349  C CB  . PHE B 2 30  ? -6.760  3.983   -5.594  1.00 29.47 ? 271  PHE B CB  1 
ATOM   350  C CG  . PHE B 2 30  ? -5.390  4.587   -5.331  1.00 29.74 ? 271  PHE B CG  1 
ATOM   351  C CD1 . PHE B 2 30  ? -4.997  5.763   -5.956  1.00 29.88 ? 271  PHE B CD1 1 
ATOM   352  C CD2 . PHE B 2 30  ? -4.500  3.973   -4.456  1.00 30.33 ? 271  PHE B CD2 1 
ATOM   353  C CE1 . PHE B 2 30  ? -3.738  6.311   -5.731  1.00 29.42 ? 271  PHE B CE1 1 
ATOM   354  C CE2 . PHE B 2 30  ? -3.235  4.520   -4.219  1.00 30.85 ? 271  PHE B CE2 1 
ATOM   355  C CZ  . PHE B 2 30  ? -2.857  5.689   -4.859  1.00 30.52 ? 271  PHE B CZ  1 
ATOM   356  N N   . VAL B 2 31  ? -5.204  1.576   -6.822  1.00 29.04 ? 272  VAL B N   1 
ATOM   357  C CA  . VAL B 2 31  ? -3.941  0.909   -7.157  1.00 28.71 ? 272  VAL B CA  1 
ATOM   358  C C   . VAL B 2 31  ? -3.934  0.398   -8.592  1.00 28.17 ? 272  VAL B C   1 
ATOM   359  O O   . VAL B 2 31  ? -2.904  0.456   -9.265  1.00 28.23 ? 272  VAL B O   1 
ATOM   360  C CB  . VAL B 2 31  ? -3.547  -0.243  -6.158  1.00 28.66 ? 272  VAL B CB  1 
ATOM   361  C CG1 . VAL B 2 31  ? -3.379  0.294   -4.732  1.00 28.26 ? 272  VAL B CG1 1 
ATOM   362  C CG2 . VAL B 2 31  ? -4.537  -1.406  -6.207  1.00 29.36 ? 272  VAL B CG2 1 
ATOM   363  N N   . ASN B 2 32  ? -5.084  -0.087  -9.052  1.00 27.50 ? 273  ASN B N   1 
ATOM   364  C CA  . ASN B 2 32  ? -5.225  -0.609  -10.411 1.00 27.52 ? 273  ASN B CA  1 
ATOM   365  C C   . ASN B 2 32  ? -5.193  0.455   -11.485 1.00 27.83 ? 273  ASN B C   1 
ATOM   366  O O   . ASN B 2 32  ? -4.748  0.192   -12.599 1.00 27.99 ? 273  ASN B O   1 
ATOM   367  C CB  . ASN B 2 32  ? -6.473  -1.478  -10.549 1.00 26.94 ? 273  ASN B CB  1 
ATOM   368  C CG  . ASN B 2 32  ? -6.274  -2.867  -9.961  1.00 26.94 ? 273  ASN B CG  1 
ATOM   369  O OD1 . ASN B 2 32  ? -5.144  -3.278  -9.698  1.00 27.11 ? 273  ASN B OD1 1 
ATOM   370  N ND2 . ASN B 2 32  ? -7.364  -3.591  -9.752  1.00 25.69 ? 273  ASN B ND2 1 
ATOM   371  N N   . LYS B 2 33  ? -5.661  1.656   -11.139 1.00 28.00 ? 274  LYS B N   1 
ATOM   372  C CA  . LYS B 2 33  ? -5.623  2.803   -12.038 1.00 28.18 ? 274  LYS B CA  1 
ATOM   373  C C   . LYS B 2 33  ? -4.190  3.030   -12.484 1.00 27.63 ? 274  LYS B C   1 
ATOM   374  O O   . LYS B 2 33  ? -3.935  3.390   -13.627 1.00 27.80 ? 274  LYS B O   1 
ATOM   375  C CB  . LYS B 2 33  ? -6.135  4.048   -11.312 1.00 28.42 ? 274  LYS B CB  1 
ATOM   376  C CG  . LYS B 2 33  ? -6.133  5.313   -12.142 1.00 30.27 ? 274  LYS B CG  1 
ATOM   377  C CD  . LYS B 2 33  ? -6.427  6.531   -11.269 1.00 32.65 ? 274  LYS B CD  1 
ATOM   378  C CE  . LYS B 2 33  ? -6.370  7.812   -12.082 1.00 35.30 ? 274  LYS B CE  1 
ATOM   379  N NZ  . LYS B 2 33  ? -6.367  9.039   -11.217 1.00 37.13 ? 274  LYS B NZ  1 
ATOM   380  N N   . HIS B 2 34  ? -3.261  2.812   -11.561 1.00 27.10 ? 275  HIS B N   1 
ATOM   381  C CA  . HIS B 2 34  ? -1.854  3.018   -11.831 1.00 26.55 ? 275  HIS B CA  1 
ATOM   382  C C   . HIS B 2 34  ? -1.166  1.747   -12.283 1.00 26.22 ? 275  HIS B C   1 
ATOM   383  O O   . HIS B 2 34  ? -0.462  1.764   -13.285 1.00 26.32 ? 275  HIS B O   1 
ATOM   384  C CB  . HIS B 2 34  ? -1.183  3.628   -10.606 1.00 26.57 ? 275  HIS B CB  1 
ATOM   385  C CG  . HIS B 2 34  ? -1.836  4.894   -10.161 1.00 26.54 ? 275  HIS B CG  1 
ATOM   386  N ND1 . HIS B 2 34  ? -1.791  6.049   -10.913 1.00 26.43 ? 275  HIS B ND1 1 
ATOM   387  C CD2 . HIS B 2 34  ? -2.598  5.174   -9.076  1.00 25.30 ? 275  HIS B CD2 1 
ATOM   388  C CE1 . HIS B 2 34  ? -2.476  6.997   -10.298 1.00 24.81 ? 275  HIS B CE1 1 
ATOM   389  N NE2 . HIS B 2 34  ? -2.974  6.492   -9.181  1.00 25.68 ? 275  HIS B NE2 1 
ATOM   390  N N   . LEU B 2 35  ? -1.400  0.639   -11.573 1.00 25.81 ? 276  LEU B N   1 
ATOM   391  C CA  . LEU B 2 35  ? -0.745  -0.636  -11.904 1.00 25.54 ? 276  LEU B CA  1 
ATOM   392  C C   . LEU B 2 35  ? -1.111  -1.164  -13.293 1.00 25.80 ? 276  LEU B C   1 
ATOM   393  O O   . LEU B 2 35  ? -0.280  -1.817  -13.938 1.00 25.42 ? 276  LEU B O   1 
ATOM   394  C CB  . LEU B 2 35  ? -0.979  -1.691  -10.819 1.00 25.04 ? 276  LEU B CB  1 
ATOM   395  C CG  . LEU B 2 35  ? -0.241  -1.446  -9.497  1.00 24.54 ? 276  LEU B CG  1 
ATOM   396  C CD1 . LEU B 2 35  ? -0.854  -2.268  -8.383  1.00 23.31 ? 276  LEU B CD1 1 
ATOM   397  C CD2 . LEU B 2 35  ? 1.285   -1.699  -9.591  1.00 23.50 ? 276  LEU B CD2 1 
ATOM   398  N N   . ASN B 2 36  ? -2.325  -0.845  -13.763 1.00 25.79 ? 277  ASN B N   1 
ATOM   399  C CA  . ASN B 2 36  ? -2.776  -1.250  -15.098 1.00 26.62 ? 277  ASN B CA  1 
ATOM   400  C C   . ASN B 2 36  ? -1.928  -0.657  -16.229 1.00 26.68 ? 277  ASN B C   1 
ATOM   401  O O   . ASN B 2 36  ? -1.913  -1.191  -17.327 1.00 26.89 ? 277  ASN B O   1 
ATOM   402  C CB  . ASN B 2 36  ? -4.279  -0.938  -15.326 1.00 26.73 ? 277  ASN B CB  1 
ATOM   403  C CG  . ASN B 2 36  ? -5.225  -1.888  -14.545 1.00 27.62 ? 277  ASN B CG  1 
ATOM   404  O OD1 . ASN B 2 36  ? -4.783  -2.808  -13.833 1.00 27.87 ? 277  ASN B OD1 1 
ATOM   405  N ND2 . ASN B 2 36  ? -6.530  -1.653  -14.678 1.00 24.29 ? 277  ASN B ND2 1 
ATOM   406  N N   . LYS B 2 37  ? -1.222  0.436   -15.956 1.00 27.40 ? 278  LYS B N   1 
ATOM   407  C CA  . LYS B 2 37  ? -0.311  1.036   -16.935 1.00 28.50 ? 278  LYS B CA  1 
ATOM   408  C C   . LYS B 2 37  ? 0.902   0.148   -17.236 1.00 28.65 ? 278  LYS B C   1 
ATOM   409  O O   . LYS B 2 37  ? 1.535   0.273   -18.288 1.00 28.62 ? 278  LYS B O   1 
ATOM   410  C CB  . LYS B 2 37  ? 0.180   2.396   -16.445 1.00 28.87 ? 278  LYS B CB  1 
ATOM   411  C CG  . LYS B 2 37  ? -0.840  3.514   -16.547 1.00 30.56 ? 278  LYS B CG  1 
ATOM   412  C CD  . LYS B 2 37  ? -0.416  4.670   -15.669 1.00 32.85 ? 278  LYS B CD  1 
ATOM   413  C CE  . LYS B 2 37  ? -1.489  5.743   -15.602 1.00 33.94 ? 278  LYS B CE  1 
ATOM   414  N NZ  . LYS B 2 37  ? -0.980  6.885   -14.804 1.00 33.99 ? 278  LYS B NZ  1 
ATOM   415  N N   A LEU B 2 38  ? 1.233   -0.736  -16.303 0.90 28.88 ? 279  LEU B N   1 
ATOM   416  N N   B LEU B 2 38  ? 1.218   -0.730  -16.288 0.10 28.73 ? 279  LEU B N   1 
ATOM   417  C CA  A LEU B 2 38  ? 2.365   -1.646  -16.463 0.90 28.58 ? 279  LEU B CA  1 
ATOM   418  C CA  B LEU B 2 38  ? 2.343   -1.647  -16.395 0.10 28.77 ? 279  LEU B CA  1 
ATOM   419  C C   A LEU B 2 38  ? 1.888   -3.062  -16.783 0.90 28.72 ? 279  LEU B C   1 
ATOM   420  C C   B LEU B 2 38  ? 1.853   -3.077  -16.647 0.10 28.83 ? 279  LEU B C   1 
ATOM   421  O O   A LEU B 2 38  ? 2.682   -4.002  -16.768 0.90 28.91 ? 279  LEU B O   1 
ATOM   422  O O   B LEU B 2 38  ? 2.601   -4.038  -16.451 0.10 28.85 ? 279  LEU B O   1 
ATOM   423  C CB  A LEU B 2 38  ? 3.216   -1.661  -15.188 0.90 28.27 ? 279  LEU B CB  1 
ATOM   424  C CB  B LEU B 2 38  ? 3.195   -1.594  -15.117 0.10 28.75 ? 279  LEU B CB  1 
ATOM   425  C CG  A LEU B 2 38  ? 3.705   -0.356  -14.563 0.90 27.98 ? 279  LEU B CG  1 
ATOM   426  C CG  B LEU B 2 38  ? 4.054   -0.363  -14.795 0.10 28.78 ? 279  LEU B CG  1 
ATOM   427  C CD1 A LEU B 2 38  ? 4.460   -0.660  -13.279 0.90 27.01 ? 279  LEU B CD1 1 
ATOM   428  C CD1 B LEU B 2 38  ? 3.223   0.838   -14.355 0.10 28.79 ? 279  LEU B CD1 1 
ATOM   429  C CD2 A LEU B 2 38  ? 4.575   0.429   -15.535 0.90 27.05 ? 279  LEU B CD2 1 
ATOM   430  C CD2 B LEU B 2 38  ? 5.066   -0.709  -13.715 0.10 28.78 ? 279  LEU B CD2 1 
ATOM   431  N N   . ASN B 2 39  ? 0.595   -3.199  -17.086 1.00 28.87 ? 280  ASN B N   1 
ATOM   432  C CA  . ASN B 2 39  ? -0.062  -4.510  -17.331 1.00 29.03 ? 280  ASN B CA  1 
ATOM   433  C C   . ASN B 2 39  ? -0.173  -5.368  -16.067 1.00 29.41 ? 280  ASN B C   1 
ATOM   434  O O   . ASN B 2 39  ? -0.174  -6.599  -16.128 1.00 29.76 ? 280  ASN B O   1 
ATOM   435  C CB  . ASN B 2 39  ? 0.615   -5.309  -18.458 1.00 28.86 ? 280  ASN B CB  1 
ATOM   436  C CG  . ASN B 2 39  ? 0.632   -4.575  -19.772 1.00 27.54 ? 280  ASN B CG  1 
ATOM   437  O OD1 . ASN B 2 39  ? -0.335  -3.924  -20.141 1.00 27.57 ? 280  ASN B OD1 1 
ATOM   438  N ND2 . ASN B 2 39  ? 1.731   -4.699  -20.502 1.00 25.87 ? 280  ASN B ND2 1 
ATOM   439  N N   . LEU B 2 40  ? -0.266  -4.702  -14.924 1.00 30.00 ? 281  LEU B N   1 
ATOM   440  C CA  . LEU B 2 40  ? -0.334  -5.380  -13.637 1.00 30.44 ? 281  LEU B CA  1 
ATOM   441  C C   . LEU B 2 40  ? -1.708  -5.188  -13.031 1.00 31.43 ? 281  LEU B C   1 
ATOM   442  O O   . LEU B 2 40  ? -2.361  -4.163  -13.266 1.00 31.35 ? 281  LEU B O   1 
ATOM   443  C CB  . LEU B 2 40  ? 0.738   -4.846  -12.696 1.00 29.94 ? 281  LEU B CB  1 
ATOM   444  C CG  . LEU B 2 40  ? 2.193   -4.961  -13.169 1.00 29.81 ? 281  LEU B CG  1 
ATOM   445  C CD1 . LEU B 2 40  ? 3.102   -4.207  -12.211 1.00 29.69 ? 281  LEU B CD1 1 
ATOM   446  C CD2 . LEU B 2 40  ? 2.634   -6.408  -13.320 1.00 28.07 ? 281  LEU B CD2 1 
ATOM   447  N N   . GLU B 2 41  ? -2.157  -6.178  -12.266 1.00 32.37 ? 282  GLU B N   1 
ATOM   448  C CA  . GLU B 2 41  ? -3.471  -6.090  -11.646 1.00 33.13 ? 282  GLU B CA  1 
ATOM   449  C C   . GLU B 2 41  ? -3.520  -6.662  -10.230 1.00 33.41 ? 282  GLU B C   1 
ATOM   450  O O   . GLU B 2 41  ? -2.821  -7.624  -9.902  1.00 33.62 ? 282  GLU B O   1 
ATOM   451  C CB  . GLU B 2 41  ? -4.516  -6.759  -12.530 1.00 33.25 ? 282  GLU B CB  1 
ATOM   452  C CG  . GLU B 2 41  ? -5.906  -6.235  -12.286 1.00 34.22 ? 282  GLU B CG  1 
ATOM   453  C CD  . GLU B 2 41  ? -6.973  -7.169  -12.779 0.50 33.96 ? 282  GLU B CD  1 
ATOM   454  O OE1 . GLU B 2 41  ? -6.626  -8.168  -13.443 0.50 33.82 ? 282  GLU B OE1 1 
ATOM   455  O OE2 . GLU B 2 41  ? -8.158  -6.896  -12.494 0.50 34.02 ? 282  GLU B OE2 1 
ATOM   456  N N   . VAL B 2 42  ? -4.356  -6.049  -9.402  1.00 33.84 ? 283  VAL B N   1 
ATOM   457  C CA  . VAL B 2 42  ? -4.594  -6.498  -8.037  1.00 34.13 ? 283  VAL B CA  1 
ATOM   458  C C   . VAL B 2 42  ? -6.077  -6.873  -7.886  1.00 34.48 ? 283  VAL B C   1 
ATOM   459  O O   . VAL B 2 42  ? -6.969  -6.086  -8.212  1.00 34.08 ? 283  VAL B O   1 
ATOM   460  C CB  . VAL B 2 42  ? -4.149  -5.411  -7.019  1.00 33.82 ? 283  VAL B CB  1 
ATOM   461  C CG1 . VAL B 2 42  ? -4.642  -5.717  -5.606  1.00 34.14 ? 283  VAL B CG1 1 
ATOM   462  C CG2 . VAL B 2 42  ? -2.638  -5.281  -7.023  1.00 34.77 ? 283  VAL B CG2 1 
ATOM   463  N N   . THR B 2 43  ? -6.338  -8.092  -7.422  1.00 35.08 ? 284  THR B N   1 
ATOM   464  C CA  . THR B 2 43  ? -7.712  -8.503  -7.127  1.00 35.85 ? 284  THR B CA  1 
ATOM   465  C C   . THR B 2 43  ? -7.937  -8.680  -5.629  1.00 36.26 ? 284  THR B C   1 
ATOM   466  O O   . THR B 2 43  ? -9.073  -8.837  -5.179  1.00 36.79 ? 284  THR B O   1 
ATOM   467  C CB  . THR B 2 43  ? -8.110  -9.786  -7.885  1.00 35.85 ? 284  THR B CB  1 
ATOM   468  O OG1 . THR B 2 43  ? -7.164  -10.826 -7.604  1.00 36.10 ? 284  THR B OG1 1 
ATOM   469  C CG2 . THR B 2 43  ? -8.160  -9.522  -9.395  1.00 35.08 ? 284  THR B CG2 1 
ATOM   470  N N   . GLU B 2 44  ? -6.850  -8.614  -4.864  1.00 36.48 ? 285  GLU B N   1 
ATOM   471  C CA  . GLU B 2 44  ? -6.841  -9.027  -3.469  1.00 36.39 ? 285  GLU B CA  1 
ATOM   472  C C   . GLU B 2 44  ? -5.743  -8.287  -2.707  1.00 35.97 ? 285  GLU B C   1 
ATOM   473  O O   . GLU B 2 44  ? -4.563  -8.590  -2.868  1.00 35.36 ? 285  GLU B O   1 
ATOM   474  C CB  . GLU B 2 44  ? -6.542  -10.514 -3.428  1.00 36.73 ? 285  GLU B CB  1 
ATOM   475  C CG  . GLU B 2 44  ? -7.326  -11.324 -2.444  1.00 37.88 ? 285  GLU B CG  1 
ATOM   476  C CD  . GLU B 2 44  ? -7.112  -12.798 -2.680  1.00 39.59 ? 285  GLU B CD  1 
ATOM   477  O OE1 . GLU B 2 44  ? -5.988  -13.171 -3.084  1.00 41.37 ? 285  GLU B OE1 1 
ATOM   478  O OE2 . GLU B 2 44  ? -8.059  -13.583 -2.474  1.00 41.31 ? 285  GLU B OE2 1 
ATOM   479  N N   . LEU B 2 45  ? -6.143  -7.328  -1.871  1.00 35.63 ? 286  LEU B N   1 
ATOM   480  C CA  . LEU B 2 45  ? -5.204  -6.524  -1.083  1.00 35.11 ? 286  LEU B CA  1 
ATOM   481  C C   . LEU B 2 45  ? -4.582  -7.316  0.047   1.00 34.81 ? 286  LEU B C   1 
ATOM   482  O O   . LEU B 2 45  ? -3.538  -6.929  0.575   1.00 34.45 ? 286  LEU B O   1 
ATOM   483  C CB  . LEU B 2 45  ? -5.898  -5.285  -0.487  1.00 35.28 ? 286  LEU B CB  1 
ATOM   484  C CG  . LEU B 2 45  ? -6.601  -4.251  -1.363  1.00 35.03 ? 286  LEU B CG  1 
ATOM   485  C CD1 . LEU B 2 45  ? -7.300  -3.244  -0.478  1.00 34.71 ? 286  LEU B CD1 1 
ATOM   486  C CD2 . LEU B 2 45  ? -5.619  -3.547  -2.284  1.00 34.90 ? 286  LEU B CD2 1 
ATOM   487  N N   . GLU B 2 46  ? -5.238  -8.410  0.426   1.00 34.83 ? 287  GLU B N   1 
ATOM   488  C CA  . GLU B 2 46  ? -4.819  -9.223  1.561   1.00 34.91 ? 287  GLU B CA  1 
ATOM   489  C C   . GLU B 2 46  ? -3.477  -9.924  1.351   1.00 34.67 ? 287  GLU B C   1 
ATOM   490  O O   . GLU B 2 46  ? -2.716  -10.107 2.308   1.00 34.41 ? 287  GLU B O   1 
ATOM   491  C CB  . GLU B 2 46  ? -5.890  -10.250 1.918   1.00 35.28 ? 287  GLU B CB  1 
ATOM   492  C CG  . GLU B 2 46  ? -7.169  -9.638  2.514   1.00 36.78 ? 287  GLU B CG  1 
ATOM   493  C CD  . GLU B 2 46  ? -8.237  -9.327  1.474   1.00 38.90 ? 287  GLU B CD  1 
ATOM   494  O OE1 . GLU B 2 46  ? -7.922  -9.249  0.269   1.00 40.06 ? 287  GLU B OE1 1 
ATOM   495  O OE2 . GLU B 2 46  ? -9.414  -9.175  1.861   1.00 41.52 ? 287  GLU B OE2 1 
ATOM   496  N N   . THR B 2 47  ? -3.196  -10.308 0.104   1.00 34.18 ? 288  THR B N   1 
ATOM   497  C CA  . THR B 2 47  ? -2.018  -11.107 -0.200  1.00 33.58 ? 288  THR B CA  1 
ATOM   498  C C   . THR B 2 47  ? -1.074  -10.442 -1.186  1.00 33.21 ? 288  THR B C   1 
ATOM   499  O O   . THR B 2 47  ? 0.142   -10.620 -1.084  1.00 32.74 ? 288  THR B O   1 
ATOM   500  C CB  . THR B 2 47  ? -2.383  -12.532 -0.728  1.00 33.85 ? 288  THR B CB  1 
ATOM   501  O OG1 . THR B 2 47  ? -3.267  -12.431 -1.852  1.00 33.85 ? 288  THR B OG1 1 
ATOM   502  C CG2 . THR B 2 47  ? -3.045  -13.363 0.350   1.00 33.40 ? 288  THR B CG2 1 
ATOM   503  N N   . GLN B 2 48  ? -1.622  -9.659  -2.120  1.00 32.54 ? 289  GLN B N   1 
ATOM   504  C CA  . GLN B 2 48  ? -0.871  -9.274  -3.317  1.00 32.08 ? 289  GLN B CA  1 
ATOM   505  C C   . GLN B 2 48  ? 0.120   -8.120  -3.165  1.00 31.76 ? 289  GLN B C   1 
ATOM   506  O O   . GLN B 2 48  ? 0.776   -7.748  -4.135  1.00 32.18 ? 289  GLN B O   1 
ATOM   507  C CB  . GLN B 2 48  ? -1.803  -9.067  -4.514  1.00 32.25 ? 289  GLN B CB  1 
ATOM   508  C CG  . GLN B 2 48  ? -2.361  -10.369 -5.086  1.00 31.51 ? 289  GLN B CG  1 
ATOM   509  C CD  . GLN B 2 48  ? -3.388  -10.129 -6.179  1.00 33.25 ? 289  GLN B CD  1 
ATOM   510  O OE1 . GLN B 2 48  ? -4.249  -9.259  -6.064  1.00 34.26 ? 289  GLN B OE1 1 
ATOM   511  N NE2 . GLN B 2 48  ? -3.304  -10.905 -7.249  1.00 36.14 ? 289  GLN B NE2 1 
ATOM   512  N N   . PHE B 2 49  ? 0.240   -7.575  -1.955  1.00 30.74 ? 290  PHE B N   1 
ATOM   513  C CA  . PHE B 2 49  ? 1.238   -6.552  -1.668  1.00 30.43 ? 290  PHE B CA  1 
ATOM   514  C C   . PHE B 2 49  ? 2.351   -7.059  -0.725  1.00 29.92 ? 290  PHE B C   1 
ATOM   515  O O   . PHE B 2 49  ? 3.318   -6.357  -0.482  1.00 29.51 ? 290  PHE B O   1 
ATOM   516  C CB  . PHE B 2 49  ? 0.584   -5.265  -1.118  1.00 30.53 ? 290  PHE B CB  1 
ATOM   517  C CG  . PHE B 2 49  ? -0.132  -4.439  -2.174  1.00 30.89 ? 290  PHE B CG  1 
ATOM   518  C CD1 . PHE B 2 49  ? 0.590   -3.647  -3.063  1.00 30.05 ? 290  PHE B CD1 1 
ATOM   519  C CD2 . PHE B 2 49  ? -1.519  -4.472  -2.287  1.00 31.02 ? 290  PHE B CD2 1 
ATOM   520  C CE1 . PHE B 2 49  ? -0.044  -2.906  -4.044  1.00 30.26 ? 290  PHE B CE1 1 
ATOM   521  C CE2 . PHE B 2 49  ? -2.171  -3.719  -3.267  1.00 31.14 ? 290  PHE B CE2 1 
ATOM   522  C CZ  . PHE B 2 49  ? -1.432  -2.934  -4.146  1.00 31.04 ? 290  PHE B CZ  1 
ATOM   523  N N   . ALA B 2 50  ? 2.198   -8.281  -0.217  1.00 29.44 ? 291  ALA B N   1 
ATOM   524  C CA  . ALA B 2 50  ? 3.105   -8.840  0.785   1.00 30.00 ? 291  ALA B CA  1 
ATOM   525  C C   . ALA B 2 50  ? 4.562   -9.016  0.328   1.00 30.15 ? 291  ALA B C   1 
ATOM   526  O O   . ALA B 2 50  ? 5.470   -8.883  1.140   1.00 30.14 ? 291  ALA B O   1 
ATOM   527  C CB  . ALA B 2 50  ? 2.562   -10.154 1.341   1.00 29.42 ? 291  ALA B CB  1 
ATOM   528  N N   . ASP B 2 51  ? 4.782   -9.305  -0.957  1.00 30.24 ? 292  ASP B N   1 
ATOM   529  C CA  . ASP B 2 51  ? 6.149   -9.516  -1.463  1.00 30.17 ? 292  ASP B CA  1 
ATOM   530  C C   . ASP B 2 51  ? 6.895   -8.213  -1.814  1.00 29.95 ? 292  ASP B C   1 
ATOM   531  O O   . ASP B 2 51  ? 8.059   -8.241  -2.214  1.00 30.41 ? 292  ASP B O   1 
ATOM   532  C CB  . ASP B 2 51  ? 6.182   -10.579 -2.597  1.00 29.96 ? 292  ASP B CB  1 
ATOM   533  C CG  . ASP B 2 51  ? 5.600   -10.078 -3.939  1.00 30.48 ? 292  ASP B CG  1 
ATOM   534  O OD1 . ASP B 2 51  ? 5.280   -8.875  -4.097  1.00 28.47 ? 292  ASP B OD1 1 
ATOM   535  O OD2 . ASP B 2 51  ? 5.478   -10.920 -4.860  1.00 30.79 ? 292  ASP B OD2 1 
ATOM   536  N N   . GLY B 2 52  ? 6.223   -7.075  -1.652  1.00 29.47 ? 293  GLY B N   1 
ATOM   537  C CA  . GLY B 2 52  ? 6.822   -5.763  -1.874  1.00 28.93 ? 293  GLY B CA  1 
ATOM   538  C C   . GLY B 2 52  ? 6.978   -5.303  -3.313  1.00 28.92 ? 293  GLY B C   1 
ATOM   539  O O   . GLY B 2 52  ? 7.254   -4.140  -3.547  1.00 29.05 ? 293  GLY B O   1 
ATOM   540  N N   . VAL B 2 53  ? 6.803   -6.200  -4.280  1.00 29.20 ? 294  VAL B N   1 
ATOM   541  C CA  . VAL B 2 53  ? 6.987   -5.861  -5.700  1.00 29.07 ? 294  VAL B CA  1 
ATOM   542  C C   . VAL B 2 53  ? 6.017   -4.759  -6.156  1.00 29.22 ? 294  VAL B C   1 
ATOM   543  O O   . VAL B 2 53  ? 6.460   -3.727  -6.621  1.00 29.06 ? 294  VAL B O   1 
ATOM   544  C CB  . VAL B 2 53  ? 6.950   -7.120  -6.634  1.00 29.35 ? 294  VAL B CB  1 
ATOM   545  C CG1 . VAL B 2 53  ? 7.053   -6.731  -8.116  1.00 28.85 ? 294  VAL B CG1 1 
ATOM   546  C CG2 . VAL B 2 53  ? 8.078   -8.120  -6.274  1.00 27.86 ? 294  VAL B CG2 1 
ATOM   547  N N   . TYR B 2 54  ? 4.708   -4.954  -5.978  1.00 29.81 ? 295  TYR B N   1 
ATOM   548  C CA  . TYR B 2 54  ? 3.734   -3.961  -6.456  1.00 29.94 ? 295  TYR B CA  1 
ATOM   549  C C   . TYR B 2 54  ? 3.840   -2.607  -5.758  1.00 30.25 ? 295  TYR B C   1 
ATOM   550  O O   . TYR B 2 54  ? 3.571   -1.574  -6.371  1.00 30.27 ? 295  TYR B O   1 
ATOM   551  C CB  . TYR B 2 54  ? 2.291   -4.487  -6.414  1.00 30.02 ? 295  TYR B CB  1 
ATOM   552  C CG  . TYR B 2 54  ? 1.984   -5.554  -7.446  1.00 30.85 ? 295  TYR B CG  1 
ATOM   553  C CD1 . TYR B 2 54  ? 2.848   -5.811  -8.517  1.00 31.15 ? 295  TYR B CD1 1 
ATOM   554  C CD2 . TYR B 2 54  ? 0.814   -6.296  -7.364  1.00 32.52 ? 295  TYR B CD2 1 
ATOM   555  C CE1 . TYR B 2 54  ? 2.554   -6.810  -9.457  1.00 32.46 ? 295  TYR B CE1 1 
ATOM   556  C CE2 . TYR B 2 54  ? 0.503   -7.280  -8.302  1.00 30.86 ? 295  TYR B CE2 1 
ATOM   557  C CZ  . TYR B 2 54  ? 1.372   -7.537  -9.333  1.00 31.26 ? 295  TYR B CZ  1 
ATOM   558  O OH  . TYR B 2 54  ? 1.041   -8.518  -10.245 1.00 31.39 ? 295  TYR B OH  1 
ATOM   559  N N   A LEU B 2 55  ? 4.252   -2.633  -4.492  0.51 30.24 ? 296  LEU B N   1 
ATOM   560  N N   B LEU B 2 55  ? 4.198   -2.619  -4.474  0.49 30.04 ? 296  LEU B N   1 
ATOM   561  C CA  A LEU B 2 55  ? 4.405   -1.431  -3.677  0.51 30.17 ? 296  LEU B CA  1 
ATOM   562  C CA  B LEU B 2 55  ? 4.387   -1.376  -3.728  0.49 29.76 ? 296  LEU B CA  1 
ATOM   563  C C   A LEU B 2 55  ? 5.568   -0.571  -4.176  0.51 29.92 ? 296  LEU B C   1 
ATOM   564  C C   B LEU B 2 55  ? 5.520   -0.570  -4.349  0.49 29.68 ? 296  LEU B C   1 
ATOM   565  O O   A LEU B 2 55  ? 5.466   0.655   -4.204  0.51 30.32 ? 296  LEU B O   1 
ATOM   566  O O   B LEU B 2 55  ? 5.347   0.614   -4.649  0.49 29.96 ? 296  LEU B O   1 
ATOM   567  C CB  A LEU B 2 55  ? 4.589   -1.825  -2.204  0.51 29.96 ? 296  LEU B CB  1 
ATOM   568  C CB  B LEU B 2 55  ? 4.641   -1.641  -2.235  0.49 29.45 ? 296  LEU B CB  1 
ATOM   569  C CG  A LEU B 2 55  ? 3.904   -1.028  -1.089  0.51 30.48 ? 296  LEU B CG  1 
ATOM   570  C CG  B LEU B 2 55  ? 3.468   -2.099  -1.360  0.49 29.16 ? 296  LEU B CG  1 
ATOM   571  C CD1 A LEU B 2 55  ? 2.439   -0.718  -1.410  0.51 29.97 ? 296  LEU B CD1 1 
ATOM   572  C CD1 B LEU B 2 55  ? 3.950   -2.535  0.032   0.49 28.73 ? 296  LEU B CD1 1 
ATOM   573  C CD2 A LEU B 2 55  ? 4.009   -1.788  0.241   0.51 30.34 ? 296  LEU B CD2 1 
ATOM   574  C CD2 B LEU B 2 55  ? 2.400   -1.012  -1.230  0.49 28.81 ? 296  LEU B CD2 1 
ATOM   575  N N   . VAL B 2 56  ? 6.661   -1.221  -4.574  1.00 29.62 ? 297  VAL B N   1 
ATOM   576  C CA  . VAL B 2 56  ? 7.804   -0.559  -5.215  1.00 29.16 ? 297  VAL B CA  1 
ATOM   577  C C   . VAL B 2 56  ? 7.445   0.056   -6.577  1.00 29.07 ? 297  VAL B C   1 
ATOM   578  O O   . VAL B 2 56  ? 7.753   1.219   -6.846  1.00 29.23 ? 297  VAL B O   1 
ATOM   579  C CB  . VAL B 2 56  ? 9.023   -1.507  -5.380  1.00 29.00 ? 297  VAL B CB  1 
ATOM   580  C CG1 . VAL B 2 56  ? 10.118  -0.810  -6.155  1.00 29.22 ? 297  VAL B CG1 1 
ATOM   581  C CG2 . VAL B 2 56  ? 9.553   -1.971  -4.022  1.00 29.09 ? 297  VAL B CG2 1 
ATOM   582  N N   . LEU B 2 57  ? 6.794   -0.726  -7.428  1.00 29.16 ? 298  LEU B N   1 
ATOM   583  C CA  . LEU B 2 57  ? 6.413   -0.266  -8.762  1.00 29.29 ? 298  LEU B CA  1 
ATOM   584  C C   . LEU B 2 57  ? 5.407   0.881   -8.720  1.00 29.65 ? 298  LEU B C   1 
ATOM   585  O O   . LEU B 2 57  ? 5.467   1.794   -9.540  1.00 29.40 ? 298  LEU B O   1 
ATOM   586  C CB  . LEU B 2 57  ? 5.865   -1.436  -9.591  1.00 29.07 ? 298  LEU B CB  1 
ATOM   587  C CG  . LEU B 2 57  ? 6.832   -2.613  -9.817  1.00 28.73 ? 298  LEU B CG  1 
ATOM   588  C CD1 . LEU B 2 57  ? 6.095   -3.819  -10.429 1.00 27.44 ? 298  LEU B CD1 1 
ATOM   589  C CD2 . LEU B 2 57  ? 8.019   -2.175  -10.677 1.00 26.04 ? 298  LEU B CD2 1 
ATOM   590  N N   . LEU B 2 58  ? 4.503   0.823   -7.751  1.00 30.10 ? 299  LEU B N   1 
ATOM   591  C CA  . LEU B 2 58  ? 3.481   1.852   -7.547  1.00 31.32 ? 299  LEU B CA  1 
ATOM   592  C C   . LEU B 2 58  ? 4.101   3.193   -7.182  1.00 31.40 ? 299  LEU B C   1 
ATOM   593  O O   . LEU B 2 58  ? 3.614   4.242   -7.599  1.00 32.04 ? 299  LEU B O   1 
ATOM   594  C CB  . LEU B 2 58  ? 2.491   1.404   -6.460  1.00 30.92 ? 299  LEU B CB  1 
ATOM   595  C CG  . LEU B 2 58  ? 1.185   2.154   -6.194  1.00 32.26 ? 299  LEU B CG  1 
ATOM   596  C CD1 . LEU B 2 58  ? 0.319   2.312   -7.461  1.00 31.94 ? 299  LEU B CD1 1 
ATOM   597  C CD2 . LEU B 2 58  ? 0.428   1.396   -5.100  1.00 31.76 ? 299  LEU B CD2 1 
ATOM   598  N N   . MET B 2 59  ? 5.180   3.162   -6.405  1.00 31.85 ? 300  MET B N   1 
ATOM   599  C CA  . MET B 2 59  ? 5.889   4.390   -6.058  1.00 31.78 ? 300  MET B CA  1 
ATOM   600  C C   . MET B 2 59  ? 6.522   5.040   -7.298  1.00 31.43 ? 300  MET B C   1 
ATOM   601  O O   . MET B 2 59  ? 6.473   6.266   -7.453  1.00 30.81 ? 300  MET B O   1 
ATOM   602  C CB  . MET B 2 59  ? 6.931   4.142   -4.969  1.00 31.69 ? 300  MET B CB  1 
ATOM   603  C CG  . MET B 2 59  ? 6.343   3.841   -3.599  1.00 32.71 ? 300  MET B CG  1 
ATOM   604  S SD  . MET B 2 59  ? 5.047   5.002   -3.119  1.00 35.63 ? 300  MET B SD  1 
ATOM   605  C CE  . MET B 2 59  ? 5.895   6.562   -3.202  1.00 30.72 ? 300  MET B CE  1 
ATOM   606  N N   . GLY B 2 60  ? 7.110   4.214   -8.167  1.00 31.26 ? 301  GLY B N   1 
ATOM   607  C CA  . GLY B 2 60  ? 7.605   4.681   -9.468  1.00 31.55 ? 301  GLY B CA  1 
ATOM   608  C C   . GLY B 2 60  ? 6.497   5.329   -10.286 1.00 31.86 ? 301  GLY B C   1 
ATOM   609  O O   . GLY B 2 60  ? 6.693   6.380   -10.901 1.00 31.97 ? 301  GLY B O   1 
ATOM   610  N N   A LEU B 2 61  ? 5.328   4.695   -10.273 0.50 31.88 ? 302  LEU B N   1 
ATOM   611  N N   B LEU B 2 61  ? 5.331   4.690   -10.276 0.50 31.98 ? 302  LEU B N   1 
ATOM   612  C CA  A LEU B 2 61  ? 4.145   5.173   -10.982 0.50 32.02 ? 302  LEU B CA  1 
ATOM   613  C CA  B LEU B 2 61  ? 4.140   5.173   -10.966 0.50 32.22 ? 302  LEU B CA  1 
ATOM   614  C C   A LEU B 2 61  ? 3.569   6.488   -10.427 0.50 32.29 ? 302  LEU B C   1 
ATOM   615  C C   B LEU B 2 61  ? 3.602   6.504   -10.426 0.50 32.41 ? 302  LEU B C   1 
ATOM   616  O O   A LEU B 2 61  ? 3.108   7.332   -11.188 0.50 32.35 ? 302  LEU B O   1 
ATOM   617  O O   B LEU B 2 61  ? 3.206   7.374   -11.194 0.50 32.47 ? 302  LEU B O   1 
ATOM   618  C CB  A LEU B 2 61  ? 3.059   4.088   -10.980 0.50 31.79 ? 302  LEU B CB  1 
ATOM   619  C CB  B LEU B 2 61  ? 3.041   4.106   -10.899 0.50 32.10 ? 302  LEU B CB  1 
ATOM   620  C CG  A LEU B 2 61  ? 3.173   2.909   -11.948 0.50 30.52 ? 302  LEU B CG  1 
ATOM   621  C CG  B LEU B 2 61  ? 2.794   3.181   -12.094 0.50 31.36 ? 302  LEU B CG  1 
ATOM   622  C CD1 A LEU B 2 61  ? 2.417   1.714   -11.396 0.50 29.89 ? 302  LEU B CD1 1 
ATOM   623  C CD1 B LEU B 2 61  ? 3.983   3.117   -13.037 0.50 31.61 ? 302  LEU B CD1 1 
ATOM   624  C CD2 A LEU B 2 61  ? 2.664   3.272   -13.342 0.50 29.88 ? 302  LEU B CD2 1 
ATOM   625  C CD2 B LEU B 2 61  ? 2.403   1.799   -11.600 0.50 30.83 ? 302  LEU B CD2 1 
ATOM   626  N N   . LEU B 2 62  ? 3.584   6.639   -9.104  1.00 32.80 ? 303  LEU B N   1 
ATOM   627  C CA  . LEU B 2 62  ? 2.984   7.789   -8.435  1.00 32.71 ? 303  LEU B CA  1 
ATOM   628  C C   . LEU B 2 62  ? 3.896   9.020   -8.399  1.00 33.07 ? 303  LEU B C   1 
ATOM   629  O O   . LEU B 2 62  ? 3.441   10.156  -8.592  1.00 32.68 ? 303  LEU B O   1 
ATOM   630  C CB  . LEU B 2 62  ? 2.538   7.388   -7.025  1.00 32.82 ? 303  LEU B CB  1 
ATOM   631  C CG  . LEU B 2 62  ? 1.417   6.337   -6.918  1.00 32.32 ? 303  LEU B CG  1 
ATOM   632  C CD1 . LEU B 2 62  ? 1.157   5.930   -5.459  1.00 30.19 ? 303  LEU B CD1 1 
ATOM   633  C CD2 . LEU B 2 62  ? 0.126   6.798   -7.594  1.00 30.09 ? 303  LEU B CD2 1 
ATOM   634  N N   . GLU B 2 63  ? 5.183   8.789   -8.165  1.00 33.51 ? 304  GLU B N   1 
ATOM   635  C CA  . GLU B 2 63  ? 6.174   9.866   -8.190  1.00 33.83 ? 304  GLU B CA  1 
ATOM   636  C C   . GLU B 2 63  ? 6.716   10.129  -9.595  1.00 34.01 ? 304  GLU B C   1 
ATOM   637  O O   . GLU B 2 63  ? 7.392   11.134  -9.822  1.00 34.24 ? 304  GLU B O   1 
ATOM   638  C CB  . GLU B 2 63  ? 7.319   9.575   -7.216  1.00 33.56 ? 304  GLU B CB  1 
ATOM   639  C CG  . GLU B 2 63  ? 7.028   9.910   -5.771  1.00 34.16 ? 304  GLU B CG  1 
ATOM   640  C CD  . GLU B 2 63  ? 6.976   11.413  -5.488  1.00 36.61 ? 304  GLU B CD  1 
ATOM   641  O OE1 . GLU B 2 63  ? 7.858   12.166  -5.971  1.00 37.84 ? 304  GLU B OE1 1 
ATOM   642  O OE2 . GLU B 2 63  ? 6.048   11.846  -4.764  1.00 37.67 ? 304  GLU B OE2 1 
ATOM   643  N N   . GLY B 2 64  ? 6.424   9.227   -10.532 1.00 34.29 ? 305  GLY B N   1 
ATOM   644  C CA  . GLY B 2 64  ? 6.802   9.415   -11.934 1.00 34.99 ? 305  GLY B CA  1 
ATOM   645  C C   . GLY B 2 64  ? 8.268   9.184   -12.261 1.00 35.47 ? 305  GLY B C   1 
ATOM   646  O O   . GLY B 2 64  ? 8.911   10.038  -12.849 1.00 35.66 ? 305  GLY B O   1 
ATOM   647  N N   . TYR B 2 65  ? 8.798   8.029   -11.866 1.00 36.18 ? 306  TYR B N   1 
ATOM   648  C CA  . TYR B 2 65  ? 10.145  7.598   -12.268 1.00 36.39 ? 306  TYR B CA  1 
ATOM   649  C C   . TYR B 2 65  ? 10.182  6.093   -12.523 1.00 36.44 ? 306  TYR B C   1 
ATOM   650  O O   . TYR B 2 65  ? 9.372   5.337   -11.977 1.00 35.91 ? 306  TYR B O   1 
ATOM   651  C CB  . TYR B 2 65  ? 11.216  7.997   -11.231 1.00 36.55 ? 306  TYR B CB  1 
ATOM   652  C CG  . TYR B 2 65  ? 10.884  7.654   -9.787  1.00 36.60 ? 306  TYR B CG  1 
ATOM   653  C CD1 . TYR B 2 65  ? 10.510  8.654   -8.887  1.00 36.68 ? 306  TYR B CD1 1 
ATOM   654  C CD2 . TYR B 2 65  ? 10.960  6.342   -9.317  1.00 36.92 ? 306  TYR B CD2 1 
ATOM   655  C CE1 . TYR B 2 65  ? 10.208  8.363   -7.559  1.00 37.09 ? 306  TYR B CE1 1 
ATOM   656  C CE2 . TYR B 2 65  ? 10.650  6.032   -7.974  1.00 38.19 ? 306  TYR B CE2 1 
ATOM   657  C CZ  . TYR B 2 65  ? 10.269  7.053   -7.106  1.00 37.36 ? 306  TYR B CZ  1 
ATOM   658  O OH  . TYR B 2 65  ? 9.958   6.778   -5.790  1.00 37.18 ? 306  TYR B OH  1 
ATOM   659  N N   . PHE B 2 66  ? 11.119  5.664   -13.364 1.00 36.72 ? 307  PHE B N   1 
ATOM   660  C CA  . PHE B 2 66  ? 11.340  4.237   -13.605 1.00 36.92 ? 307  PHE B CA  1 
ATOM   661  C C   . PHE B 2 66  ? 12.238  3.687   -12.504 1.00 36.39 ? 307  PHE B C   1 
ATOM   662  O O   . PHE B 2 66  ? 13.343  4.186   -12.300 1.00 36.47 ? 307  PHE B O   1 
ATOM   663  C CB  . PHE B 2 66  ? 11.978  4.006   -14.983 1.00 37.60 ? 307  PHE B CB  1 
ATOM   664  C CG  . PHE B 2 66  ? 11.239  4.673   -16.125 1.00 39.05 ? 307  PHE B CG  1 
ATOM   665  C CD1 . PHE B 2 66  ? 10.110  4.073   -16.693 1.00 40.31 ? 307  PHE B CD1 1 
ATOM   666  C CD2 . PHE B 2 66  ? 11.678  5.896   -16.638 1.00 39.90 ? 307  PHE B CD2 1 
ATOM   667  C CE1 . PHE B 2 66  ? 9.431   4.685   -17.749 1.00 40.41 ? 307  PHE B CE1 1 
ATOM   668  C CE2 . PHE B 2 66  ? 11.006  6.513   -17.686 1.00 40.58 ? 307  PHE B CE2 1 
ATOM   669  C CZ  . PHE B 2 66  ? 9.881   5.905   -18.245 1.00 40.47 ? 307  PHE B CZ  1 
ATOM   670  N N   . VAL B 2 67  ? 11.764  2.673   -11.782 1.00 35.90 ? 308  VAL B N   1 
ATOM   671  C CA  . VAL B 2 67  ? 12.574  2.043   -10.731 1.00 35.30 ? 308  VAL B CA  1 
ATOM   672  C C   . VAL B 2 67  ? 13.498  0.983   -11.352 1.00 34.91 ? 308  VAL B C   1 
ATOM   673  O O   . VAL B 2 67  ? 13.021  -0.014  -11.919 1.00 35.02 ? 308  VAL B O   1 
ATOM   674  C CB  . VAL B 2 67  ? 11.715  1.424   -9.576  1.00 35.12 ? 308  VAL B CB  1 
ATOM   675  C CG1 . VAL B 2 67  ? 12.595  1.059   -8.385  1.00 35.25 ? 308  VAL B CG1 1 
ATOM   676  C CG2 . VAL B 2 67  ? 10.643  2.386   -9.122  1.00 34.93 ? 308  VAL B CG2 1 
ATOM   677  N N   . PRO B 2 68  ? 14.826  1.193   -11.250 1.00 34.30 ? 309  PRO B N   1 
ATOM   678  C CA  . PRO B 2 68  ? 15.748  0.199   -11.792 1.00 33.73 ? 309  PRO B CA  1 
ATOM   679  C C   . PRO B 2 68  ? 15.596  -1.138  -11.071 1.00 32.91 ? 309  PRO B C   1 
ATOM   680  O O   . PRO B 2 68  ? 15.409  -1.177  -9.856  1.00 32.80 ? 309  PRO B O   1 
ATOM   681  C CB  . PRO B 2 68  ? 17.128  0.815   -11.546 1.00 33.86 ? 309  PRO B CB  1 
ATOM   682  C CG  . PRO B 2 68  ? 16.937  1.818   -10.485 1.00 34.34 ? 309  PRO B CG  1 
ATOM   683  C CD  . PRO B 2 68  ? 15.535  2.325   -10.629 1.00 34.57 ? 309  PRO B CD  1 
ATOM   684  N N   . LEU B 2 69  ? 15.656  -2.228  -11.826 1.00 32.22 ? 310  LEU B N   1 
ATOM   685  C CA  . LEU B 2 69  ? 15.384  -3.538  -11.260 1.00 31.42 ? 310  LEU B CA  1 
ATOM   686  C C   . LEU B 2 69  ? 16.469  -4.034  -10.307 1.00 31.16 ? 310  LEU B C   1 
ATOM   687  O O   . LEU B 2 69  ? 16.186  -4.847  -9.420  1.00 30.84 ? 310  LEU B O   1 
ATOM   688  C CB  . LEU B 2 69  ? 15.089  -4.564  -12.356 1.00 31.45 ? 310  LEU B CB  1 
ATOM   689  C CG  . LEU B 2 69  ? 13.768  -4.413  -13.118 1.00 31.01 ? 310  LEU B CG  1 
ATOM   690  C CD1 . LEU B 2 69  ? 13.547  -5.619  -14.009 1.00 30.38 ? 310  LEU B CD1 1 
ATOM   691  C CD2 . LEU B 2 69  ? 12.588  -4.222  -12.183 1.00 29.83 ? 310  LEU B CD2 1 
ATOM   692  N N   A HIS B 2 70  ? 17.695  -3.543  -10.486 0.56 31.01 ? 311  HIS B N   1 
ATOM   693  N N   B HIS B 2 70  ? 17.692  -3.533  -10.494 0.44 30.90 ? 311  HIS B N   1 
ATOM   694  C CA  A HIS B 2 70  ? 18.810  -3.889  -9.603  0.56 30.91 ? 311  HIS B CA  1 
ATOM   695  C CA  B HIS B 2 70  ? 18.833  -3.885  -9.649  0.44 30.70 ? 311  HIS B CA  1 
ATOM   696  C C   A HIS B 2 70  ? 18.642  -3.313  -8.194  0.56 30.74 ? 311  HIS B C   1 
ATOM   697  C C   B HIS B 2 70  ? 18.708  -3.307  -8.240  0.44 30.61 ? 311  HIS B C   1 
ATOM   698  O O   A HIS B 2 70  ? 19.302  -3.758  -7.253  0.56 30.76 ? 311  HIS B O   1 
ATOM   699  O O   B HIS B 2 70  ? 19.460  -3.674  -7.339  0.44 30.61 ? 311  HIS B O   1 
ATOM   700  C CB  A HIS B 2 70  ? 20.144  -3.438  -10.212 0.56 30.90 ? 311  HIS B CB  1 
ATOM   701  C CB  B HIS B 2 70  ? 20.157  -3.448  -10.299 0.44 30.59 ? 311  HIS B CB  1 
ATOM   702  C CG  A HIS B 2 70  ? 21.345  -3.855  -9.417  0.56 30.88 ? 311  HIS B CG  1 
ATOM   703  C CG  B HIS B 2 70  ? 20.323  -1.963  -10.422 0.44 30.14 ? 311  HIS B CG  1 
ATOM   704  N ND1 A HIS B 2 70  ? 21.706  -5.174  -9.249  0.56 30.63 ? 311  HIS B ND1 1 
ATOM   705  N ND1 B HIS B 2 70  ? 20.212  -1.298  -11.624 0.44 29.93 ? 311  HIS B ND1 1 
ATOM   706  C CD2 A HIS B 2 70  ? 22.264  -3.125  -8.742  0.56 31.14 ? 311  HIS B CD2 1 
ATOM   707  C CD2 B HIS B 2 70  ? 20.608  -1.017  -9.497  0.44 29.45 ? 311  HIS B CD2 1 
ATOM   708  C CE1 A HIS B 2 70  ? 22.797  -5.240  -8.507  0.56 31.07 ? 311  HIS B CE1 1 
ATOM   709  C CE1 B HIS B 2 70  ? 20.414  -0.007  -11.433 0.44 29.78 ? 311  HIS B CE1 1 
ATOM   710  N NE2 A HIS B 2 70  ? 23.157  -4.010  -8.187  0.56 31.11 ? 311  HIS B NE2 1 
ATOM   711  N NE2 B HIS B 2 70  ? 20.648  0.191   -10.149 0.44 29.53 ? 311  HIS B NE2 1 
ATOM   712  N N   A SER B 2 71  ? 17.746  -2.339  -8.057  0.56 30.84 ? 312  SER B N   1 
ATOM   713  N N   B SER B 2 71  ? 17.748  -2.407  -8.059  0.44 30.73 ? 312  SER B N   1 
ATOM   714  C CA  A SER B 2 71  ? 17.476  -1.689  -6.773  0.56 30.77 ? 312  SER B CA  1 
ATOM   715  C CA  B SER B 2 71  ? 17.543  -1.748  -6.772  0.44 30.74 ? 312  SER B CA  1 
ATOM   716  C C   A SER B 2 71  ? 16.504  -2.466  -5.878  0.56 30.72 ? 312  SER B C   1 
ATOM   717  C C   B SER B 2 71  ? 16.550  -2.492  -5.872  0.44 30.70 ? 312  SER B C   1 
ATOM   718  O O   A SER B 2 71  ? 16.255  -2.066  -4.737  0.56 30.77 ? 312  SER B O   1 
ATOM   719  O O   B SER B 2 71  ? 16.329  -2.094  -4.724  0.44 30.76 ? 312  SER B O   1 
ATOM   720  C CB  A SER B 2 71  ? 16.961  -0.263  -6.997  0.56 30.74 ? 312  SER B CB  1 
ATOM   721  C CB  B SER B 2 71  ? 17.094  -0.298  -6.986  0.44 30.73 ? 312  SER B CB  1 
ATOM   722  O OG  A SER B 2 71  ? 17.979  0.569   -7.520  0.56 30.86 ? 312  SER B OG  1 
ATOM   723  O OG  B SER B 2 71  ? 17.229  0.458   -5.795  0.44 31.01 ? 312  SER B OG  1 
ATOM   724  N N   . PHE B 2 72  ? 15.952  -3.562  -6.395  1.00 30.67 ? 313  PHE B N   1 
ATOM   725  C CA  . PHE B 2 72  ? 15.021  -4.411  -5.615  1.00 30.56 ? 313  PHE B CA  1 
ATOM   726  C C   . PHE B 2 72  ? 14.929  -5.851  -6.141  1.00 30.35 ? 313  PHE B C   1 
ATOM   727  O O   . PHE B 2 72  ? 15.676  -6.235  -7.044  1.00 29.94 ? 313  PHE B O   1 
ATOM   728  C CB  . PHE B 2 72  ? 13.628  -3.751  -5.423  1.00 30.47 ? 313  PHE B CB  1 
ATOM   729  C CG  . PHE B 2 72  ? 12.775  -3.703  -6.665  1.00 30.64 ? 313  PHE B CG  1 
ATOM   730  C CD1 . PHE B 2 72  ? 11.681  -4.560  -6.800  1.00 30.47 ? 313  PHE B CD1 1 
ATOM   731  C CD2 . PHE B 2 72  ? 13.040  -2.787  -7.683  1.00 30.49 ? 313  PHE B CD2 1 
ATOM   732  C CE1 . PHE B 2 72  ? 10.880  -4.524  -7.942  1.00 30.19 ? 313  PHE B CE1 1 
ATOM   733  C CE2 . PHE B 2 72  ? 12.245  -2.738  -8.835  1.00 29.92 ? 313  PHE B CE2 1 
ATOM   734  C CZ  . PHE B 2 72  ? 11.163  -3.602  -8.960  1.00 30.49 ? 313  PHE B CZ  1 
ATOM   735  N N   . PHE B 2 73  ? 14.036  -6.638  -5.547  1.00 30.24 ? 314  PHE B N   1 
ATOM   736  C CA  . PHE B 2 73  ? 13.858  -8.042  -5.914  1.00 30.70 ? 314  PHE B CA  1 
ATOM   737  C C   . PHE B 2 73  ? 12.527  -8.255  -6.615  1.00 31.26 ? 314  PHE B C   1 
ATOM   738  O O   . PHE B 2 73  ? 11.469  -8.308  -5.980  1.00 31.06 ? 314  PHE B O   1 
ATOM   739  C CB  . PHE B 2 73  ? 14.002  -8.956  -4.687  1.00 30.41 ? 314  PHE B CB  1 
ATOM   740  C CG  . PHE B 2 73  ? 15.352  -8.863  -4.024  1.00 30.16 ? 314  PHE B CG  1 
ATOM   741  C CD1 . PHE B 2 73  ? 16.438  -9.583  -4.520  1.00 30.63 ? 314  PHE B CD1 1 
ATOM   742  C CD2 . PHE B 2 73  ? 15.545  -8.048  -2.907  1.00 30.54 ? 314  PHE B CD2 1 
ATOM   743  C CE1 . PHE B 2 73  ? 17.711  -9.498  -3.913  1.00 30.40 ? 314  PHE B CE1 1 
ATOM   744  C CE2 . PHE B 2 73  ? 16.812  -7.954  -2.288  1.00 30.15 ? 314  PHE B CE2 1 
ATOM   745  C CZ  . PHE B 2 73  ? 17.893  -8.684  -2.798  1.00 29.70 ? 314  PHE B CZ  1 
ATOM   746  N N   . LEU B 2 74  ? 12.593  -8.340  -7.939  1.00 31.78 ? 315  LEU B N   1 
ATOM   747  C CA  . LEU B 2 74  ? 11.411  -8.553  -8.766  1.00 32.75 ? 315  LEU B CA  1 
ATOM   748  C C   . LEU B 2 74  ? 10.790  -9.942  -8.535  1.00 32.64 ? 315  LEU B C   1 
ATOM   749  O O   . LEU B 2 74  ? 9.582   -10.101 -8.605  1.00 32.71 ? 315  LEU B O   1 
ATOM   750  C CB  . LEU B 2 74  ? 11.755  -8.360  -10.246 1.00 32.89 ? 315  LEU B CB  1 
ATOM   751  C CG  . LEU B 2 74  ? 10.611  -8.229  -11.248 1.00 34.29 ? 315  LEU B CG  1 
ATOM   752  C CD1 . LEU B 2 74  ? 10.094  -6.795  -11.278 1.00 36.39 ? 315  LEU B CD1 1 
ATOM   753  C CD2 . LEU B 2 74  ? 11.068  -8.664  -12.636 1.00 33.98 ? 315  LEU B CD2 1 
ATOM   754  N N   A THR B 2 75  ? 11.639  -10.935 -8.281  0.13 32.65 ? 316  THR B N   1 
ATOM   755  N N   B THR B 2 75  ? 11.624  -10.934 -8.249  0.87 32.84 ? 316  THR B N   1 
ATOM   756  C CA  A THR B 2 75  ? 11.181  -12.285 -7.965  0.13 32.59 ? 316  THR B CA  1 
ATOM   757  C CA  B THR B 2 75  ? 11.137  -12.275 -7.960  0.87 32.95 ? 316  THR B CA  1 
ATOM   758  C C   A THR B 2 75  ? 11.769  -12.700 -6.612  0.13 32.62 ? 316  THR B C   1 
ATOM   759  C C   B THR B 2 75  ? 11.710  -12.744 -6.620  0.87 32.81 ? 316  THR B C   1 
ATOM   760  O O   A THR B 2 75  ? 12.743  -13.462 -6.562  0.13 32.74 ? 316  THR B O   1 
ATOM   761  O O   B THR B 2 75  ? 12.602  -13.602 -6.583  0.87 33.53 ? 316  THR B O   1 
ATOM   762  C CB  A THR B 2 75  ? 11.566  -13.294 -9.080  0.13 32.58 ? 316  THR B CB  1 
ATOM   763  C CB  B THR B 2 75  ? 11.463  -13.273 -9.105  0.87 32.97 ? 316  THR B CB  1 
ATOM   764  O OG1 A THR B 2 75  ? 11.313  -12.716 -10.367 0.13 32.35 ? 316  THR B OG1 1 
ATOM   765  O OG1 B THR B 2 75  ? 12.879  -13.415 -9.226  0.87 34.85 ? 316  THR B OG1 1 
ATOM   766  C CG2 A THR B 2 75  ? 10.767  -14.588 -8.945  0.13 32.61 ? 316  THR B CG2 1 
ATOM   767  C CG2 B THR B 2 75  ? 10.899  -12.782 -10.441 0.87 32.38 ? 316  THR B CG2 1 
ATOM   768  N N   . PRO B 2 76  ? 11.195  -12.181 -5.506  1.00 32.66 ? 317  PRO B N   1 
ATOM   769  C CA  . PRO B 2 76  ? 11.741  -12.499 -4.179  1.00 32.62 ? 317  PRO B CA  1 
ATOM   770  C C   . PRO B 2 76  ? 11.514  -13.966 -3.793  1.00 32.75 ? 317  PRO B C   1 
ATOM   771  O O   . PRO B 2 76  ? 10.418  -14.498 -3.991  1.00 32.43 ? 317  PRO B O   1 
ATOM   772  C CB  . PRO B 2 76  ? 11.005  -11.540 -3.240  1.00 32.19 ? 317  PRO B CB  1 
ATOM   773  C CG  . PRO B 2 76  ? 9.798   -11.101 -3.970  1.00 32.68 ? 317  PRO B CG  1 
ATOM   774  C CD  . PRO B 2 76  ? 10.032  -11.267 -5.426  1.00 32.49 ? 317  PRO B CD  1 
ATOM   775  N N   . ASP B 2 77  ? 12.570  -14.604 -3.282  1.00 32.70 ? 318  ASP B N   1 
ATOM   776  C CA  . ASP B 2 77  ? 12.577  -16.040 -3.024  1.00 32.74 ? 318  ASP B CA  1 
ATOM   777  C C   . ASP B 2 77  ? 12.688  -16.345 -1.534  1.00 32.23 ? 318  ASP B C   1 
ATOM   778  O O   . ASP B 2 77  ? 12.711  -17.506 -1.134  1.00 32.27 ? 318  ASP B O   1 
ATOM   779  C CB  . ASP B 2 77  ? 13.685  -16.750 -3.834  1.00 32.87 ? 318  ASP B CB  1 
ATOM   780  C CG  . ASP B 2 77  ? 15.105  -16.547 -3.253  1.00 34.70 ? 318  ASP B CG  1 
ATOM   781  O OD1 . ASP B 2 77  ? 15.273  -16.127 -2.084  1.00 36.32 ? 318  ASP B OD1 1 
ATOM   782  O OD2 . ASP B 2 77  ? 16.078  -16.842 -3.980  1.00 36.21 ? 318  ASP B OD2 1 
ATOM   783  N N   . SER B 2 78  ? 12.767  -15.294 -0.720  1.00 31.43 ? 319  SER B N   1 
ATOM   784  C CA  . SER B 2 78  ? 12.831  -15.455 0.722   1.00 30.65 ? 319  SER B CA  1 
ATOM   785  C C   . SER B 2 78  ? 12.058  -14.351 1.417   1.00 29.93 ? 319  SER B C   1 
ATOM   786  O O   . SER B 2 78  ? 11.773  -13.323 0.832   1.00 29.98 ? 319  SER B O   1 
ATOM   787  C CB  . SER B 2 78  ? 14.285  -15.465 1.207   1.00 30.91 ? 319  SER B CB  1 
ATOM   788  O OG  . SER B 2 78  ? 14.816  -14.152 1.237   1.00 31.02 ? 319  SER B OG  1 
ATOM   789  N N   . PHE B 2 79  ? 11.719  -14.594 2.675   1.00 29.52 ? 320  PHE B N   1 
ATOM   790  C CA  . PHE B 2 79  ? 11.120  -13.598 3.547   1.00 28.94 ? 320  PHE B CA  1 
ATOM   791  C C   . PHE B 2 79  ? 11.961  -12.320 3.593   1.00 28.56 ? 320  PHE B C   1 
ATOM   792  O O   . PHE B 2 79  ? 11.424  -11.212 3.546   1.00 28.69 ? 320  PHE B O   1 
ATOM   793  C CB  . PHE B 2 79  ? 10.988  -14.198 4.948   1.00 28.97 ? 320  PHE B CB  1 
ATOM   794  C CG  . PHE B 2 79  ? 10.512  -13.228 5.991   1.00 29.38 ? 320  PHE B CG  1 
ATOM   795  C CD1 . PHE B 2 79  ? 9.155   -12.932 6.117   1.00 29.52 ? 320  PHE B CD1 1 
ATOM   796  C CD2 . PHE B 2 79  ? 11.415  -12.637 6.869   1.00 29.12 ? 320  PHE B CD2 1 
ATOM   797  C CE1 . PHE B 2 79  ? 8.709   -12.046 7.088   1.00 29.80 ? 320  PHE B CE1 1 
ATOM   798  C CE2 . PHE B 2 79  ? 10.981  -11.746 7.842   1.00 30.17 ? 320  PHE B CE2 1 
ATOM   799  C CZ  . PHE B 2 79  ? 9.624   -11.445 7.948   1.00 29.85 ? 320  PHE B CZ  1 
ATOM   800  N N   A GLU B 2 80  ? 13.282  -12.473 3.694   0.50 28.32 ? 321  GLU B N   1 
ATOM   801  N N   B GLU B 2 80  ? 13.275  -12.517 3.676   0.50 28.21 ? 321  GLU B N   1 
ATOM   802  C CA  A GLU B 2 80  ? 14.173  -11.321 3.813   0.50 27.83 ? 321  GLU B CA  1 
ATOM   803  C CA  B GLU B 2 80  ? 14.265  -11.454 3.791   0.50 27.62 ? 321  GLU B CA  1 
ATOM   804  C C   A GLU B 2 80  ? 14.209  -10.459 2.551   0.50 27.47 ? 321  GLU B C   1 
ATOM   805  C C   B GLU B 2 80  ? 14.256  -10.515 2.577   0.50 27.37 ? 321  GLU B C   1 
ATOM   806  O O   A GLU B 2 80  ? 14.272  -9.238  2.641   0.50 27.09 ? 321  GLU B O   1 
ATOM   807  O O   B GLU B 2 80  ? 14.322  -9.299  2.729   0.50 26.98 ? 321  GLU B O   1 
ATOM   808  C CB  A GLU B 2 80  ? 15.586  -11.747 4.234   0.50 28.02 ? 321  GLU B CB  1 
ATOM   809  C CB  B GLU B 2 80  ? 15.658  -12.075 3.995   0.50 27.69 ? 321  GLU B CB  1 
ATOM   810  C CG  A GLU B 2 80  ? 16.549  -10.588 4.531   0.50 27.82 ? 321  GLU B CG  1 
ATOM   811  C CG  B GLU B 2 80  ? 15.876  -12.791 5.353   0.50 26.97 ? 321  GLU B CG  1 
ATOM   812  C CD  A GLU B 2 80  ? 15.998  -9.558  5.514   0.50 28.44 ? 321  GLU B CD  1 
ATOM   813  C CD  B GLU B 2 80  ? 15.043  -14.071 5.552   0.50 26.14 ? 321  GLU B CD  1 
ATOM   814  O OE1 A GLU B 2 80  ? 15.154  -9.900  6.379   0.50 27.42 ? 321  GLU B OE1 1 
ATOM   815  O OE1 B GLU B 2 80  ? 14.772  -14.798 4.572   0.50 25.04 ? 321  GLU B OE1 1 
ATOM   816  O OE2 A GLU B 2 80  ? 16.429  -8.390  5.418   0.50 29.72 ? 321  GLU B OE2 1 
ATOM   817  O OE2 B GLU B 2 80  ? 14.666  -14.354 6.710   0.50 26.20 ? 321  GLU B OE2 1 
ATOM   818  N N   . GLN B 2 81  ? 14.169  -11.097 1.383   1.00 27.23 ? 322  GLN B N   1 
ATOM   819  C CA  . GLN B 2 81  ? 14.111  -10.355 0.128   1.00 27.33 ? 322  GLN B CA  1 
ATOM   820  C C   . GLN B 2 81  ? 12.795  -9.560  -0.010  1.00 27.39 ? 322  GLN B C   1 
ATOM   821  O O   . GLN B 2 81  ? 12.790  -8.461  -0.554  1.00 28.00 ? 322  GLN B O   1 
ATOM   822  C CB  . GLN B 2 81  ? 14.300  -11.288 -1.065  1.00 27.10 ? 322  GLN B CB  1 
ATOM   823  C CG  . GLN B 2 81  ? 15.698  -11.872 -1.166  1.00 27.88 ? 322  GLN B CG  1 
ATOM   824  C CD  . GLN B 2 81  ? 15.936  -12.576 -2.477  1.00 28.64 ? 322  GLN B CD  1 
ATOM   825  O OE1 . GLN B 2 81  ? 15.027  -12.700 -3.302  1.00 28.80 ? 322  GLN B OE1 1 
ATOM   826  N NE2 . GLN B 2 81  ? 17.165  -13.039 -2.684  1.00 29.11 ? 322  GLN B NE2 1 
ATOM   827  N N   . LYS B 2 82  ? 11.702  -10.122 0.497   1.00 27.27 ? 323  LYS B N   1 
ATOM   828  C CA  . LYS B 2 82  ? 10.398  -9.453  0.508   1.00 27.22 ? 323  LYS B CA  1 
ATOM   829  C C   . LYS B 2 82  ? 10.411  -8.260  1.466   1.00 27.13 ? 323  LYS B C   1 
ATOM   830  O O   . LYS B 2 82  ? 9.933   -7.182  1.120   1.00 27.27 ? 323  LYS B O   1 
ATOM   831  C CB  . LYS B 2 82  ? 9.291   -10.442 0.863   1.00 27.00 ? 323  LYS B CB  1 
ATOM   832  C CG  . LYS B 2 82  ? 9.085   -11.507 -0.196  1.00 27.14 ? 323  LYS B CG  1 
ATOM   833  C CD  . LYS B 2 82  ? 7.995   -12.505 0.162   1.00 27.00 ? 323  LYS B CD  1 
ATOM   834  C CE  . LYS B 2 82  ? 7.845   -13.508 -0.976  1.00 28.36 ? 323  LYS B CE  1 
ATOM   835  N NZ  . LYS B 2 82  ? 6.951   -14.653 -0.681  1.00 29.11 ? 323  LYS B NZ  1 
ATOM   836  N N   . VAL B 2 83  ? 11.006  -8.451  2.642   1.00 27.01 ? 324  VAL B N   1 
ATOM   837  C CA  . VAL B 2 83  ? 11.202  -7.369  3.609   1.00 26.94 ? 324  VAL B CA  1 
ATOM   838  C C   . VAL B 2 83  ? 11.968  -6.202  2.981   1.00 27.21 ? 324  VAL B C   1 
ATOM   839  O O   . VAL B 2 83  ? 11.576  -5.039  3.112   1.00 26.67 ? 324  VAL B O   1 
ATOM   840  C CB  . VAL B 2 83  ? 11.922  -7.879  4.874   1.00 27.09 ? 324  VAL B CB  1 
ATOM   841  C CG1 . VAL B 2 83  ? 12.394  -6.723  5.756   1.00 27.14 ? 324  VAL B CG1 1 
ATOM   842  C CG2 . VAL B 2 83  ? 10.999  -8.802  5.661   1.00 26.42 ? 324  VAL B CG2 1 
ATOM   843  N N   . LEU B 2 84  ? 13.052  -6.530  2.284   1.00 26.73 ? 325  LEU B N   1 
ATOM   844  C CA  . LEU B 2 84  ? 13.894  -5.531  1.648   1.00 26.62 ? 325  LEU B CA  1 
ATOM   845  C C   . LEU B 2 84  ? 13.131  -4.750  0.583   1.00 26.20 ? 325  LEU B C   1 
ATOM   846  O O   . LEU B 2 84  ? 13.335  -3.556  0.439   1.00 26.14 ? 325  LEU B O   1 
ATOM   847  C CB  . LEU B 2 84  ? 15.173  -6.171  1.085   1.00 26.09 ? 325  LEU B CB  1 
ATOM   848  C CG  . LEU B 2 84  ? 16.195  -6.632  2.153   1.00 26.99 ? 325  LEU B CG  1 
ATOM   849  C CD1 . LEU B 2 84  ? 17.210  -7.632  1.591   1.00 25.44 ? 325  LEU B CD1 1 
ATOM   850  C CD2 . LEU B 2 84  ? 16.914  -5.447  2.852   1.00 25.33 ? 325  LEU B CD2 1 
ATOM   851  N N   . ASN B 2 85  ? 12.256  -5.419  -0.160  1.00 26.64 ? 326  ASN B N   1 
ATOM   852  C CA  . ASN B 2 85  ? 11.367  -4.711  -1.088  1.00 26.99 ? 326  ASN B CA  1 
ATOM   853  C C   . ASN B 2 85  ? 10.452  -3.706  -0.392  1.00 27.09 ? 326  ASN B C   1 
ATOM   854  O O   . ASN B 2 85  ? 10.334  -2.561  -0.838  1.00 27.08 ? 326  ASN B O   1 
ATOM   855  C CB  . ASN B 2 85  ? 10.550  -5.679  -1.956  1.00 26.41 ? 326  ASN B CB  1 
ATOM   856  C CG  . ASN B 2 85  ? 11.403  -6.404  -2.975  1.00 26.40 ? 326  ASN B CG  1 
ATOM   857  O OD1 . ASN B 2 85  ? 12.542  -6.021  -3.238  1.00 25.15 ? 326  ASN B OD1 1 
ATOM   858  N ND2 . ASN B 2 85  ? 10.861  -7.470  -3.539  1.00 24.87 ? 326  ASN B ND2 1 
ATOM   859  N N   A VAL B 2 86  ? 9.840   -4.142  0.706   0.88 27.70 ? 327  VAL B N   1 
ATOM   860  N N   B VAL B 2 86  ? 9.799   -4.134  0.690   0.12 27.43 ? 327  VAL B N   1 
ATOM   861  C CA  A VAL B 2 86  ? 8.903   -3.304  1.459   0.88 28.20 ? 327  VAL B CA  1 
ATOM   862  C CA  B VAL B 2 86  ? 8.849   -3.271  1.405   0.12 27.73 ? 327  VAL B CA  1 
ATOM   863  C C   A VAL B 2 86  ? 9.605   -2.113  2.088   0.88 28.65 ? 327  VAL B C   1 
ATOM   864  C C   B VAL B 2 86  ? 9.567   -2.138  2.136   0.12 27.94 ? 327  VAL B C   1 
ATOM   865  O O   A VAL B 2 86  ? 9.118   -0.985  1.984   0.88 29.29 ? 327  VAL B O   1 
ATOM   866  O O   B VAL B 2 86  ? 9.028   -1.044  2.279   0.12 28.06 ? 327  VAL B O   1 
ATOM   867  C CB  A VAL B 2 86  ? 8.078   -4.114  2.494   0.88 28.16 ? 327  VAL B CB  1 
ATOM   868  C CB  B VAL B 2 86  ? 7.907   -4.053  2.376   0.12 27.73 ? 327  VAL B CB  1 
ATOM   869  C CG1 A VAL B 2 86  ? 7.049   -3.212  3.185   0.88 26.93 ? 327  VAL B CG1 1 
ATOM   870  C CG1 B VAL B 2 86  ? 7.199   -5.188  1.651   0.12 27.70 ? 327  VAL B CG1 1 
ATOM   871  C CG2 A VAL B 2 86  ? 7.359   -5.255  1.800   0.88 28.07 ? 327  VAL B CG2 1 
ATOM   872  C CG2 B VAL B 2 86  ? 8.656   -4.574  3.594   0.12 27.65 ? 327  VAL B CG2 1 
ATOM   873  N N   A SER B 2 87  ? 10.757  -2.365  2.710   0.88 29.10 ? 328  SER B N   1 
ATOM   874  N N   B SER B 2 87  ? 10.787  -2.409  2.585   0.12 28.20 ? 328  SER B N   1 
ATOM   875  C CA  A SER B 2 87  ? 11.649  -1.320  3.218   0.88 29.23 ? 328  SER B CA  1 
ATOM   876  C CA  B SER B 2 87  ? 11.623  -1.386  3.202   0.12 28.41 ? 328  SER B CA  1 
ATOM   877  C C   A SER B 2 87  ? 12.045  -0.315  2.146   0.88 29.23 ? 328  SER B C   1 
ATOM   878  C C   B SER B 2 87  ? 12.044  -0.348  2.163   0.12 28.59 ? 328  SER B C   1 
ATOM   879  O O   A SER B 2 87  ? 12.087  0.893   2.392   0.88 29.38 ? 328  SER B O   1 
ATOM   880  O O   B SER B 2 87  ? 12.095  0.849   2.454   0.12 28.66 ? 328  SER B O   1 
ATOM   881  C CB  A SER B 2 87  ? 12.922  -1.941  3.791   0.88 29.33 ? 328  SER B CB  1 
ATOM   882  C CB  B SER B 2 87  ? 12.857  -2.017  3.848   0.12 28.39 ? 328  SER B CB  1 
ATOM   883  O OG  A SER B 2 87  ? 12.735  -2.309  5.133   0.88 30.64 ? 328  SER B OG  1 
ATOM   884  O OG  B SER B 2 87  ? 12.492  -3.093  4.695   0.12 28.37 ? 328  SER B OG  1 
ATOM   885  N N   . PHE B 2 88  ? 12.348  -0.822  0.956   1.00 28.88 ? 329  PHE B N   1 
ATOM   886  C CA  . PHE B 2 88  ? 12.658  0.041   -0.172  1.00 28.73 ? 329  PHE B CA  1 
ATOM   887  C C   . PHE B 2 88  ? 11.456  0.895   -0.643  1.00 28.73 ? 329  PHE B C   1 
ATOM   888  O O   . PHE B 2 88  ? 11.626  2.072   -0.950  1.00 29.08 ? 329  PHE B O   1 
ATOM   889  C CB  . PHE B 2 88  ? 13.250  -0.765  -1.334  1.00 28.38 ? 329  PHE B CB  1 
ATOM   890  C CG  . PHE B 2 88  ? 13.716  0.092   -2.469  1.00 28.39 ? 329  PHE B CG  1 
ATOM   891  C CD1 . PHE B 2 88  ? 14.537  1.190   -2.227  1.00 27.66 ? 329  PHE B CD1 1 
ATOM   892  C CD2 . PHE B 2 88  ? 13.325  -0.181  -3.773  1.00 28.76 ? 329  PHE B CD2 1 
ATOM   893  C CE1 . PHE B 2 88  ? 14.963  2.002   -3.274  1.00 29.47 ? 329  PHE B CE1 1 
ATOM   894  C CE2 . PHE B 2 88  ? 13.744  0.626   -4.826  1.00 27.67 ? 329  PHE B CE2 1 
ATOM   895  C CZ  . PHE B 2 88  ? 14.559  1.721   -4.574  1.00 28.89 ? 329  PHE B CZ  1 
ATOM   896  N N   . ALA B 2 89  ? 10.256  0.315   -0.696  1.00 28.45 ? 330  ALA B N   1 
ATOM   897  C CA  . ALA B 2 89  ? 9.047   1.108   -1.013  1.00 28.09 ? 330  ALA B CA  1 
ATOM   898  C C   . ALA B 2 89  ? 8.761   2.178   0.048   1.00 27.96 ? 330  ALA B C   1 
ATOM   899  O O   . ALA B 2 89  ? 8.333   3.274   -0.274  1.00 28.56 ? 330  ALA B O   1 
ATOM   900  C CB  . ALA B 2 89  ? 7.833   0.201   -1.211  1.00 27.35 ? 330  ALA B CB  1 
ATOM   901  N N   . PHE B 2 90  ? 9.017   1.849   1.313   1.00 28.20 ? 331  PHE B N   1 
ATOM   902  C CA  . PHE B 2 90  ? 8.828   2.769   2.445   1.00 27.78 ? 331  PHE B CA  1 
ATOM   903  C C   . PHE B 2 90  ? 9.794   3.938   2.351   1.00 27.93 ? 331  PHE B C   1 
ATOM   904  O O   . PHE B 2 90  ? 9.434   5.086   2.620   1.00 28.23 ? 331  PHE B O   1 
ATOM   905  C CB  . PHE B 2 90  ? 9.048   2.024   3.760   1.00 27.13 ? 331  PHE B CB  1 
ATOM   906  C CG  . PHE B 2 90  ? 7.873   1.178   4.204   1.00 26.11 ? 331  PHE B CG  1 
ATOM   907  C CD1 . PHE B 2 90  ? 6.779   0.956   3.368   1.00 24.19 ? 331  PHE B CD1 1 
ATOM   908  C CD2 . PHE B 2 90  ? 7.878   0.585   5.459   1.00 24.35 ? 331  PHE B CD2 1 
ATOM   909  C CE1 . PHE B 2 90  ? 5.712   0.186   3.783   1.00 21.45 ? 331  PHE B CE1 1 
ATOM   910  C CE2 . PHE B 2 90  ? 6.814   -0.199  5.875   1.00 23.24 ? 331  PHE B CE2 1 
ATOM   911  C CZ  . PHE B 2 90  ? 5.735   -0.402  5.031   1.00 23.40 ? 331  PHE B CZ  1 
ATOM   912  N N   . GLU B 2 91  ? 11.027  3.621   1.961   1.00 27.92 ? 332  GLU B N   1 
ATOM   913  C CA  . GLU B 2 91  ? 12.063  4.603   1.692   1.00 27.52 ? 332  GLU B CA  1 
ATOM   914  C C   . GLU B 2 91  ? 11.652  5.555   0.562   1.00 27.33 ? 332  GLU B C   1 
ATOM   915  O O   . GLU B 2 91  ? 11.845  6.764   0.676   1.00 27.72 ? 332  GLU B O   1 
ATOM   916  C CB  . GLU B 2 91  ? 13.361  3.883   1.339   1.00 27.84 ? 332  GLU B CB  1 
ATOM   917  C CG  . GLU B 2 91  ? 14.587  4.757   1.322   1.00 29.02 ? 332  GLU B CG  1 
ATOM   918  C CD  . GLU B 2 91  ? 15.805  4.027   0.779   1.00 31.50 ? 332  GLU B CD  1 
ATOM   919  O OE1 . GLU B 2 91  ? 16.071  2.887   1.216   1.00 32.72 ? 332  GLU B OE1 1 
ATOM   920  O OE2 . GLU B 2 91  ? 16.499  4.600   -0.082  1.00 33.43 ? 332  GLU B OE2 1 
ATOM   921  N N   . LEU B 2 92  ? 11.078  5.014   -0.510  1.00 26.44 ? 333  LEU B N   1 
ATOM   922  C CA  . LEU B 2 92  ? 10.616  5.824   -1.625  1.00 26.40 ? 333  LEU B CA  1 
ATOM   923  C C   . LEU B 2 92  ? 9.396   6.680   -1.248  1.00 26.70 ? 333  LEU B C   1 
ATOM   924  O O   . LEU B 2 92  ? 9.241   7.784   -1.751  1.00 26.17 ? 333  LEU B O   1 
ATOM   925  C CB  . LEU B 2 92  ? 10.314  4.955   -2.859  1.00 26.15 ? 333  LEU B CB  1 
ATOM   926  C CG  . LEU B 2 92  ? 11.435  4.168   -3.557  1.00 25.53 ? 333  LEU B CG  1 
ATOM   927  C CD1 . LEU B 2 92  ? 10.849  3.240   -4.597  1.00 24.98 ? 333  LEU B CD1 1 
ATOM   928  C CD2 . LEU B 2 92  ? 12.501  5.073   -4.207  1.00 23.61 ? 333  LEU B CD2 1 
ATOM   929  N N   . MET B 2 93  ? 8.542   6.158   -0.368  1.00 27.40 ? 334  MET B N   1 
ATOM   930  C CA  . MET B 2 93  ? 7.433   6.933   0.206   1.00 28.31 ? 334  MET B CA  1 
ATOM   931  C C   . MET B 2 93  ? 7.960   8.139   0.962   1.00 28.15 ? 334  MET B C   1 
ATOM   932  O O   . MET B 2 93  ? 7.493   9.256   0.745   1.00 28.22 ? 334  MET B O   1 
ATOM   933  C CB  . MET B 2 93  ? 6.550   6.079   1.118   1.00 27.61 ? 334  MET B CB  1 
ATOM   934  C CG  . MET B 2 93  ? 5.732   5.050   0.357   1.00 28.49 ? 334  MET B CG  1 
ATOM   935  S SD  . MET B 2 93  ? 5.009   3.805   1.423   1.00 30.21 ? 334  MET B SD  1 
ATOM   936  C CE  . MET B 2 93  ? 4.866   2.447   0.265   1.00 27.02 ? 334  MET B CE  1 
ATOM   937  N N   . GLN B 2 94  ? 8.939   7.919   1.837   1.00 28.71 ? 335  GLN B N   1 
ATOM   938  C CA  . GLN B 2 94  ? 9.558   9.033   2.576   1.00 28.48 ? 335  GLN B CA  1 
ATOM   939  C C   . GLN B 2 94  ? 10.304  10.017  1.674   1.00 28.40 ? 335  GLN B C   1 
ATOM   940  O O   . GLN B 2 94  ? 10.315  11.222  1.946   1.00 28.49 ? 335  GLN B O   1 
ATOM   941  C CB  . GLN B 2 94  ? 10.436  8.524   3.714   1.00 28.63 ? 335  GLN B CB  1 
ATOM   942  C CG  . GLN B 2 94  ? 9.638   7.747   4.762   1.00 29.07 ? 335  GLN B CG  1 
ATOM   943  C CD  . GLN B 2 94  ? 10.439  7.423   6.006   1.00 28.32 ? 335  GLN B CD  1 
ATOM   944  O OE1 . GLN B 2 94  ? 10.730  8.297   6.824   1.00 29.16 ? 335  GLN B OE1 1 
ATOM   945  N NE2 . GLN B 2 94  ? 10.770  6.152   6.171   1.00 29.20 ? 335  GLN B NE2 1 
ATOM   946  N N   . ASP B 2 95  ? 10.898  9.506   0.594   1.00 28.39 ? 336  ASP B N   1 
ATOM   947  C CA  . ASP B 2 95  ? 11.549  10.341  -0.428  1.00 28.72 ? 336  ASP B CA  1 
ATOM   948  C C   . ASP B 2 95  ? 10.543  11.275  -1.113  1.00 29.03 ? 336  ASP B C   1 
ATOM   949  O O   . ASP B 2 95  ? 10.910  12.357  -1.565  1.00 29.50 ? 336  ASP B O   1 
ATOM   950  C CB  . ASP B 2 95  ? 12.241  9.476   -1.498  1.00 28.37 ? 336  ASP B CB  1 
ATOM   951  C CG  . ASP B 2 95  ? 13.501  8.757   -0.988  0.96 28.51 ? 336  ASP B CG  1 
ATOM   952  O OD1 . ASP B 2 95  ? 13.979  9.009   0.148   0.96 29.02 ? 336  ASP B OD1 1 
ATOM   953  O OD2 . ASP B 2 95  ? 14.032  7.931   -1.754  0.96 27.44 ? 336  ASP B OD2 1 
ATOM   954  N N   . GLY B 2 96  ? 9.286   10.837  -1.192  1.00 29.17 ? 337  GLY B N   1 
ATOM   955  C CA  . GLY B 2 96  ? 8.193   11.626  -1.761  1.00 29.62 ? 337  GLY B CA  1 
ATOM   956  C C   . GLY B 2 96  ? 7.527   12.595  -0.798  1.00 29.97 ? 337  GLY B C   1 
ATOM   957  O O   . GLY B 2 96  ? 6.650   13.367  -1.188  1.00 30.27 ? 337  GLY B O   1 
ATOM   958  N N   . GLY B 2 97  ? 7.942   12.561  0.461   1.00 30.13 ? 338  GLY B N   1 
ATOM   959  C CA  . GLY B 2 97  ? 7.469   13.517  1.449   1.00 30.43 ? 338  GLY B CA  1 
ATOM   960  C C   . GLY B 2 97  ? 6.560   12.931  2.507   1.00 30.86 ? 338  GLY B C   1 
ATOM   961  O O   . GLY B 2 97  ? 6.141   13.637  3.429   1.00 31.32 ? 338  GLY B O   1 
ATOM   962  N N   A LEU B 2 98  ? 6.209   11.662  2.325   0.72 30.91 ? 339  LEU B N   1 
ATOM   963  N N   B LEU B 2 98  ? 6.288   11.630  2.426   0.28 30.92 ? 339  LEU B N   1 
ATOM   964  C CA  A LEU B 2 98  ? 5.417   10.941  3.299   0.72 31.36 ? 339  LEU B CA  1 
ATOM   965  C CA  B LEU B 2 98  ? 5.446   10.959  3.423   0.28 31.14 ? 339  LEU B CA  1 
ATOM   966  C C   A LEU B 2 98  ? 6.242   10.738  4.561   0.72 31.60 ? 339  LEU B C   1 
ATOM   967  C C   B LEU B 2 98  ? 6.163   10.664  4.748   0.28 31.25 ? 339  LEU B C   1 
ATOM   968  O O   A LEU B 2 98  ? 7.472   10.662  4.515   0.72 31.60 ? 339  LEU B O   1 
ATOM   969  O O   B LEU B 2 98  ? 7.363   10.397  4.772   0.28 31.27 ? 339  LEU B O   1 
ATOM   970  C CB  A LEU B 2 98  ? 4.930   9.600   2.739   0.72 31.15 ? 339  LEU B CB  1 
ATOM   971  C CB  B LEU B 2 98  ? 4.847   9.667   2.852   0.28 31.04 ? 339  LEU B CB  1 
ATOM   972  C CG  A LEU B 2 98  ? 3.596   9.588   1.980   0.72 31.83 ? 339  LEU B CG  1 
ATOM   973  C CG  B LEU B 2 98  ? 3.668   9.791   1.880   0.28 31.32 ? 339  LEU B CG  1 
ATOM   974  C CD1 A LEU B 2 98  ? 3.528   8.419   1.019   0.72 32.33 ? 339  LEU B CD1 1 
ATOM   975  C CD1 B LEU B 2 98  ? 3.405   8.469   1.178   0.28 30.73 ? 339  LEU B CD1 1 
ATOM   976  C CD2 A LEU B 2 98  ? 2.433   9.527   2.952   0.72 30.28 ? 339  LEU B CD2 1 
ATOM   977  C CD2 B LEU B 2 98  ? 2.410   10.283  2.588   0.28 31.49 ? 339  LEU B CD2 1 
ATOM   978  N N   A GLU B 2 99  ? 5.558   10.687  5.692   0.72 31.64 ? 340  GLU B N   1 
ATOM   979  N N   B GLU B 2 99  ? 5.411   10.727  5.845   0.28 31.30 ? 340  GLU B N   1 
ATOM   980  C CA  A GLU B 2 99  ? 6.216   10.401  6.943   0.72 31.94 ? 340  GLU B CA  1 
ATOM   981  C CA  B GLU B 2 99  ? 5.901   10.304  7.154   0.28 31.50 ? 340  GLU B CA  1 
ATOM   982  C C   A GLU B 2 99  ? 6.427   8.885   7.058   0.72 32.03 ? 340  GLU B C   1 
ATOM   983  C C   B GLU B 2 99  ? 6.430   8.870   7.043   0.28 31.58 ? 340  GLU B C   1 
ATOM   984  O O   A GLU B 2 99  ? 5.824   8.103   6.307   0.72 31.94 ? 340  GLU B O   1 
ATOM   985  O O   B GLU B 2 99  ? 6.055   8.138   6.119   0.28 31.52 ? 340  GLU B O   1 
ATOM   986  C CB  A GLU B 2 99  ? 5.417   11.006  8.097   0.72 32.24 ? 340  GLU B CB  1 
ATOM   987  C CB  B GLU B 2 99  ? 4.756   10.378  8.184   0.28 31.45 ? 340  GLU B CB  1 
ATOM   988  C CG  A GLU B 2 99  ? 5.675   12.520  8.250   0.72 33.52 ? 340  GLU B CG  1 
ATOM   989  C CG  B GLU B 2 99  ? 5.173   10.252  9.663   0.28 31.70 ? 340  GLU B CG  1 
ATOM   990  C CD  A GLU B 2 99  ? 4.558   13.289  8.939   0.62 35.28 ? 340  GLU B CD  1 
ATOM   991  C CD  B GLU B 2 99  ? 3.996   10.241  10.646  0.38 31.88 ? 340  GLU B CD  1 
ATOM   992  O OE1 A GLU B 2 99  ? 3.444   12.746  9.105   0.62 37.06 ? 340  GLU B OE1 1 
ATOM   993  O OE1 B GLU B 2 99  ? 2.834   10.431  10.217  0.38 32.46 ? 340  GLU B OE1 1 
ATOM   994  O OE2 A GLU B 2 99  ? 4.794   14.460  9.298   0.62 35.16 ? 340  GLU B OE2 1 
ATOM   995  O OE2 B GLU B 2 99  ? 4.243   10.050  11.856  0.38 32.40 ? 340  GLU B OE2 1 
ATOM   996  N N   . LYS B 2 100 ? 7.317   8.481   7.961   1.00 31.56 ? 341  LYS B N   1 
ATOM   997  C CA  . LYS B 2 100 ? 7.682   7.073   8.135   1.00 31.50 ? 341  LYS B CA  1 
ATOM   998  C C   . LYS B 2 100 ? 6.405   6.241   8.320   1.00 30.87 ? 341  LYS B C   1 
ATOM   999  O O   . LYS B 2 100 ? 5.625   6.517   9.227   1.00 31.23 ? 341  LYS B O   1 
ATOM   1000 C CB  . LYS B 2 100 ? 8.619   6.910   9.352   1.00 31.07 ? 341  LYS B CB  1 
ATOM   1001 C CG  . LYS B 2 100 ? 8.977   5.464   9.695   1.00 31.20 ? 341  LYS B CG  1 
ATOM   1002 C CD  . LYS B 2 100 ? 9.856   5.390   10.939  1.00 32.27 ? 341  LYS B CD  1 
ATOM   1003 C CE  . LYS B 2 100 ? 10.152  3.952   11.316  1.00 33.66 ? 341  LYS B CE  1 
ATOM   1004 N NZ  . LYS B 2 100 ? 11.000  3.864   12.543  1.00 35.28 ? 341  LYS B NZ  1 
ATOM   1005 N N   . PRO B 2 101 ? 6.171   5.241   7.446   1.00 30.78 ? 342  PRO B N   1 
ATOM   1006 C CA  . PRO B 2 101 ? 4.990   4.388   7.650   1.00 30.60 ? 342  PRO B CA  1 
ATOM   1007 C C   . PRO B 2 101 ? 4.909   3.810   9.064   1.00 30.92 ? 342  PRO B C   1 
ATOM   1008 O O   . PRO B 2 101 ? 5.944   3.556   9.698   1.00 30.94 ? 342  PRO B O   1 
ATOM   1009 C CB  . PRO B 2 101 ? 5.173   3.294   6.603   1.00 30.21 ? 342  PRO B CB  1 
ATOM   1010 C CG  . PRO B 2 101 ? 5.942   3.974   5.516   1.00 29.76 ? 342  PRO B CG  1 
ATOM   1011 C CD  . PRO B 2 101 ? 6.916   4.851   6.232   1.00 30.15 ? 342  PRO B CD  1 
ATOM   1012 N N   A LYS B 2 102 ? 3.682   3.621   9.549   0.43 31.10 ? 343  LYS B N   1 
ATOM   1013 N N   B LYS B 2 102 ? 3.681   3.620   9.546   0.30 31.03 ? 343  LYS B N   1 
ATOM   1014 N N   C LYS B 2 102 ? 3.694   3.599   9.557   0.27 30.94 ? 343  LYS B N   1 
ATOM   1015 C CA  A LYS B 2 102 ? 3.440   3.091   10.894  0.43 31.22 ? 343  LYS B CA  1 
ATOM   1016 C CA  B LYS B 2 102 ? 3.424   3.099   10.893  0.30 31.12 ? 343  LYS B CA  1 
ATOM   1017 C CA  C LYS B 2 102 ? 3.518   3.097   10.920  0.27 30.93 ? 343  LYS B CA  1 
ATOM   1018 C C   A LYS B 2 102 ? 3.880   1.632   11.040  0.43 31.39 ? 343  LYS B C   1 
ATOM   1019 C C   B LYS B 2 102 ? 3.857   1.633   11.050  0.30 31.30 ? 343  LYS B C   1 
ATOM   1020 C C   C LYS B 2 102 ? 3.841   1.600   11.086  0.27 31.19 ? 343  LYS B C   1 
ATOM   1021 O O   A LYS B 2 102 ? 4.602   1.306   11.989  0.43 31.43 ? 343  LYS B O   1 
ATOM   1022 O O   B LYS B 2 102 ? 4.553   1.305   12.015  0.30 31.32 ? 343  LYS B O   1 
ATOM   1023 O O   C LYS B 2 102 ? 4.438   1.219   12.098  0.27 31.20 ? 343  LYS B O   1 
ATOM   1024 C CB  A LYS B 2 102 ? 1.966   3.229   11.289  0.43 31.26 ? 343  LYS B CB  1 
ATOM   1025 C CB  B LYS B 2 102 ? 1.944   3.286   11.273  0.30 31.13 ? 343  LYS B CB  1 
ATOM   1026 C CB  C LYS B 2 102 ? 2.129   3.449   11.472  0.27 30.86 ? 343  LYS B CB  1 
ATOM   1027 C CG  A LYS B 2 102 ? 1.532   4.618   11.714  0.43 31.39 ? 343  LYS B CG  1 
ATOM   1028 C CG  B LYS B 2 102 ? 1.551   2.792   12.670  0.30 31.13 ? 343  LYS B CG  1 
ATOM   1029 C CG  C LYS B 2 102 ? 1.930   4.943   11.762  0.27 30.22 ? 343  LYS B CG  1 
ATOM   1030 C CD  A LYS B 2 102 ? 0.118   4.571   12.271  0.43 31.76 ? 343  LYS B CD  1 
ATOM   1031 C CD  B LYS B 2 102 ? 0.033   2.677   12.793  0.30 31.03 ? 343  LYS B CD  1 
ATOM   1032 C CD  C LYS B 2 102 ? 2.787   5.419   12.935  0.27 29.30 ? 343  LYS B CD  1 
ATOM   1033 C CE  A LYS B 2 102 ? -0.475  5.961   12.393  0.43 31.93 ? 343  LYS B CE  1 
ATOM   1034 C CE  B LYS B 2 102 ? -0.393  1.929   14.055  0.30 30.85 ? 343  LYS B CE  1 
ATOM   1035 C CE  C LYS B 2 102 ? 2.726   6.928   13.106  0.27 28.62 ? 343  LYS B CE  1 
ATOM   1036 N NZ  A LYS B 2 102 ? -1.953  5.901   12.513  0.43 32.25 ? 343  LYS B NZ  1 
ATOM   1037 N NZ  B LYS B 2 102 ? -0.570  2.828   15.232  0.30 30.40 ? 343  LYS B NZ  1 
ATOM   1038 N NZ  C LYS B 2 102 ? 3.432   7.380   14.338  0.27 27.82 ? 343  LYS B NZ  1 
ATOM   1039 N N   . PRO B 2 103 ? 3.450   0.748   10.110  1.00 31.23 ? 344  PRO B N   1 
ATOM   1040 C CA  . PRO B 2 103 ? 3.840   -0.668  10.240  1.00 31.24 ? 344  PRO B CA  1 
ATOM   1041 C C   . PRO B 2 103 ? 5.312   -0.937  9.973   1.00 31.14 ? 344  PRO B C   1 
ATOM   1042 O O   . PRO B 2 103 ? 5.981   -0.145  9.294   1.00 30.83 ? 344  PRO B O   1 
ATOM   1043 C CB  . PRO B 2 103 ? 3.009   -1.364  9.160   1.00 31.29 ? 344  PRO B CB  1 
ATOM   1044 C CG  . PRO B 2 103 ? 2.783   -0.331  8.138   1.00 31.65 ? 344  PRO B CG  1 
ATOM   1045 C CD  . PRO B 2 103 ? 2.617   0.943   8.901   1.00 31.49 ? 344  PRO B CD  1 
ATOM   1046 N N   A ARG B 2 104 ? 5.802   -2.054  10.510  0.52 30.90 ? 345  ARG B N   1 
ATOM   1047 N N   B ARG B 2 104 ? 5.811   -2.036  10.535  0.48 30.99 ? 345  ARG B N   1 
ATOM   1048 C CA  A ARG B 2 104 ? 7.097   -2.592  10.133  0.52 30.80 ? 345  ARG B CA  1 
ATOM   1049 C CA  B ARG B 2 104 ? 7.119   -2.553  10.185  0.48 31.00 ? 345  ARG B CA  1 
ATOM   1050 C C   A ARG B 2 104 ? 6.967   -3.114  8.705   0.52 30.59 ? 345  ARG B C   1 
ATOM   1051 C C   B ARG B 2 104 ? 6.957   -3.215  8.828   0.48 30.77 ? 345  ARG B C   1 
ATOM   1052 O O   A ARG B 2 104 ? 5.852   -3.408  8.265   0.52 30.32 ? 345  ARG B O   1 
ATOM   1053 O O   B ARG B 2 104 ? 5.889   -3.735  8.519   0.48 30.69 ? 345  ARG B O   1 
ATOM   1054 C CB  A ARG B 2 104 ? 7.507   -3.735  11.070  0.52 31.00 ? 345  ARG B CB  1 
ATOM   1055 C CB  B ARG B 2 104 ? 7.597   -3.580  11.216  0.48 31.08 ? 345  ARG B CB  1 
ATOM   1056 C CG  A ARG B 2 104 ? 7.546   -3.383  12.558  0.52 31.66 ? 345  ARG B CG  1 
ATOM   1057 C CG  B ARG B 2 104 ? 7.556   -3.100  12.672  0.48 31.37 ? 345  ARG B CG  1 
ATOM   1058 C CD  A ARG B 2 104 ? 8.479   -4.316  13.322  0.52 32.73 ? 345  ARG B CD  1 
ATOM   1059 C CD  B ARG B 2 104 ? 7.835   -4.228  13.668  0.48 31.50 ? 345  ARG B CD  1 
ATOM   1060 N NE  A ARG B 2 104 ? 9.876   -3.915  13.157  0.52 33.95 ? 345  ARG B NE  1 
ATOM   1061 N NE  B ARG B 2 104 ? 6.989   -5.403  13.444  0.48 33.22 ? 345  ARG B NE  1 
ATOM   1062 C CZ  A ARG B 2 104 ? 10.927  -4.567  13.648  0.52 34.19 ? 345  ARG B CZ  1 
ATOM   1063 C CZ  B ARG B 2 104 ? 7.442   -6.615  13.126  0.48 33.59 ? 345  ARG B CZ  1 
ATOM   1064 N NH1 A ARG B 2 104 ? 10.773  -5.689  14.349  0.52 33.77 ? 345  ARG B NH1 1 
ATOM   1065 N NH1 B ARG B 2 104 ? 8.746   -6.839  13.010  0.48 33.69 ? 345  ARG B NH1 1 
ATOM   1066 N NH2 A ARG B 2 104 ? 12.146  -4.091  13.427  0.52 34.19 ? 345  ARG B NH2 1 
ATOM   1067 N NH2 B ARG B 2 104 ? 6.586   -7.613  12.940  0.48 33.44 ? 345  ARG B NH2 1 
ATOM   1068 N N   A PRO B 2 105 ? 8.091   -3.205  7.961   0.52 30.41 ? 346  PRO B N   1 
ATOM   1069 N N   B PRO B 2 105 ? 8.006   -3.173  7.995   0.48 30.60 ? 346  PRO B N   1 
ATOM   1070 C CA  A PRO B 2 105 ? 8.038   -3.887  6.659   0.52 30.27 ? 346  PRO B CA  1 
ATOM   1071 C CA  B PRO B 2 105 ? 7.940   -3.850  6.697   0.48 30.41 ? 346  PRO B CA  1 
ATOM   1072 C C   A PRO B 2 105 ? 7.593   -5.347  6.781   0.52 30.14 ? 346  PRO B C   1 
ATOM   1073 C C   B PRO B 2 105 ? 7.537   -5.325  6.808   0.48 30.23 ? 346  PRO B C   1 
ATOM   1074 O O   A PRO B 2 105 ? 6.984   -5.891  5.855   0.52 30.02 ? 346  PRO B O   1 
ATOM   1075 O O   B PRO B 2 105 ? 6.915   -5.866  5.888   0.48 30.09 ? 346  PRO B O   1 
ATOM   1076 C CB  A PRO B 2 105 ? 9.485   -3.798  6.142   0.52 30.37 ? 346  PRO B CB  1 
ATOM   1077 C CB  B PRO B 2 105 ? 9.367   -3.700  6.155   0.48 30.53 ? 346  PRO B CB  1 
ATOM   1078 C CG  A PRO B 2 105 ? 10.323  -3.472  7.346   0.52 30.17 ? 346  PRO B CG  1 
ATOM   1079 C CG  B PRO B 2 105 ? 9.870   -2.444  6.807   0.48 30.38 ? 346  PRO B CG  1 
ATOM   1080 C CD  A PRO B 2 105 ? 9.435   -2.667  8.248   0.52 30.33 ? 346  PRO B CD  1 
ATOM   1081 C CD  B PRO B 2 105 ? 9.286   -2.473  8.194   0.48 30.50 ? 346  PRO B CD  1 
ATOM   1082 N N   . GLU B 2 106 ? 7.883   -5.957  7.928   1.00 30.23 ? 347  GLU B N   1 
ATOM   1083 C CA  . GLU B 2 106 ? 7.537   -7.353  8.201   1.00 30.15 ? 347  GLU B CA  1 
ATOM   1084 C C   . GLU B 2 106 ? 6.029   -7.581  8.325   1.00 29.88 ? 347  GLU B C   1 
ATOM   1085 O O   . GLU B 2 106 ? 5.528   -8.651  7.979   1.00 29.68 ? 347  GLU B O   1 
ATOM   1086 C CB  . GLU B 2 106 ? 8.226   -7.827  9.480   1.00 30.47 ? 347  GLU B CB  1 
ATOM   1087 C CG  . GLU B 2 106 ? 9.754   -8.035  9.352   1.00 31.02 ? 347  GLU B CG  1 
ATOM   1088 C CD  . GLU B 2 106 ? 10.566  -6.789  9.653   1.00 31.13 ? 347  GLU B CD  1 
ATOM   1089 O OE1 . GLU B 2 106 ? 10.000  -5.673  9.728   1.00 29.39 ? 347  GLU B OE1 1 
ATOM   1090 O OE2 . GLU B 2 106 ? 11.786  -6.940  9.825   1.00 31.72 ? 347  GLU B OE2 1 
ATOM   1091 N N   . ASP B 2 107 ? 5.322   -6.579  8.840   1.00 29.70 ? 348  ASP B N   1 
ATOM   1092 C CA  . ASP B 2 107 ? 3.860   -6.612  8.951   1.00 29.57 ? 348  ASP B CA  1 
ATOM   1093 C C   . ASP B 2 107 ? 3.195   -6.722  7.594   1.00 29.04 ? 348  ASP B C   1 
ATOM   1094 O O   . ASP B 2 107 ? 2.188   -7.396  7.457   1.00 29.16 ? 348  ASP B O   1 
ATOM   1095 C CB  . ASP B 2 107 ? 3.346   -5.366  9.669   1.00 29.83 ? 348  ASP B CB  1 
ATOM   1096 C CG  . ASP B 2 107 ? 3.827   -5.282  11.095  1.00 30.57 ? 348  ASP B CG  1 
ATOM   1097 O OD1 . ASP B 2 107 ? 3.985   -6.344  11.729  1.00 32.97 ? 348  ASP B OD1 1 
ATOM   1098 O OD2 . ASP B 2 107 ? 4.049   -4.157  11.583  1.00 31.49 ? 348  ASP B OD2 1 
ATOM   1099 N N   A ILE B 2 108 ? 3.765   -6.049  6.602   0.89 28.97 ? 349  ILE B N   1 
ATOM   1100 N N   B ILE B 2 108 ? 3.776   -6.051  6.599   0.11 29.08 ? 349  ILE B N   1 
ATOM   1101 C CA  A ILE B 2 108 ? 3.292   -6.129  5.212   0.89 28.82 ? 349  ILE B CA  1 
ATOM   1102 C CA  B ILE B 2 108 ? 3.295   -6.102  5.217   0.11 28.97 ? 349  ILE B CA  1 
ATOM   1103 C C   A ILE B 2 108 ? 3.575   -7.511  4.615   0.89 28.59 ? 349  ILE B C   1 
ATOM   1104 C C   B ILE B 2 108 ? 3.510   -7.495  4.630   0.11 28.87 ? 349  ILE B C   1 
ATOM   1105 O O   A ILE B 2 108 ? 2.688   -8.128  3.998   0.89 28.20 ? 349  ILE B O   1 
ATOM   1106 O O   B ILE B 2 108 ? 2.580   -8.105  4.101   0.11 28.83 ? 349  ILE B O   1 
ATOM   1107 C CB  A ILE B 2 108 ? 3.917   -4.993  4.333   0.89 28.47 ? 349  ILE B CB  1 
ATOM   1108 C CB  B ILE B 2 108 ? 3.992   -5.028  4.327   0.11 28.95 ? 349  ILE B CB  1 
ATOM   1109 C CG1 A ILE B 2 108 ? 3.454   -3.610  4.830   0.89 29.10 ? 349  ILE B CG1 1 
ATOM   1110 C CG1 B ILE B 2 108 ? 3.778   -3.611  4.891   0.11 29.07 ? 349  ILE B CG1 1 
ATOM   1111 C CG2 A ILE B 2 108 ? 3.613   -5.194  2.847   0.89 27.91 ? 349  ILE B CG2 1 
ATOM   1112 C CG2 B ILE B 2 108 ? 3.535   -5.131  2.865   0.11 28.87 ? 349  ILE B CG2 1 
ATOM   1113 C CD1 A ILE B 2 108 ? 1.951   -3.292  4.632   0.89 26.61 ? 349  ILE B CD1 1 
ATOM   1114 C CD1 B ILE B 2 108 ? 2.315   -3.148  4.979   0.11 29.03 ? 349  ILE B CD1 1 
ATOM   1115 N N   A VAL B 2 109 ? 4.808   -7.990  4.809   0.89 28.44 ? 350  VAL B N   1 
ATOM   1116 N N   B VAL B 2 109 ? 4.734   -8.002  4.736   0.11 28.77 ? 350  VAL B N   1 
ATOM   1117 C CA  A VAL B 2 109 ? 5.200   -9.332  4.365   0.89 28.08 ? 350  VAL B CA  1 
ATOM   1118 C CA  B VAL B 2 109 ? 5.032   -9.347  4.243   0.11 28.63 ? 350  VAL B CA  1 
ATOM   1119 C C   A VAL B 2 109 ? 4.357   -10.408 5.058   0.89 27.82 ? 350  VAL B C   1 
ATOM   1120 C C   B VAL B 2 109 ? 4.290   -10.429 5.041   0.11 28.48 ? 350  VAL B C   1 
ATOM   1121 O O   A VAL B 2 109 ? 4.056   -11.438 4.473   0.89 27.65 ? 350  VAL B O   1 
ATOM   1122 O O   B VAL B 2 109 ? 4.003   -11.504 4.511   0.11 28.43 ? 350  VAL B O   1 
ATOM   1123 C CB  A VAL B 2 109 ? 6.737   -9.599  4.547   0.89 28.15 ? 350  VAL B CB  1 
ATOM   1124 C CB  B VAL B 2 109 ? 6.573   -9.620  4.128   0.11 28.68 ? 350  VAL B CB  1 
ATOM   1125 C CG1 A VAL B 2 109 ? 7.090   -11.026 4.133   0.89 27.52 ? 350  VAL B CG1 1 
ATOM   1126 C CG1 B VAL B 2 109 ? 7.264   -9.504  5.468   0.11 28.61 ? 350  VAL B CG1 1 
ATOM   1127 C CG2 A VAL B 2 109 ? 7.551   -8.607  3.732   0.89 26.18 ? 350  VAL B CG2 1 
ATOM   1128 C CG2 B VAL B 2 109 ? 6.852   -10.980 3.489   0.11 28.63 ? 350  VAL B CG2 1 
ATOM   1129 N N   . ASN B 2 110 ? 3.960   -10.139 6.299   1.00 28.29 ? 351  ASN B N   1 
ATOM   1130 C CA  . ASN B 2 110 ? 3.139   -11.061 7.097   1.00 28.48 ? 351  ASN B CA  1 
ATOM   1131 C C   . ASN B 2 110 ? 1.634   -10.986 6.771   1.00 28.81 ? 351  ASN B C   1 
ATOM   1132 O O   . ASN B 2 110 ? 0.822   -11.649 7.422   1.00 28.66 ? 351  ASN B O   1 
ATOM   1133 C CB  . ASN B 2 110 ? 3.384   -10.870 8.598   1.00 28.55 ? 351  ASN B CB  1 
ATOM   1134 C CG  . ASN B 2 110 ? 4.654   -11.565 9.088   1.00 29.44 ? 351  ASN B CG  1 
ATOM   1135 O OD1 . ASN B 2 110 ? 5.096   -12.567 8.515   1.00 30.86 ? 351  ASN B OD1 1 
ATOM   1136 N ND2 . ASN B 2 110 ? 5.232   -11.045 10.168  1.00 28.90 ? 351  ASN B ND2 1 
ATOM   1137 N N   . CYS B 2 111 ? 1.283   -10.192 5.758   1.00 28.85 ? 352  CYS B N   1 
ATOM   1138 C CA  . CYS B 2 111 ? -0.091  -10.029 5.291   1.00 30.01 ? 352  CYS B CA  1 
ATOM   1139 C C   . CYS B 2 111 ? -1.013  -9.447  6.353   1.00 29.72 ? 352  CYS B C   1 
ATOM   1140 O O   . CYS B 2 111 ? -2.186  -9.830  6.412   1.00 29.86 ? 352  CYS B O   1 
ATOM   1141 C CB  . CYS B 2 111 ? -0.695  -11.354 4.775   1.00 30.15 ? 352  CYS B CB  1 
ATOM   1142 S SG  . CYS B 2 111 ? 0.088   -12.087 3.313   1.00 33.75 ? 352  CYS B SG  1 
ATOM   1143 N N   . ASP B 2 112 ? -0.499  -8.552  7.199   1.00 29.38 ? 353  ASP B N   1 
ATOM   1144 C CA  . ASP B 2 112 ? -1.361  -7.881  8.169   1.00 29.58 ? 353  ASP B CA  1 
ATOM   1145 C C   . ASP B 2 112 ? -2.214  -6.880  7.387   1.00 29.06 ? 353  ASP B C   1 
ATOM   1146 O O   . ASP B 2 112 ? -1.680  -5.957  6.767   1.00 29.14 ? 353  ASP B O   1 
ATOM   1147 C CB  . ASP B 2 112 ? -0.544  -7.184  9.266   1.00 29.88 ? 353  ASP B CB  1 
ATOM   1148 C CG  . ASP B 2 112 ? -1.424  -6.533  10.334  0.98 30.86 ? 353  ASP B CG  1 
ATOM   1149 O OD1 . ASP B 2 112 ? -2.121  -7.254  11.075  0.98 34.76 ? 353  ASP B OD1 1 
ATOM   1150 O OD2 . ASP B 2 112 ? -1.416  -5.295  10.452  0.98 32.27 ? 353  ASP B OD2 1 
ATOM   1151 N N   . LEU B 2 113 ? -3.527  -7.093  7.390   1.00 28.56 ? 354  LEU B N   1 
ATOM   1152 C CA  . LEU B 2 113 ? -4.429  -6.311  6.534   1.00 28.17 ? 354  LEU B CA  1 
ATOM   1153 C C   . LEU B 2 113 ? -4.553  -4.822  6.932   1.00 27.85 ? 354  LEU B C   1 
ATOM   1154 O O   . LEU B 2 113 ? -4.616  -3.946  6.062   1.00 27.70 ? 354  LEU B O   1 
ATOM   1155 C CB  . LEU B 2 113 ? -5.808  -6.971  6.443   1.00 28.06 ? 354  LEU B CB  1 
ATOM   1156 C CG  . LEU B 2 113 ? -6.850  -6.300  5.532   1.00 27.97 ? 354  LEU B CG  1 
ATOM   1157 C CD1 . LEU B 2 113 ? -6.373  -6.255  4.079   1.00 28.23 ? 354  LEU B CD1 1 
ATOM   1158 C CD2 . LEU B 2 113 ? -8.205  -6.993  5.637   1.00 27.93 ? 354  LEU B CD2 1 
ATOM   1159 N N   A LYS B 2 114 ? -4.620  -4.564  8.240   0.44 27.38 ? 355  LYS B N   1 
ATOM   1160 N N   B LYS B 2 114 ? -4.593  -4.563  8.234   0.56 27.41 ? 355  LYS B N   1 
ATOM   1161 C CA  A LYS B 2 114 ? -4.632  -3.206  8.782   0.44 27.20 ? 355  LYS B CA  1 
ATOM   1162 C CA  B LYS B 2 114 ? -4.653  -3.212  8.756   0.56 27.35 ? 355  LYS B CA  1 
ATOM   1163 C C   A LYS B 2 114 ? -3.426  -2.433  8.273   0.44 27.09 ? 355  LYS B C   1 
ATOM   1164 C C   B LYS B 2 114 ? -3.428  -2.424  8.299   0.56 27.13 ? 355  LYS B C   1 
ATOM   1165 O O   A LYS B 2 114 ? -3.564  -1.321  7.769   0.44 26.78 ? 355  LYS B O   1 
ATOM   1166 O O   B LYS B 2 114 ? -3.555  -1.292  7.839   0.56 26.73 ? 355  LYS B O   1 
ATOM   1167 C CB  A LYS B 2 114 ? -4.604  -3.233  10.314  0.44 27.14 ? 355  LYS B CB  1 
ATOM   1168 C CB  B LYS B 2 114 ? -4.735  -3.255  10.283  0.56 27.37 ? 355  LYS B CB  1 
ATOM   1169 C CG  A LYS B 2 114 ? -5.959  -3.248  10.983  0.44 26.90 ? 355  LYS B CG  1 
ATOM   1170 C CG  B LYS B 2 114 ? -5.399  -2.057  10.913  0.56 27.62 ? 355  LYS B CG  1 
ATOM   1171 C CD  A LYS B 2 114 ? -5.845  -3.586  12.469  0.44 27.10 ? 355  LYS B CD  1 
ATOM   1172 C CD  B LYS B 2 114 ? -5.574  -2.243  12.414  0.56 29.35 ? 355  LYS B CD  1 
ATOM   1173 C CE  A LYS B 2 114 ? -7.065  -3.096  13.231  0.44 27.63 ? 355  LYS B CE  1 
ATOM   1174 C CE  B LYS B 2 114 ? -6.739  -3.157  12.756  0.56 29.64 ? 355  LYS B CE  1 
ATOM   1175 N NZ  A LYS B 2 114 ? -7.211  -3.709  14.589  0.44 27.52 ? 355  LYS B NZ  1 
ATOM   1176 N NZ  B LYS B 2 114 ? -7.000  -3.191  14.225  0.56 30.74 ? 355  LYS B NZ  1 
ATOM   1177 N N   . SER B 2 115 ? -2.248  -3.048  8.412   1.00 27.26 ? 356  SER B N   1 
ATOM   1178 C CA  . SER B 2 115 ? -0.980  -2.469  7.943   1.00 26.87 ? 356  SER B CA  1 
ATOM   1179 C C   . SER B 2 115 ? -1.001  -2.215  6.448   1.00 26.69 ? 356  SER B C   1 
ATOM   1180 O O   . SER B 2 115 ? -0.542  -1.190  5.985   1.00 26.39 ? 356  SER B O   1 
ATOM   1181 C CB  . SER B 2 115 ? 0.201   -3.388  8.277   1.00 26.60 ? 356  SER B CB  1 
ATOM   1182 O OG  . SER B 2 115 ? 0.300   -3.605  9.669   1.00 27.79 ? 356  SER B OG  1 
ATOM   1183 N N   . THR B 2 116 ? -1.546  -3.158  5.696   1.00 27.30 ? 357  THR B N   1 
ATOM   1184 C CA  . THR B 2 116 ? -1.631  -3.014  4.251   1.00 27.86 ? 357  THR B CA  1 
ATOM   1185 C C   . THR B 2 116 ? -2.598  -1.878  3.911   1.00 27.86 ? 357  THR B C   1 
ATOM   1186 O O   . THR B 2 116 ? -2.299  -1.057  3.043   1.00 28.20 ? 357  THR B O   1 
ATOM   1187 C CB  . THR B 2 116 ? -1.988  -4.367  3.590   1.00 28.03 ? 357  THR B CB  1 
ATOM   1188 O OG1 . THR B 2 116 ? -1.026  -5.344  4.010   1.00 29.74 ? 357  THR B OG1 1 
ATOM   1189 C CG2 . THR B 2 116 ? -1.972  -4.289  2.058   1.00 28.43 ? 357  THR B CG2 1 
ATOM   1190 N N   . LEU B 2 117 ? -3.720  -1.796  4.636   1.00 27.32 ? 358  LEU B N   1 
ATOM   1191 C CA  . LEU B 2 117 ? -4.702  -0.720  4.405   1.00 27.37 ? 358  LEU B CA  1 
ATOM   1192 C C   . LEU B 2 117 ? -4.168  0.676   4.713   1.00 27.04 ? 358  LEU B C   1 
ATOM   1193 O O   . LEU B 2 117 ? -4.463  1.609   3.987   1.00 27.10 ? 358  LEU B O   1 
ATOM   1194 C CB  . LEU B 2 117 ? -6.019  -0.966  5.157   1.00 26.70 ? 358  LEU B CB  1 
ATOM   1195 C CG  . LEU B 2 117 ? -6.801  -2.208  4.735   1.00 26.98 ? 358  LEU B CG  1 
ATOM   1196 C CD1 . LEU B 2 117 ? -8.099  -2.359  5.528   1.00 26.30 ? 358  LEU B CD1 1 
ATOM   1197 C CD2 . LEU B 2 117 ? -7.079  -2.201  3.243   1.00 27.16 ? 358  LEU B CD2 1 
ATOM   1198 N N   . ARG B 2 118 ? -3.387  0.800   5.785   1.00 26.93 ? 359  ARG B N   1 
ATOM   1199 C CA  . ARG B 2 118 ? -2.792  2.070   6.197   1.00 26.90 ? 359  ARG B CA  1 
ATOM   1200 C C   . ARG B 2 118 ? -1.819  2.602   5.154   1.00 27.20 ? 359  ARG B C   1 
ATOM   1201 O O   . ARG B 2 118 ? -1.875  3.779   4.771   1.00 27.13 ? 359  ARG B O   1 
ATOM   1202 C CB  . ARG B 2 118 ? -2.040  1.896   7.517   1.00 27.36 ? 359  ARG B CB  1 
ATOM   1203 C CG  . ARG B 2 118 ? -2.918  1.729   8.729   1.00 27.29 ? 359  ARG B CG  1 
ATOM   1204 C CD  . ARG B 2 118 ? -2.088  1.440   9.969   1.00 28.77 ? 359  ARG B CD  1 
ATOM   1205 N NE  . ARG B 2 118 ? -2.923  1.500   11.169  1.00 30.35 ? 359  ARG B NE  1 
ATOM   1206 C CZ  . ARG B 2 118 ? -3.056  0.515   12.053  1.00 31.37 ? 359  ARG B CZ  1 
ATOM   1207 N NH1 . ARG B 2 118 ? -2.372  -0.616  11.913  1.00 32.71 ? 359  ARG B NH1 1 
ATOM   1208 N NH2 . ARG B 2 118 ? -3.855  0.673   13.098  1.00 32.73 ? 359  ARG B NH2 1 
ATOM   1209 N N   . VAL B 2 119 ? -0.910  1.731   4.716   1.00 27.05 ? 360  VAL B N   1 
ATOM   1210 C CA  . VAL B 2 119 ? 0.061   2.099   3.698   1.00 26.41 ? 360  VAL B CA  1 
ATOM   1211 C C   . VAL B 2 119 ? -0.681  2.561   2.440   1.00 26.72 ? 360  VAL B C   1 
ATOM   1212 O O   . VAL B 2 119 ? -0.439  3.648   1.954   1.00 26.52 ? 360  VAL B O   1 
ATOM   1213 C CB  . VAL B 2 119 ? 1.096   0.946   3.426   1.00 26.19 ? 360  VAL B CB  1 
ATOM   1214 C CG1 . VAL B 2 119 ? 1.856   1.148   2.107   1.00 24.11 ? 360  VAL B CG1 1 
ATOM   1215 C CG2 . VAL B 2 119 ? 2.056   0.825   4.585   1.00 24.50 ? 360  VAL B CG2 1 
ATOM   1216 N N   . LEU B 2 120 ? -1.605  1.745   1.941   1.00 27.22 ? 361  LEU B N   1 
ATOM   1217 C CA  . LEU B 2 120 ? -2.325  2.064   0.707   1.00 27.49 ? 361  LEU B CA  1 
ATOM   1218 C C   . LEU B 2 120 ? -3.195  3.329   0.808   1.00 28.19 ? 361  LEU B C   1 
ATOM   1219 O O   . LEU B 2 120 ? -3.263  4.116   -0.130  1.00 28.11 ? 361  LEU B O   1 
ATOM   1220 C CB  . LEU B 2 120 ? -3.140  0.853   0.233   1.00 27.18 ? 361  LEU B CB  1 
ATOM   1221 C CG  . LEU B 2 120 ? -2.307  -0.353  -0.221  1.00 26.64 ? 361  LEU B CG  1 
ATOM   1222 C CD1 . LEU B 2 120 ? -3.203  -1.472  -0.691  1.00 24.98 ? 361  LEU B CD1 1 
ATOM   1223 C CD2 . LEU B 2 120 ? -1.293  -0.001  -1.303  1.00 24.83 ? 361  LEU B CD2 1 
ATOM   1224 N N   . TYR B 2 121 ? -3.824  3.539   1.959   1.00 29.46 ? 362  TYR B N   1 
ATOM   1225 C CA  . TYR B 2 121 ? -4.650  4.718   2.180   1.00 29.92 ? 362  TYR B CA  1 
ATOM   1226 C C   . TYR B 2 121 ? -3.842  6.016   2.173   1.00 30.42 ? 362  TYR B C   1 
ATOM   1227 O O   . TYR B 2 121 ? -4.301  7.033   1.632   1.00 30.74 ? 362  TYR B O   1 
ATOM   1228 C CB  . TYR B 2 121 ? -5.470  4.591   3.466   1.00 30.35 ? 362  TYR B CB  1 
ATOM   1229 C CG  . TYR B 2 121 ? -6.327  5.814   3.759   1.00 31.27 ? 362  TYR B CG  1 
ATOM   1230 C CD1 . TYR B 2 121 ? -7.373  6.187   2.908   1.00 31.64 ? 362  TYR B CD1 1 
ATOM   1231 C CD2 . TYR B 2 121 ? -6.075  6.607   4.871   1.00 31.97 ? 362  TYR B CD2 1 
ATOM   1232 C CE1 . TYR B 2 121 ? -8.150  7.313   3.174   1.00 31.07 ? 362  TYR B CE1 1 
ATOM   1233 C CE2 . TYR B 2 121 ? -6.846  7.734   5.141   1.00 31.44 ? 362  TYR B CE2 1 
ATOM   1234 C CZ  . TYR B 2 121 ? -7.879  8.080   4.289   1.00 31.50 ? 362  TYR B CZ  1 
ATOM   1235 O OH  . TYR B 2 121 ? -8.640  9.211   4.562   1.00 33.87 ? 362  TYR B OH  1 
ATOM   1236 N N   . ASN B 2 122 ? -2.653  5.982   2.771   1.00 30.42 ? 363  ASN B N   1 
ATOM   1237 C CA  . ASN B 2 122 ? -1.779  7.149   2.806   1.00 30.82 ? 363  ASN B CA  1 
ATOM   1238 C C   . ASN B 2 122 ? -1.240  7.514   1.422   1.00 30.72 ? 363  ASN B C   1 
ATOM   1239 O O   . ASN B 2 122 ? -0.981  8.680   1.146   1.00 30.91 ? 363  ASN B O   1 
ATOM   1240 C CB  . ASN B 2 122 ? -0.634  6.961   3.815   1.00 31.03 ? 363  ASN B CB  1 
ATOM   1241 C CG  . ASN B 2 122 ? -1.106  6.987   5.273   1.00 31.58 ? 363  ASN B CG  1 
ATOM   1242 O OD1 . ASN B 2 122 ? -2.206  7.427   5.574   1.00 32.64 ? 363  ASN B OD1 1 
ATOM   1243 N ND2 . ASN B 2 122 ? -0.259  6.519   6.181   1.00 31.10 ? 363  ASN B ND2 1 
ATOM   1244 N N   . LEU B 2 123 ? -1.074  6.514   0.560   1.00 30.58 ? 364  LEU B N   1 
ATOM   1245 C CA  . LEU B 2 123 ? -0.751  6.746   -0.851  1.00 30.83 ? 364  LEU B CA  1 
ATOM   1246 C C   . LEU B 2 123 ? -1.964  7.331   -1.561  1.00 30.68 ? 364  LEU B C   1 
ATOM   1247 O O   . LEU B 2 123 ? -1.848  8.275   -2.334  1.00 30.75 ? 364  LEU B O   1 
ATOM   1248 C CB  . LEU B 2 123 ? -0.338  5.448   -1.541  1.00 30.15 ? 364  LEU B CB  1 
ATOM   1249 C CG  . LEU B 2 123 ? 0.958   4.779   -1.089  1.00 30.91 ? 364  LEU B CG  1 
ATOM   1250 C CD1 . LEU B 2 123 ? 1.220   3.528   -1.910  1.00 27.88 ? 364  LEU B CD1 1 
ATOM   1251 C CD2 . LEU B 2 123 ? 2.125   5.772   -1.182  1.00 31.09 ? 364  LEU B CD2 1 
ATOM   1252 N N   . PHE B 2 124 ? -3.123  6.757   -1.276  1.00 30.87 ? 365  PHE B N   1 
ATOM   1253 C CA  . PHE B 2 124 ? -4.398  7.225   -1.811  1.00 31.46 ? 365  PHE B CA  1 
ATOM   1254 C C   . PHE B 2 124 ? -4.631  8.718   -1.537  1.00 31.40 ? 365  PHE B C   1 
ATOM   1255 O O   . PHE B 2 124 ? -5.005  9.462   -2.439  1.00 31.44 ? 365  PHE B O   1 
ATOM   1256 C CB  . PHE B 2 124 ? -5.541  6.380   -1.242  1.00 31.43 ? 365  PHE B CB  1 
ATOM   1257 C CG  . PHE B 2 124 ? -6.909  6.897   -1.577  1.00 32.70 ? 365  PHE B CG  1 
ATOM   1258 C CD1 . PHE B 2 124 ? -7.590  6.418   -2.695  1.00 34.21 ? 365  PHE B CD1 1 
ATOM   1259 C CD2 . PHE B 2 124 ? -7.527  7.851   -0.772  1.00 32.30 ? 365  PHE B CD2 1 
ATOM   1260 C CE1 . PHE B 2 124 ? -8.870  6.890   -3.011  1.00 35.68 ? 365  PHE B CE1 1 
ATOM   1261 C CE2 . PHE B 2 124 ? -8.796  8.329   -1.079  1.00 34.21 ? 365  PHE B CE2 1 
ATOM   1262 C CZ  . PHE B 2 124 ? -9.470  7.852   -2.201  1.00 34.42 ? 365  PHE B CZ  1 
ATOM   1263 N N   A THR B 2 125 ? -4.404  9.155   -0.300  0.47 31.25 ? 366  THR B N   1 
ATOM   1264 N N   B THR B 2 125 ? -4.391  9.125   -0.295  0.53 31.44 ? 366  THR B N   1 
ATOM   1265 C CA  A THR B 2 125 ? -4.639  10.560  0.058   0.47 31.07 ? 366  THR B CA  1 
ATOM   1266 C CA  B THR B 2 125 ? -4.601  10.498  0.149   0.53 31.51 ? 366  THR B CA  1 
ATOM   1267 C C   A THR B 2 125 ? -3.560  11.497  -0.472  0.47 31.28 ? 366  THR B C   1 
ATOM   1268 C C   B THR B 2 125 ? -3.571  11.462  -0.449  0.53 31.50 ? 366  THR B C   1 
ATOM   1269 O O   A THR B 2 125 ? -3.856  12.632  -0.866  0.47 31.06 ? 366  THR B O   1 
ATOM   1270 O O   B THR B 2 125 ? -3.914  12.570  -0.885  0.53 31.32 ? 366  THR B O   1 
ATOM   1271 C CB  A THR B 2 125 ? -4.794  10.778  1.581   0.47 31.06 ? 366  THR B CB  1 
ATOM   1272 C CB  B THR B 2 125 ? -4.619  10.557  1.702   0.53 31.52 ? 366  THR B CB  1 
ATOM   1273 O OG1 A THR B 2 125 ? -3.632  10.298  2.266   0.47 30.20 ? 366  THR B OG1 1 
ATOM   1274 O OG1 B THR B 2 125 ? -5.910  10.143  2.170   0.53 31.92 ? 366  THR B OG1 1 
ATOM   1275 C CG2 A THR B 2 125 ? -6.038  10.071  2.101   0.47 31.09 ? 366  THR B CG2 1 
ATOM   1276 C CG2 B THR B 2 125 ? -4.339  11.951  2.216   0.53 31.99 ? 366  THR B CG2 1 
ATOM   1277 N N   . LYS B 2 126 ? -2.313  11.034  -0.475  1.00 31.40 ? 367  LYS B N   1 
ATOM   1278 C CA  . LYS B 2 126 ? -1.238  11.838  -1.047  1.00 31.67 ? 367  LYS B CA  1 
ATOM   1279 C C   . LYS B 2 126 ? -1.356  11.968  -2.568  1.00 31.07 ? 367  LYS B C   1 
ATOM   1280 O O   . LYS B 2 126 ? -1.179  13.058  -3.102  1.00 31.64 ? 367  LYS B O   1 
ATOM   1281 C CB  . LYS B 2 126 ? 0.153   11.328  -0.646  1.00 32.14 ? 367  LYS B CB  1 
ATOM   1282 C CG  . LYS B 2 126 ? 1.264   12.124  -1.340  1.00 34.57 ? 367  LYS B CG  1 
ATOM   1283 C CD  . LYS B 2 126 ? 2.478   12.368  -0.476  1.00 37.23 ? 367  LYS B CD  1 
ATOM   1284 C CE  . LYS B 2 126 ? 3.383   13.384  -1.146  1.00 38.60 ? 367  LYS B CE  1 
ATOM   1285 N NZ  . LYS B 2 126 ? 4.167   14.128  -0.130  1.00 41.41 ? 367  LYS B NZ  1 
ATOM   1286 N N   . TYR B 2 127 ? -1.677  10.874  -3.253  1.00 30.59 ? 368  TYR B N   1 
ATOM   1287 C CA  . TYR B 2 127 ? -1.590  10.830  -4.713  1.00 29.78 ? 368  TYR B CA  1 
ATOM   1288 C C   . TYR B 2 127 ? -2.939  10.719  -5.408  1.00 29.60 ? 368  TYR B C   1 
ATOM   1289 O O   . TYR B 2 127 ? -3.024  10.230  -6.528  1.00 29.59 ? 368  TYR B O   1 
ATOM   1290 C CB  . TYR B 2 127 ? -0.671  9.690   -5.164  1.00 30.08 ? 368  TYR B CB  1 
ATOM   1291 C CG  . TYR B 2 127 ? 0.761   9.804   -4.688  1.00 30.09 ? 368  TYR B CG  1 
ATOM   1292 C CD1 . TYR B 2 127 ? 1.644   10.713  -5.275  1.00 30.45 ? 368  TYR B CD1 1 
ATOM   1293 C CD2 . TYR B 2 127 ? 1.237   8.999   -3.654  1.00 29.69 ? 368  TYR B CD2 1 
ATOM   1294 C CE1 . TYR B 2 127 ? 2.960   10.828  -4.835  1.00 29.79 ? 368  TYR B CE1 1 
ATOM   1295 C CE2 . TYR B 2 127 ? 2.553   9.104   -3.212  1.00 29.43 ? 368  TYR B CE2 1 
ATOM   1296 C CZ  . TYR B 2 127 ? 3.406   10.016  -3.806  1.00 30.50 ? 368  TYR B CZ  1 
ATOM   1297 O OH  . TYR B 2 127 ? 4.711   10.116  -3.372  1.00 31.20 ? 368  TYR B OH  1 
ATOM   1298 N N   . ARG B 2 128 ? -3.976  11.217  -4.740  1.00 29.45 ? 369  ARG B N   1 
ATOM   1299 C CA  . ARG B 2 128 ? -5.351  11.247  -5.231  1.00 29.36 ? 369  ARG B CA  1 
ATOM   1300 C C   . ARG B 2 128 ? -5.495  11.841  -6.638  1.00 29.26 ? 369  ARG B C   1 
ATOM   1301 O O   . ARG B 2 128 ? -6.332  11.396  -7.413  1.00 29.46 ? 369  ARG B O   1 
ATOM   1302 C CB  . ARG B 2 128 ? -6.206  12.040  -4.233  1.00 29.31 ? 369  ARG B CB  1 
ATOM   1303 C CG  . ARG B 2 128 ? -7.697  12.022  -4.495  1.00 30.34 ? 369  ARG B CG  1 
ATOM   1304 C CD  . ARG B 2 128 ? -8.423  13.061  -3.657  1.00 29.76 ? 369  ARG B CD  1 
ATOM   1305 N NE  . ARG B 2 128 ? -8.172  12.877  -2.228  1.00 29.32 ? 369  ARG B NE  1 
ATOM   1306 C CZ  . ARG B 2 128 ? -8.884  12.081  -1.440  1.00 29.13 ? 369  ARG B CZ  1 
ATOM   1307 N NH1 . ARG B 2 128 ? -9.901  11.386  -1.941  1.00 28.85 ? 369  ARG B NH1 1 
ATOM   1308 N NH2 . ARG B 2 128 ? -8.577  11.980  -0.154  1.00 27.87 ? 369  ARG B NH2 1 
ATOM   1309 N N   . ASN B 2 129 ? -4.680  12.844  -6.958  1.00 29.40 ? 370  ASN B N   1 
ATOM   1310 C CA  . ASN B 2 129 ? -4.784  13.576  -8.228  1.00 29.42 ? 370  ASN B CA  1 
ATOM   1311 C C   . ASN B 2 129 ? -3.912  13.075  -9.385  1.00 29.82 ? 370  ASN B C   1 
ATOM   1312 O O   . ASN B 2 129 ? -4.045  13.563  -10.507 1.00 29.68 ? 370  ASN B O   1 
ATOM   1313 C CB  . ASN B 2 129 ? -4.527  15.067  -8.000  1.00 29.14 ? 370  ASN B CB  1 
ATOM   1314 C CG  . ASN B 2 129 ? -5.451  15.667  -6.962  1.00 28.28 ? 370  ASN B CG  1 
ATOM   1315 O OD1 . ASN B 2 129 ? -5.024  16.483  -6.146  1.00 27.48 ? 370  ASN B OD1 1 
ATOM   1316 N ND2 . ASN B 2 129 ? -6.718  15.257  -6.976  1.00 25.26 ? 370  ASN B ND2 1 
ATOM   1317 N N   . VAL B 2 130 ? -3.033  12.107  -9.127  1.00 30.66 ? 371  VAL B N   1 
ATOM   1318 C CA  . VAL B 2 130 ? -2.201  11.546  -10.197 1.00 31.40 ? 371  VAL B CA  1 
ATOM   1319 C C   . VAL B 2 130 ? -3.079  10.835  -11.238 1.00 32.41 ? 371  VAL B C   1 
ATOM   1320 O O   . VAL B 2 130 ? -3.871  9.956   -10.904 1.00 32.50 ? 371  VAL B O   1 
ATOM   1321 C CB  . VAL B 2 130 ? -1.084  10.612  -9.662  1.00 31.15 ? 371  VAL B CB  1 
ATOM   1322 C CG1 . VAL B 2 130 ? -0.284  9.992   -10.820 1.00 30.61 ? 371  VAL B CG1 1 
ATOM   1323 C CG2 . VAL B 2 130 ? -0.148  11.374  -8.720  1.00 31.04 ? 371  VAL B CG2 1 
ATOM   1324 N N   . GLU B 2 131 ? -2.945  11.253  -12.492 1.00 33.96 ? 372  GLU B N   1 
ATOM   1325 C CA  . GLU B 2 131 ? -3.748  10.718  -13.591 1.00 35.64 ? 372  GLU B CA  1 
ATOM   1326 C C   . GLU B 2 131 ? -3.221  9.360   -14.047 1.00 36.34 ? 372  GLU B C   1 
ATOM   1327 O O   . GLU B 2 131 ? -2.008  9.122   -14.011 1.00 36.73 ? 372  GLU B O   1 
ATOM   1328 C CB  . GLU B 2 131 ? -3.756  11.696  -14.765 1.00 35.96 ? 372  GLU B CB  1 
ATOM   1329 C CG  . GLU B 2 131 ? -4.579  12.961  -14.520 1.00 38.03 ? 372  GLU B CG  1 
ATOM   1330 C CD  . GLU B 2 131 ? -4.061  14.174  -15.291 1.00 40.53 ? 372  GLU B CD  1 
ATOM   1331 O OE1 . GLU B 2 131 ? -2.855  14.502  -15.172 1.00 42.29 ? 372  GLU B OE1 1 
ATOM   1332 O OE2 . GLU B 2 131 ? -4.863  14.815  -16.003 1.00 40.45 ? 372  GLU B OE2 1 
ATOM   1333 O OXT . GLU B 2 131 ? -3.991  8.478   -14.455 1.00 36.84 ? 372  GLU B OXT 1 
HETATM 1334 O O1  . PG4 C 3 .   ? 8.401   -17.061 -1.807  1.00 41.11 ? 1373 PG4 B O1  1 
HETATM 1335 C C1  . PG4 C 3 .   ? 9.501   -16.796 -0.927  1.00 41.60 ? 1373 PG4 B C1  1 
HETATM 1336 C C2  . PG4 C 3 .   ? 9.298   -17.407 0.457   1.00 41.26 ? 1373 PG4 B C2  1 
HETATM 1337 O O2  . PG4 C 3 .   ? 8.280   -16.713 1.174   1.00 42.50 ? 1373 PG4 B O2  1 
HETATM 1338 C C3  . PG4 C 3 .   ? 8.744   -16.249 2.445   1.00 43.25 ? 1373 PG4 B C3  1 
HETATM 1339 C C4  . PG4 C 3 .   ? 7.606   -15.713 3.317   1.00 44.31 ? 1373 PG4 B C4  1 
HETATM 1340 O O3  . PG4 C 3 .   ? 6.892   -14.653 2.677   1.00 44.99 ? 1373 PG4 B O3  1 
HETATM 1341 C C5  . PG4 C 3 .   ? 5.581   -15.068 2.281   1.00 45.70 ? 1373 PG4 B C5  1 
HETATM 1342 C C6  . PG4 C 3 .   ? 4.582   -13.916 2.337   1.00 45.79 ? 1373 PG4 B C6  1 
HETATM 1343 O O4  . PG4 C 3 .   ? 4.521   -13.228 1.087   1.00 46.12 ? 1373 PG4 B O4  1 
HETATM 1344 C C7  . PG4 C 3 .   ? 3.650   -13.853 0.149   1.00 45.86 ? 1373 PG4 B C7  1 
HETATM 1345 C C8  . PG4 C 3 .   ? 3.846   -13.180 -1.199  1.00 45.86 ? 1373 PG4 B C8  1 
HETATM 1346 O O5  . PG4 C 3 .   ? 4.482   -14.086 -2.104  1.00 46.27 ? 1373 PG4 B O5  1 
HETATM 1347 C C1  . EDO D 4 .   ? -6.375  8.265   -7.134  1.00 44.50 ? 1374 EDO B C1  1 
HETATM 1348 O O1  . EDO D 4 .   ? -7.794  8.206   -7.307  1.00 44.55 ? 1374 EDO B O1  1 
HETATM 1349 C C2  . EDO D 4 .   ? -5.698  8.576   -8.466  1.00 43.69 ? 1374 EDO B C2  1 
HETATM 1350 O O2  . EDO D 4 .   ? -4.280  8.684   -8.323  1.00 41.01 ? 1374 EDO B O2  1 
HETATM 1351 C C1  . PGE E 5 .   ? 6.419   -11.180 -9.307  1.00 61.45 ? 1375 PGE B C1  1 
HETATM 1352 O O1  . PGE E 5 .   ? 6.945   -11.904 -8.188  1.00 61.34 ? 1375 PGE B O1  1 
HETATM 1353 C C2  . PGE E 5 .   ? 5.556   -10.010 -8.836  1.00 61.89 ? 1375 PGE B C2  1 
HETATM 1354 O O2  . PGE E 5 .   ? 4.773   -10.353 -7.691  1.00 61.72 ? 1375 PGE B O2  1 
HETATM 1355 C C3  . PGE E 5 .   ? 3.386   -10.156 -7.952  1.00 62.70 ? 1375 PGE B C3  1 
HETATM 1356 C C4  . PGE E 5 .   ? 2.620   -9.871  -6.664  1.00 63.22 ? 1375 PGE B C4  1 
HETATM 1357 O O4  . PGE E 5 .   ? 0.713   -12.877 -8.473  1.00 66.64 ? 1375 PGE B O4  1 
HETATM 1358 C C6  . PGE E 5 .   ? -0.108  -12.141 -7.557  1.00 65.61 ? 1375 PGE B C6  1 
HETATM 1359 C C5  . PGE E 5 .   ? 0.491   -10.758 -7.313  1.00 65.04 ? 1375 PGE B C5  1 
HETATM 1360 O O3  . PGE E 5 .   ? 1.618   -10.866 -6.438  1.00 64.38 ? 1375 PGE B O3  1 
HETATM 1361 C C1  . EDO F 4 .   ? 2.616   4.608   4.590   1.00 25.75 ? 1376 EDO B C1  1 
HETATM 1362 O O1  . EDO F 4 .   ? 1.978   5.319   5.634   1.00 25.58 ? 1376 EDO B O1  1 
HETATM 1363 C C2  . EDO F 4 .   ? 2.535   5.460   3.343   1.00 25.87 ? 1376 EDO B C2  1 
HETATM 1364 O O2  . EDO F 4 .   ? 1.608   4.845   2.457   1.00 23.23 ? 1376 EDO B O2  1 
HETATM 1365 C C1  . PGE G 5 .   ? 17.990  8.079   -3.558  1.00 65.53 ? 1377 PGE B C1  1 
HETATM 1366 O O1  . PGE G 5 .   ? 18.979  8.362   -2.557  1.00 63.93 ? 1377 PGE B O1  1 
HETATM 1367 C C2  . PGE G 5 .   ? 16.908  9.155   -3.552  1.00 65.50 ? 1377 PGE B C2  1 
HETATM 1368 O O2  . PGE G 5 .   ? 16.637  9.586   -4.889  1.00 66.32 ? 1377 PGE B O2  1 
HETATM 1369 C C3  . PGE G 5 .   ? 15.418  10.332  -4.997  1.00 65.98 ? 1377 PGE B C3  1 
HETATM 1370 C C4  . PGE G 5 .   ? 14.413  9.636   -5.916  1.00 65.10 ? 1377 PGE B C4  1 
HETATM 1371 O O4  . PGE G 5 .   ? 14.879  5.551   -8.268  1.00 61.32 ? 1377 PGE B O4  1 
HETATM 1372 C C6  . PGE G 5 .   ? 15.114  6.239   -7.036  1.00 62.39 ? 1377 PGE B C6  1 
HETATM 1373 C C5  . PGE G 5 .   ? 14.324  7.544   -7.022  1.00 63.37 ? 1377 PGE B C5  1 
HETATM 1374 O O3  . PGE G 5 .   ? 14.479  8.214   -5.767  1.00 64.17 ? 1377 PGE B O3  1 
HETATM 1375 O O   . HOH H 6 .   ? -10.256 4.989   -6.189  1.00 23.00 ? 2001 HOH B O   1 
HETATM 1376 O O   . HOH H 6 .   ? -9.029  1.580   -11.625 1.00 29.12 ? 2002 HOH B O   1 
HETATM 1377 O O   . HOH H 6 .   ? -10.028 -2.170  -9.942  1.00 25.35 ? 2003 HOH B O   1 
HETATM 1378 O O   . HOH H 6 .   ? 0.199   6.379   -12.754 1.00 30.75 ? 2004 HOH B O   1 
HETATM 1379 O O   . HOH H 6 .   ? 4.387   -5.846  -17.220 1.00 15.11 ? 2005 HOH B O   1 
HETATM 1380 O O   . HOH H 6 .   ? 1.342   -9.008  -16.048 1.00 16.42 ? 2006 HOH B O   1 
HETATM 1381 O O   . HOH H 6 .   ? -9.004  -7.149  -1.015  1.00 27.23 ? 2007 HOH B O   1 
HETATM 1382 O O   . HOH H 6 .   ? 3.862   -5.137  -2.808  1.00 16.15 ? 2008 HOH B O   1 
HETATM 1383 O O   . HOH H 6 .   ? -0.797  -7.923  0.676   1.00 17.69 ? 2009 HOH B O   1 
HETATM 1384 O O   . HOH H 6 .   ? 3.573   -7.079  -4.594  1.00 8.81  ? 2010 HOH B O   1 
HETATM 1385 O O   . HOH H 6 .   ? 2.734   -10.565 -2.709  1.00 20.69 ? 2011 HOH B O   1 
HETATM 1386 O O   . HOH H 6 .   ? 6.506   -13.383 -4.750  1.00 27.63 ? 2012 HOH B O   1 
HETATM 1387 O O   . HOH H 6 .   ? 7.308   1.862   -11.619 1.00 30.64 ? 2013 HOH B O   1 
HETATM 1388 O O   . HOH H 6 .   ? 8.099   14.426  -4.156  1.00 41.25 ? 2014 HOH B O   1 
HETATM 1389 O O   . HOH H 6 .   ? 9.385   1.132   -12.716 1.00 32.82 ? 2015 HOH B O   1 
HETATM 1390 O O   . HOH H 6 .   ? 16.255  -2.046  -14.656 1.00 40.45 ? 2016 HOH B O   1 
HETATM 1391 O O   . HOH H 6 .   ? 18.512  -2.511  -13.284 1.00 39.70 ? 2017 HOH B O   1 
HETATM 1392 O O   . HOH H 6 .   ? 14.927  -14.947 -9.725  1.00 32.25 ? 2018 HOH B O   1 
HETATM 1393 O O   . HOH H 6 .   ? 17.596  -16.119 -0.623  1.00 33.12 ? 2019 HOH B O   1 
HETATM 1394 O O   . HOH H 6 .   ? 12.587  -17.413 3.776   1.00 41.93 ? 2020 HOH B O   1 
HETATM 1395 O O   . HOH H 6 .   ? 15.496  -13.094 -5.826  1.00 40.27 ? 2021 HOH B O   1 
HETATM 1396 O O   . HOH H 6 .   ? 12.636  1.907   4.817   1.00 22.19 ? 2022 HOH B O   1 
HETATM 1397 O O   . HOH H 6 .   ? 17.079  -18.025 1.255   1.00 35.49 ? 2023 HOH B O   1 
HETATM 1398 O O   . HOH H 6 .   ? 2.807   11.732  5.689   1.00 28.54 ? 2024 HOH B O   1 
HETATM 1399 O O   . HOH H 6 .   ? 2.950   7.161   8.917   1.00 31.81 ? 2025 HOH B O   1 
HETATM 1400 O O   . HOH H 6 .   ? 8.398   10.655  9.778   1.00 27.42 ? 2026 HOH B O   1 
HETATM 1401 O O   . HOH H 6 .   ? 7.764   1.817   9.154   1.00 21.10 ? 2027 HOH B O   1 
HETATM 1402 O O   . HOH H 6 .   ? 0.776   -9.745  11.404  1.00 35.31 ? 2028 HOH B O   1 
HETATM 1403 O O   . HOH H 6 .   ? 11.575  -3.825  10.771  1.00 32.66 ? 2029 HOH B O   1 
HETATM 1404 O O   . HOH H 6 .   ? 3.413   -9.035  11.625  1.00 24.05 ? 2030 HOH B O   1 
HETATM 1405 O O   . HOH H 6 .   ? 0.442   -7.209  2.945   1.00 10.41 ? 2031 HOH B O   1 
HETATM 1406 O O   . HOH H 6 .   ? -0.746  -10.904 9.535   1.00 34.68 ? 2032 HOH B O   1 
HETATM 1407 O O   . HOH H 6 .   ? 0.346   -1.062  11.436  1.00 28.88 ? 2033 HOH B O   1 
HETATM 1408 O O   . HOH H 6 .   ? -0.832  5.163   9.145   1.00 24.28 ? 2034 HOH B O   1 
HETATM 1409 O O   . HOH H 6 .   ? -2.326  14.063  -5.544  1.00 23.40 ? 2035 HOH B O   1 
HETATM 1410 O O   . HOH H 6 .   ? -6.323  14.158  -0.646  1.00 25.94 ? 2036 HOH B O   1 
HETATM 1411 O O   . HOH H 6 .   ? -8.795  5.857   -7.879  1.00 19.03 ? 2037 HOH B O   1 
HETATM 1412 O O   . HOH H 6 .   ? 3.140   7.664   5.991   1.00 23.42 ? 2038 HOH B O   1 
HETATM 1413 O O   . HOH H 6 .   ? 1.325   3.958   7.825   1.00 21.30 ? 2039 HOH B O   1 
# 
loop_
_pdbx_poly_seq_scheme.asym_id 
_pdbx_poly_seq_scheme.entity_id 
_pdbx_poly_seq_scheme.seq_id 
_pdbx_poly_seq_scheme.mon_id 
_pdbx_poly_seq_scheme.ndb_seq_num 
_pdbx_poly_seq_scheme.pdb_seq_num 
_pdbx_poly_seq_scheme.auth_seq_num 
_pdbx_poly_seq_scheme.pdb_mon_id 
_pdbx_poly_seq_scheme.auth_mon_id 
_pdbx_poly_seq_scheme.pdb_strand_id 
_pdbx_poly_seq_scheme.pdb_ins_code 
_pdbx_poly_seq_scheme.hetero 
A 1 1   ALA 1   1   1   ALA ALA A . n 
A 1 2   THR 2   2   2   THR THR A . n 
A 1 3   ARG 3   3   3   ARG ARG A . n 
A 1 4   GLU 4   4   4   GLU GLU A . n 
A 1 5   LEU 5   5   5   LEU LEU A . n 
A 1 6   ASP 6   6   6   ASP ASP A . n 
A 1 7   GLU 7   7   7   GLU GLU A . n 
A 1 8   LEU 8   8   8   LEU LEU A . n 
A 1 9   MET 9   9   9   MET MET A . n 
A 1 10  ALA 10  10  10  ALA ALA A . n 
A 1 11  SER 11  11  11  SER SER A . n 
A 1 12  LEU 12  12  12  LEU LEU A . n 
A 1 13  SER 13  13  13  SER SER A . n 
A 1 14  ASP 14  14  ?   ?   ?   A . n 
A 1 15  PHE 15  15  ?   ?   ?   A . n 
A 1 16  LYS 16  16  ?   ?   ?   A . n 
A 1 17  PHE 17  17  ?   ?   ?   A . n 
A 1 18  MET 18  18  ?   ?   ?   A . n 
A 1 19  ALA 19  19  ?   ?   ?   A . n 
A 1 20  GLN 20  20  ?   ?   ?   A . n 
B 2 1   SER 1   242 ?   ?   ?   B . n 
B 2 2   GLY 2   243 ?   ?   ?   B . n 
B 2 3   ARG 3   244 ?   ?   ?   B . n 
B 2 4   HIS 4   245 ?   ?   ?   B . n 
B 2 5   GLU 5   246 ?   ?   ?   B . n 
B 2 6   ARG 6   247 247 ARG ARG B . n 
B 2 7   ASP 7   248 248 ASP ASP B . n 
B 2 8   ALA 8   249 249 ALA ALA B . n 
B 2 9   PHE 9   250 250 PHE PHE B . n 
B 2 10  ASP 10  251 251 ASP ASP B . n 
B 2 11  THR 11  252 252 THR THR B . n 
B 2 12  LEU 12  253 253 LEU LEU B . n 
B 2 13  PHE 13  254 254 PHE PHE B . n 
B 2 14  ASP 14  255 255 ASP ASP B . n 
B 2 15  HIS 15  256 256 HIS HIS B . n 
B 2 16  ALA 16  257 257 ALA ALA B . n 
B 2 17  PRO 17  258 258 PRO PRO B . n 
B 2 18  ASP 18  259 259 ASP ASP B . n 
B 2 19  LYS 19  260 260 LYS LYS B . n 
B 2 20  LEU 20  261 261 LEU LEU B . n 
B 2 21  ASN 21  262 262 ASN ASN B . n 
B 2 22  VAL 22  263 263 VAL VAL B . n 
B 2 23  VAL 23  264 264 VAL VAL B . n 
B 2 24  LYS 24  265 265 LYS LYS B . n 
B 2 25  LYS 25  266 266 LYS LYS B . n 
B 2 26  THR 26  267 267 THR THR B . n 
B 2 27  LEU 27  268 268 LEU LEU B . n 
B 2 28  ILE 28  269 269 ILE ILE B . n 
B 2 29  THR 29  270 270 THR THR B . n 
B 2 30  PHE 30  271 271 PHE PHE B . n 
B 2 31  VAL 31  272 272 VAL VAL B . n 
B 2 32  ASN 32  273 273 ASN ASN B . n 
B 2 33  LYS 33  274 274 LYS LYS B . n 
B 2 34  HIS 34  275 275 HIS HIS B . n 
B 2 35  LEU 35  276 276 LEU LEU B . n 
B 2 36  ASN 36  277 277 ASN ASN B . n 
B 2 37  LYS 37  278 278 LYS LYS B . n 
B 2 38  LEU 38  279 279 LEU LEU B . n 
B 2 39  ASN 39  280 280 ASN ASN B . n 
B 2 40  LEU 40  281 281 LEU LEU B . n 
B 2 41  GLU 41  282 282 GLU GLU B . n 
B 2 42  VAL 42  283 283 VAL VAL B . n 
B 2 43  THR 43  284 284 THR THR B . n 
B 2 44  GLU 44  285 285 GLU GLU B . n 
B 2 45  LEU 45  286 286 LEU LEU B . n 
B 2 46  GLU 46  287 287 GLU GLU B . n 
B 2 47  THR 47  288 288 THR THR B . n 
B 2 48  GLN 48  289 289 GLN GLN B . n 
B 2 49  PHE 49  290 290 PHE PHE B . n 
B 2 50  ALA 50  291 291 ALA ALA B . n 
B 2 51  ASP 51  292 292 ASP ASP B . n 
B 2 52  GLY 52  293 293 GLY GLY B . n 
B 2 53  VAL 53  294 294 VAL VAL B . n 
B 2 54  TYR 54  295 295 TYR TYR B . n 
B 2 55  LEU 55  296 296 LEU LEU B . n 
B 2 56  VAL 56  297 297 VAL VAL B . n 
B 2 57  LEU 57  298 298 LEU LEU B . n 
B 2 58  LEU 58  299 299 LEU LEU B . n 
B 2 59  MET 59  300 300 MET MET B . n 
B 2 60  GLY 60  301 301 GLY GLY B . n 
B 2 61  LEU 61  302 302 LEU LEU B . n 
B 2 62  LEU 62  303 303 LEU LEU B . n 
B 2 63  GLU 63  304 304 GLU GLU B . n 
B 2 64  GLY 64  305 305 GLY GLY B . n 
B 2 65  TYR 65  306 306 TYR TYR B . n 
B 2 66  PHE 66  307 307 PHE PHE B . n 
B 2 67  VAL 67  308 308 VAL VAL B . n 
B 2 68  PRO 68  309 309 PRO PRO B . n 
B 2 69  LEU 69  310 310 LEU LEU B . n 
B 2 70  HIS 70  311 311 HIS HIS B . n 
B 2 71  SER 71  312 312 SER SER B . n 
B 2 72  PHE 72  313 313 PHE PHE B . n 
B 2 73  PHE 73  314 314 PHE PHE B . n 
B 2 74  LEU 74  315 315 LEU LEU B . n 
B 2 75  THR 75  316 316 THR THR B . n 
B 2 76  PRO 76  317 317 PRO PRO B . n 
B 2 77  ASP 77  318 318 ASP ASP B . n 
B 2 78  SER 78  319 319 SER SER B . n 
B 2 79  PHE 79  320 320 PHE PHE B . n 
B 2 80  GLU 80  321 321 GLU GLU B . n 
B 2 81  GLN 81  322 322 GLN GLN B . n 
B 2 82  LYS 82  323 323 LYS LYS B . n 
B 2 83  VAL 83  324 324 VAL VAL B . n 
B 2 84  LEU 84  325 325 LEU LEU B . n 
B 2 85  ASN 85  326 326 ASN ASN B . n 
B 2 86  VAL 86  327 327 VAL VAL B . n 
B 2 87  SER 87  328 328 SER SER B . n 
B 2 88  PHE 88  329 329 PHE PHE B . n 
B 2 89  ALA 89  330 330 ALA ALA B . n 
B 2 90  PHE 90  331 331 PHE PHE B . n 
B 2 91  GLU 91  332 332 GLU GLU B . n 
B 2 92  LEU 92  333 333 LEU LEU B . n 
B 2 93  MET 93  334 334 MET MET B . n 
B 2 94  GLN 94  335 335 GLN GLN B . n 
B 2 95  ASP 95  336 336 ASP ASP B . n 
B 2 96  GLY 96  337 337 GLY GLY B . n 
B 2 97  GLY 97  338 338 GLY GLY B . n 
B 2 98  LEU 98  339 339 LEU LEU B . n 
B 2 99  GLU 99  340 340 GLU GLU B . n 
B 2 100 LYS 100 341 341 LYS LYS B . n 
B 2 101 PRO 101 342 342 PRO PRO B . n 
B 2 102 LYS 102 343 343 LYS LYS B . n 
B 2 103 PRO 103 344 344 PRO PRO B . n 
B 2 104 ARG 104 345 345 ARG ARG B . n 
B 2 105 PRO 105 346 346 PRO PRO B . n 
B 2 106 GLU 106 347 347 GLU GLU B . n 
B 2 107 ASP 107 348 348 ASP ASP B . n 
B 2 108 ILE 108 349 349 ILE ILE B . n 
B 2 109 VAL 109 350 350 VAL VAL B . n 
B 2 110 ASN 110 351 351 ASN ASN B . n 
B 2 111 CYS 111 352 352 CYS CYS B . n 
B 2 112 ASP 112 353 353 ASP ASP B . n 
B 2 113 LEU 113 354 354 LEU LEU B . n 
B 2 114 LYS 114 355 355 LYS LYS B . n 
B 2 115 SER 115 356 356 SER SER B . n 
B 2 116 THR 116 357 357 THR THR B . n 
B 2 117 LEU 117 358 358 LEU LEU B . n 
B 2 118 ARG 118 359 359 ARG ARG B . n 
B 2 119 VAL 119 360 360 VAL VAL B . n 
B 2 120 LEU 120 361 361 LEU LEU B . n 
B 2 121 TYR 121 362 362 TYR TYR B . n 
B 2 122 ASN 122 363 363 ASN ASN B . n 
B 2 123 LEU 123 364 364 LEU LEU B . n 
B 2 124 PHE 124 365 365 PHE PHE B . n 
B 2 125 THR 125 366 366 THR THR B . n 
B 2 126 LYS 126 367 367 LYS LYS B . n 
B 2 127 TYR 127 368 368 TYR TYR B . n 
B 2 128 ARG 128 369 369 ARG ARG B . n 
B 2 129 ASN 129 370 370 ASN ASN B . n 
B 2 130 VAL 130 371 371 VAL VAL B . n 
B 2 131 GLU 131 372 372 GLU GLU B . n 
# 
loop_
_pdbx_nonpoly_scheme.asym_id 
_pdbx_nonpoly_scheme.entity_id 
_pdbx_nonpoly_scheme.mon_id 
_pdbx_nonpoly_scheme.ndb_seq_num 
_pdbx_nonpoly_scheme.pdb_seq_num 
_pdbx_nonpoly_scheme.auth_seq_num 
_pdbx_nonpoly_scheme.pdb_mon_id 
_pdbx_nonpoly_scheme.auth_mon_id 
_pdbx_nonpoly_scheme.pdb_strand_id 
_pdbx_nonpoly_scheme.pdb_ins_code 
C 3 PG4 1  1373 1373 PG4 PG4 B . 
D 4 EDO 1  1374 1374 EDO EDO B . 
E 5 PGE 1  1375 1375 PGE PGE B . 
F 4 EDO 1  1376 1376 EDO EDO B . 
G 5 PGE 1  1377 1377 PGE PGE B . 
H 6 HOH 1  2001 2001 HOH HOH B . 
H 6 HOH 2  2002 2002 HOH HOH B . 
H 6 HOH 3  2003 2003 HOH HOH B . 
H 6 HOH 4  2004 2004 HOH HOH B . 
H 6 HOH 5  2005 2005 HOH HOH B . 
H 6 HOH 6  2006 2006 HOH HOH B . 
H 6 HOH 7  2007 2007 HOH HOH B . 
H 6 HOH 8  2008 2008 HOH HOH B . 
H 6 HOH 9  2009 2009 HOH HOH B . 
H 6 HOH 10 2010 2010 HOH HOH B . 
H 6 HOH 11 2011 2011 HOH HOH B . 
H 6 HOH 12 2012 2012 HOH HOH B . 
H 6 HOH 13 2013 2013 HOH HOH B . 
H 6 HOH 14 2014 2014 HOH HOH B . 
H 6 HOH 15 2015 2015 HOH HOH B . 
H 6 HOH 16 2016 2016 HOH HOH B . 
H 6 HOH 17 2017 2017 HOH HOH B . 
H 6 HOH 18 2018 2018 HOH HOH B . 
H 6 HOH 19 2019 2019 HOH HOH B . 
H 6 HOH 20 2020 2020 HOH HOH B . 
H 6 HOH 21 2021 2021 HOH HOH B . 
H 6 HOH 22 2022 2022 HOH HOH B . 
H 6 HOH 23 2023 2023 HOH HOH B . 
H 6 HOH 24 2024 2024 HOH HOH B . 
H 6 HOH 25 2025 2025 HOH HOH B . 
H 6 HOH 26 2026 2026 HOH HOH B . 
H 6 HOH 27 2027 2027 HOH HOH B . 
H 6 HOH 28 2028 2028 HOH HOH B . 
H 6 HOH 29 2029 2029 HOH HOH B . 
H 6 HOH 30 2030 2030 HOH HOH B . 
H 6 HOH 31 2031 2031 HOH HOH B . 
H 6 HOH 32 2032 2032 HOH HOH B . 
H 6 HOH 33 2033 2033 HOH HOH B . 
H 6 HOH 34 2034 2034 HOH HOH B . 
H 6 HOH 35 2035 2035 HOH HOH B . 
H 6 HOH 36 2036 2036 HOH HOH B . 
H 6 HOH 37 2037 2037 HOH HOH B . 
H 6 HOH 38 2038 2038 HOH HOH B . 
H 6 HOH 39 2039 2039 HOH HOH B . 
# 
_pdbx_struct_assembly.id                   1 
_pdbx_struct_assembly.details              author_and_software_defined_assembly 
_pdbx_struct_assembly.method_details       PQS 
_pdbx_struct_assembly.oligomeric_details   dimeric 
_pdbx_struct_assembly.oligomeric_count     2 
# 
_pdbx_struct_assembly_gen.assembly_id       1 
_pdbx_struct_assembly_gen.oper_expression   1 
_pdbx_struct_assembly_gen.asym_id_list      A,B,C,D,E,F,G,H 
# 
loop_
_pdbx_struct_assembly_prop.biol_id 
_pdbx_struct_assembly_prop.type 
_pdbx_struct_assembly_prop.value 
_pdbx_struct_assembly_prop.details 
1 'ABSA (A^2)' 1160  ? 
1 MORE         -12.9 ? 
1 'SSA (A^2)'  9550  ? 
# 
_pdbx_struct_oper_list.id                   1 
_pdbx_struct_oper_list.type                 'identity operation' 
_pdbx_struct_oper_list.name                 1_555 
_pdbx_struct_oper_list.symmetry_operation   x,y,z 
_pdbx_struct_oper_list.matrix[1][1]         1.0000000000 
_pdbx_struct_oper_list.matrix[1][2]         0.0000000000 
_pdbx_struct_oper_list.matrix[1][3]         0.0000000000 
_pdbx_struct_oper_list.vector[1]            0.0000000000 
_pdbx_struct_oper_list.matrix[2][1]         0.0000000000 
_pdbx_struct_oper_list.matrix[2][2]         1.0000000000 
_pdbx_struct_oper_list.matrix[2][3]         0.0000000000 
_pdbx_struct_oper_list.vector[2]            0.0000000000 
_pdbx_struct_oper_list.matrix[3][1]         0.0000000000 
_pdbx_struct_oper_list.matrix[3][2]         0.0000000000 
_pdbx_struct_oper_list.matrix[3][3]         1.0000000000 
_pdbx_struct_oper_list.vector[3]            0.0000000000 
# 
loop_
_pdbx_audit_revision_history.ordinal 
_pdbx_audit_revision_history.data_content_type 
_pdbx_audit_revision_history.major_revision 
_pdbx_audit_revision_history.minor_revision 
_pdbx_audit_revision_history.revision_date 
1 'Structure model' 1 0 2008-10-28 
2 'Structure model' 1 1 2011-07-13 
3 'Structure model' 1 2 2012-05-30 
4 'Structure model' 1 3 2019-04-24 
5 'Structure model' 1 4 2023-12-13 
# 
_pdbx_audit_revision_details.ordinal             1 
_pdbx_audit_revision_details.revision_ordinal    1 
_pdbx_audit_revision_details.data_content_type   'Structure model' 
_pdbx_audit_revision_details.provider            repository 
_pdbx_audit_revision_details.type                'Initial release' 
_pdbx_audit_revision_details.description         ? 
_pdbx_audit_revision_details.details             ? 
# 
loop_
_pdbx_audit_revision_group.ordinal 
_pdbx_audit_revision_group.revision_ordinal 
_pdbx_audit_revision_group.data_content_type 
_pdbx_audit_revision_group.group 
1  2 'Structure model' Advisory                    
2  2 'Structure model' 'Version format compliance' 
3  3 'Structure model' Other                       
4  4 'Structure model' 'Data collection'           
5  4 'Structure model' 'Database references'       
6  4 'Structure model' 'Experimental preparation'  
7  4 'Structure model' Other                       
8  4 'Structure model' 'Source and taxonomy'       
9  4 'Structure model' 'Structure summary'         
10 5 'Structure model' 'Data collection'           
11 5 'Structure model' 'Database references'       
12 5 'Structure model' 'Derived calculations'      
13 5 'Structure model' Other                       
14 5 'Structure model' 'Refinement description'    
# 
loop_
_pdbx_audit_revision_category.ordinal 
_pdbx_audit_revision_category.revision_ordinal 
_pdbx_audit_revision_category.data_content_type 
_pdbx_audit_revision_category.category 
1  4 'Structure model' citation                      
2  4 'Structure model' citation_author               
3  4 'Structure model' entity                        
4  4 'Structure model' entity_name_com               
5  4 'Structure model' entity_src_gen                
6  4 'Structure model' exptl_crystal_grow            
7  4 'Structure model' pdbx_database_proc            
8  4 'Structure model' pdbx_database_status          
9  4 'Structure model' pdbx_entity_src_syn           
10 4 'Structure model' struct_biol                   
11 4 'Structure model' struct_ref                    
12 4 'Structure model' struct_ref_seq                
13 5 'Structure model' chem_comp_atom                
14 5 'Structure model' chem_comp_bond                
15 5 'Structure model' database_2                    
16 5 'Structure model' pdbx_database_status          
17 5 'Structure model' pdbx_initial_refinement_model 
18 5 'Structure model' struct_site                   
# 
loop_
_pdbx_audit_revision_item.ordinal 
_pdbx_audit_revision_item.revision_ordinal 
_pdbx_audit_revision_item.data_content_type 
_pdbx_audit_revision_item.item 
1  4 'Structure model' '_citation.page_last'                         
2  4 'Structure model' '_citation.pdbx_database_id_DOI'              
3  4 'Structure model' '_citation.title'                             
4  4 'Structure model' '_citation_author.name'                       
5  4 'Structure model' '_entity.pdbx_description'                    
6  4 'Structure model' '_entity.pdbx_fragment'                       
7  4 'Structure model' '_entity.src_method'                          
8  4 'Structure model' '_entity_name_com.name'                       
9  4 'Structure model' '_exptl_crystal_grow.method'                  
10 4 'Structure model' '_exptl_crystal_grow.temp'                    
11 4 'Structure model' '_pdbx_database_status.recvd_author_approval' 
12 4 'Structure model' '_struct_ref_seq.ref_id'                      
13 5 'Structure model' '_database_2.pdbx_DOI'                        
14 5 'Structure model' '_database_2.pdbx_database_accession'         
15 5 'Structure model' '_pdbx_database_status.status_code_sf'        
16 5 'Structure model' '_struct_site.pdbx_auth_asym_id'              
17 5 'Structure model' '_struct_site.pdbx_auth_comp_id'              
18 5 'Structure model' '_struct_site.pdbx_auth_seq_id'               
# 
loop_
_pdbx_refine_tls.pdbx_refine_id 
_pdbx_refine_tls.id 
_pdbx_refine_tls.details 
_pdbx_refine_tls.method 
_pdbx_refine_tls.origin_x 
_pdbx_refine_tls.origin_y 
_pdbx_refine_tls.origin_z 
_pdbx_refine_tls.T[1][1] 
_pdbx_refine_tls.T[2][2] 
_pdbx_refine_tls.T[3][3] 
_pdbx_refine_tls.T[1][2] 
_pdbx_refine_tls.T[1][3] 
_pdbx_refine_tls.T[2][3] 
_pdbx_refine_tls.L[1][1] 
_pdbx_refine_tls.L[2][2] 
_pdbx_refine_tls.L[3][3] 
_pdbx_refine_tls.L[1][2] 
_pdbx_refine_tls.L[1][3] 
_pdbx_refine_tls.L[2][3] 
_pdbx_refine_tls.S[1][1] 
_pdbx_refine_tls.S[1][2] 
_pdbx_refine_tls.S[1][3] 
_pdbx_refine_tls.S[2][1] 
_pdbx_refine_tls.S[2][2] 
_pdbx_refine_tls.S[2][3] 
_pdbx_refine_tls.S[3][1] 
_pdbx_refine_tls.S[3][2] 
_pdbx_refine_tls.S[3][3] 
'X-RAY DIFFRACTION' 1 ? refined 0.9996   -0.6150 -0.5810 -0.1977 -0.1915 -0.1710 -0.0067 -0.0092 -0.0123 3.6523  3.8223  2.3671  -0.5300 0.0933 0.4376 0.0120 -0.1327 -0.1311 -0.1007 -0.1213 0.1055 -0.1305 -0.0845 0.1094  
'X-RAY DIFFRACTION' 2 ? refined -14.9033 8.5539  4.7202  -0.1324 -0.0079 0.3285  0.0274  0.0306  -0.2076 12.7058 24.9903 14.3163 6.7112  1.2021 1.3660 0.2560 -0.3941 0.5898  0.3819  0.4225  1.4032 -0.1868 0.6010  -0.6786 
# 
loop_
_pdbx_refine_tls_group.pdbx_refine_id 
_pdbx_refine_tls_group.id 
_pdbx_refine_tls_group.refine_tls_id 
_pdbx_refine_tls_group.beg_auth_asym_id 
_pdbx_refine_tls_group.beg_auth_seq_id 
_pdbx_refine_tls_group.beg_label_asym_id 
_pdbx_refine_tls_group.beg_label_seq_id 
_pdbx_refine_tls_group.end_auth_asym_id 
_pdbx_refine_tls_group.end_auth_seq_id 
_pdbx_refine_tls_group.end_label_asym_id 
_pdbx_refine_tls_group.end_label_seq_id 
_pdbx_refine_tls_group.selection 
_pdbx_refine_tls_group.selection_details 
'X-RAY DIFFRACTION' 1 1 B 247 ? ? B 372 ? ? ? ? 
'X-RAY DIFFRACTION' 2 2 A 7   ? ? A 13  ? ? ? ? 
# 
loop_
_software.name 
_software.classification 
_software.version 
_software.citation_id 
_software.pdbx_ordinal 
_software.date 
_software.type 
_software.location 
_software.language 
REFMAC refinement       5.2.0019 ? 1 ? ? ? ? 
MOSFLM 'data reduction' .        ? 2 ? ? ? ? 
SCALA  'data scaling'   .        ? 3 ? ? ? ? 
PHASER phasing          .        ? 4 ? ? ? ? 
# 
_pdbx_entry_details.entry_id                 2VZI 
_pdbx_entry_details.compound_details         ? 
_pdbx_entry_details.source_details           ? 
_pdbx_entry_details.nonpolymer_details       ? 
_pdbx_entry_details.sequence_details         
;LD4 MOTIF OF PAXILLIN ISOFORM BETA (EXCLUDING RESIDUES
278-311 OF UNIPROT ENTRY P49023 PROTEIN SEQUENCE)
;
_pdbx_entry_details.has_ligand_of_interest   ? 
# 
loop_
_pdbx_unobs_or_zero_occ_residues.id 
_pdbx_unobs_or_zero_occ_residues.PDB_model_num 
_pdbx_unobs_or_zero_occ_residues.polymer_flag 
_pdbx_unobs_or_zero_occ_residues.occupancy_flag 
_pdbx_unobs_or_zero_occ_residues.auth_asym_id 
_pdbx_unobs_or_zero_occ_residues.auth_comp_id 
_pdbx_unobs_or_zero_occ_residues.auth_seq_id 
_pdbx_unobs_or_zero_occ_residues.PDB_ins_code 
_pdbx_unobs_or_zero_occ_residues.label_asym_id 
_pdbx_unobs_or_zero_occ_residues.label_comp_id 
_pdbx_unobs_or_zero_occ_residues.label_seq_id 
1  1 Y 1 A ASP 14  ? A ASP 14 
2  1 Y 1 A PHE 15  ? A PHE 15 
3  1 Y 1 A LYS 16  ? A LYS 16 
4  1 Y 1 A PHE 17  ? A PHE 17 
5  1 Y 1 A MET 18  ? A MET 18 
6  1 Y 1 A ALA 19  ? A ALA 19 
7  1 Y 1 A GLN 20  ? A GLN 20 
8  1 Y 1 B SER 242 ? B SER 1  
9  1 Y 1 B GLY 243 ? B GLY 2  
10 1 Y 1 B ARG 244 ? B ARG 3  
11 1 Y 1 B HIS 245 ? B HIS 4  
12 1 Y 1 B GLU 246 ? B GLU 5  
# 
loop_
_chem_comp_atom.comp_id 
_chem_comp_atom.atom_id 
_chem_comp_atom.type_symbol 
_chem_comp_atom.pdbx_aromatic_flag 
_chem_comp_atom.pdbx_stereo_config 
_chem_comp_atom.pdbx_ordinal 
ALA N    N N N 1   
ALA CA   C N S 2   
ALA C    C N N 3   
ALA O    O N N 4   
ALA CB   C N N 5   
ALA OXT  O N N 6   
ALA H    H N N 7   
ALA H2   H N N 8   
ALA HA   H N N 9   
ALA HB1  H N N 10  
ALA HB2  H N N 11  
ALA HB3  H N N 12  
ALA HXT  H N N 13  
ARG N    N N N 14  
ARG CA   C N S 15  
ARG C    C N N 16  
ARG O    O N N 17  
ARG CB   C N N 18  
ARG CG   C N N 19  
ARG CD   C N N 20  
ARG NE   N N N 21  
ARG CZ   C N N 22  
ARG NH1  N N N 23  
ARG NH2  N N N 24  
ARG OXT  O N N 25  
ARG H    H N N 26  
ARG H2   H N N 27  
ARG HA   H N N 28  
ARG HB2  H N N 29  
ARG HB3  H N N 30  
ARG HG2  H N N 31  
ARG HG3  H N N 32  
ARG HD2  H N N 33  
ARG HD3  H N N 34  
ARG HE   H N N 35  
ARG HH11 H N N 36  
ARG HH12 H N N 37  
ARG HH21 H N N 38  
ARG HH22 H N N 39  
ARG HXT  H N N 40  
ASN N    N N N 41  
ASN CA   C N S 42  
ASN C    C N N 43  
ASN O    O N N 44  
ASN CB   C N N 45  
ASN CG   C N N 46  
ASN OD1  O N N 47  
ASN ND2  N N N 48  
ASN OXT  O N N 49  
ASN H    H N N 50  
ASN H2   H N N 51  
ASN HA   H N N 52  
ASN HB2  H N N 53  
ASN HB3  H N N 54  
ASN HD21 H N N 55  
ASN HD22 H N N 56  
ASN HXT  H N N 57  
ASP N    N N N 58  
ASP CA   C N S 59  
ASP C    C N N 60  
ASP O    O N N 61  
ASP CB   C N N 62  
ASP CG   C N N 63  
ASP OD1  O N N 64  
ASP OD2  O N N 65  
ASP OXT  O N N 66  
ASP H    H N N 67  
ASP H2   H N N 68  
ASP HA   H N N 69  
ASP HB2  H N N 70  
ASP HB3  H N N 71  
ASP HD2  H N N 72  
ASP HXT  H N N 73  
CYS N    N N N 74  
CYS CA   C N R 75  
CYS C    C N N 76  
CYS O    O N N 77  
CYS CB   C N N 78  
CYS SG   S N N 79  
CYS OXT  O N N 80  
CYS H    H N N 81  
CYS H2   H N N 82  
CYS HA   H N N 83  
CYS HB2  H N N 84  
CYS HB3  H N N 85  
CYS HG   H N N 86  
CYS HXT  H N N 87  
EDO C1   C N N 88  
EDO O1   O N N 89  
EDO C2   C N N 90  
EDO O2   O N N 91  
EDO H11  H N N 92  
EDO H12  H N N 93  
EDO HO1  H N N 94  
EDO H21  H N N 95  
EDO H22  H N N 96  
EDO HO2  H N N 97  
GLN N    N N N 98  
GLN CA   C N S 99  
GLN C    C N N 100 
GLN O    O N N 101 
GLN CB   C N N 102 
GLN CG   C N N 103 
GLN CD   C N N 104 
GLN OE1  O N N 105 
GLN NE2  N N N 106 
GLN OXT  O N N 107 
GLN H    H N N 108 
GLN H2   H N N 109 
GLN HA   H N N 110 
GLN HB2  H N N 111 
GLN HB3  H N N 112 
GLN HG2  H N N 113 
GLN HG3  H N N 114 
GLN HE21 H N N 115 
GLN HE22 H N N 116 
GLN HXT  H N N 117 
GLU N    N N N 118 
GLU CA   C N S 119 
GLU C    C N N 120 
GLU O    O N N 121 
GLU CB   C N N 122 
GLU CG   C N N 123 
GLU CD   C N N 124 
GLU OE1  O N N 125 
GLU OE2  O N N 126 
GLU OXT  O N N 127 
GLU H    H N N 128 
GLU H2   H N N 129 
GLU HA   H N N 130 
GLU HB2  H N N 131 
GLU HB3  H N N 132 
GLU HG2  H N N 133 
GLU HG3  H N N 134 
GLU HE2  H N N 135 
GLU HXT  H N N 136 
GLY N    N N N 137 
GLY CA   C N N 138 
GLY C    C N N 139 
GLY O    O N N 140 
GLY OXT  O N N 141 
GLY H    H N N 142 
GLY H2   H N N 143 
GLY HA2  H N N 144 
GLY HA3  H N N 145 
GLY HXT  H N N 146 
HIS N    N N N 147 
HIS CA   C N S 148 
HIS C    C N N 149 
HIS O    O N N 150 
HIS CB   C N N 151 
HIS CG   C Y N 152 
HIS ND1  N Y N 153 
HIS CD2  C Y N 154 
HIS CE1  C Y N 155 
HIS NE2  N Y N 156 
HIS OXT  O N N 157 
HIS H    H N N 158 
HIS H2   H N N 159 
HIS HA   H N N 160 
HIS HB2  H N N 161 
HIS HB3  H N N 162 
HIS HD1  H N N 163 
HIS HD2  H N N 164 
HIS HE1  H N N 165 
HIS HE2  H N N 166 
HIS HXT  H N N 167 
HOH O    O N N 168 
HOH H1   H N N 169 
HOH H2   H N N 170 
ILE N    N N N 171 
ILE CA   C N S 172 
ILE C    C N N 173 
ILE O    O N N 174 
ILE CB   C N S 175 
ILE CG1  C N N 176 
ILE CG2  C N N 177 
ILE CD1  C N N 178 
ILE OXT  O N N 179 
ILE H    H N N 180 
ILE H2   H N N 181 
ILE HA   H N N 182 
ILE HB   H N N 183 
ILE HG12 H N N 184 
ILE HG13 H N N 185 
ILE HG21 H N N 186 
ILE HG22 H N N 187 
ILE HG23 H N N 188 
ILE HD11 H N N 189 
ILE HD12 H N N 190 
ILE HD13 H N N 191 
ILE HXT  H N N 192 
LEU N    N N N 193 
LEU CA   C N S 194 
LEU C    C N N 195 
LEU O    O N N 196 
LEU CB   C N N 197 
LEU CG   C N N 198 
LEU CD1  C N N 199 
LEU CD2  C N N 200 
LEU OXT  O N N 201 
LEU H    H N N 202 
LEU H2   H N N 203 
LEU HA   H N N 204 
LEU HB2  H N N 205 
LEU HB3  H N N 206 
LEU HG   H N N 207 
LEU HD11 H N N 208 
LEU HD12 H N N 209 
LEU HD13 H N N 210 
LEU HD21 H N N 211 
LEU HD22 H N N 212 
LEU HD23 H N N 213 
LEU HXT  H N N 214 
LYS N    N N N 215 
LYS CA   C N S 216 
LYS C    C N N 217 
LYS O    O N N 218 
LYS CB   C N N 219 
LYS CG   C N N 220 
LYS CD   C N N 221 
LYS CE   C N N 222 
LYS NZ   N N N 223 
LYS OXT  O N N 224 
LYS H    H N N 225 
LYS H2   H N N 226 
LYS HA   H N N 227 
LYS HB2  H N N 228 
LYS HB3  H N N 229 
LYS HG2  H N N 230 
LYS HG3  H N N 231 
LYS HD2  H N N 232 
LYS HD3  H N N 233 
LYS HE2  H N N 234 
LYS HE3  H N N 235 
LYS HZ1  H N N 236 
LYS HZ2  H N N 237 
LYS HZ3  H N N 238 
LYS HXT  H N N 239 
MET N    N N N 240 
MET CA   C N S 241 
MET C    C N N 242 
MET O    O N N 243 
MET CB   C N N 244 
MET CG   C N N 245 
MET SD   S N N 246 
MET CE   C N N 247 
MET OXT  O N N 248 
MET H    H N N 249 
MET H2   H N N 250 
MET HA   H N N 251 
MET HB2  H N N 252 
MET HB3  H N N 253 
MET HG2  H N N 254 
MET HG3  H N N 255 
MET HE1  H N N 256 
MET HE2  H N N 257 
MET HE3  H N N 258 
MET HXT  H N N 259 
PG4 O1   O N N 260 
PG4 C1   C N N 261 
PG4 C2   C N N 262 
PG4 O2   O N N 263 
PG4 C3   C N N 264 
PG4 C4   C N N 265 
PG4 O3   O N N 266 
PG4 C5   C N N 267 
PG4 C6   C N N 268 
PG4 O4   O N N 269 
PG4 C7   C N N 270 
PG4 C8   C N N 271 
PG4 O5   O N N 272 
PG4 HO1  H N N 273 
PG4 H11  H N N 274 
PG4 H12  H N N 275 
PG4 H21  H N N 276 
PG4 H22  H N N 277 
PG4 H31  H N N 278 
PG4 H32  H N N 279 
PG4 H41  H N N 280 
PG4 H42  H N N 281 
PG4 H51  H N N 282 
PG4 H52  H N N 283 
PG4 H61  H N N 284 
PG4 H62  H N N 285 
PG4 H71  H N N 286 
PG4 H72  H N N 287 
PG4 H81  H N N 288 
PG4 H82  H N N 289 
PG4 HO5  H N N 290 
PGE C1   C N N 291 
PGE O1   O N N 292 
PGE C2   C N N 293 
PGE O2   O N N 294 
PGE C3   C N N 295 
PGE C4   C N N 296 
PGE O4   O N N 297 
PGE C6   C N N 298 
PGE C5   C N N 299 
PGE O3   O N N 300 
PGE H1   H N N 301 
PGE H12  H N N 302 
PGE HO1  H N N 303 
PGE H2   H N N 304 
PGE H22  H N N 305 
PGE H3   H N N 306 
PGE H32  H N N 307 
PGE H4   H N N 308 
PGE H42  H N N 309 
PGE HO4  H N N 310 
PGE H6   H N N 311 
PGE H62  H N N 312 
PGE H5   H N N 313 
PGE H52  H N N 314 
PHE N    N N N 315 
PHE CA   C N S 316 
PHE C    C N N 317 
PHE O    O N N 318 
PHE CB   C N N 319 
PHE CG   C Y N 320 
PHE CD1  C Y N 321 
PHE CD2  C Y N 322 
PHE CE1  C Y N 323 
PHE CE2  C Y N 324 
PHE CZ   C Y N 325 
PHE OXT  O N N 326 
PHE H    H N N 327 
PHE H2   H N N 328 
PHE HA   H N N 329 
PHE HB2  H N N 330 
PHE HB3  H N N 331 
PHE HD1  H N N 332 
PHE HD2  H N N 333 
PHE HE1  H N N 334 
PHE HE2  H N N 335 
PHE HZ   H N N 336 
PHE HXT  H N N 337 
PRO N    N N N 338 
PRO CA   C N S 339 
PRO C    C N N 340 
PRO O    O N N 341 
PRO CB   C N N 342 
PRO CG   C N N 343 
PRO CD   C N N 344 
PRO OXT  O N N 345 
PRO H    H N N 346 
PRO HA   H N N 347 
PRO HB2  H N N 348 
PRO HB3  H N N 349 
PRO HG2  H N N 350 
PRO HG3  H N N 351 
PRO HD2  H N N 352 
PRO HD3  H N N 353 
PRO HXT  H N N 354 
SER N    N N N 355 
SER CA   C N S 356 
SER C    C N N 357 
SER O    O N N 358 
SER CB   C N N 359 
SER OG   O N N 360 
SER OXT  O N N 361 
SER H    H N N 362 
SER H2   H N N 363 
SER HA   H N N 364 
SER HB2  H N N 365 
SER HB3  H N N 366 
SER HG   H N N 367 
SER HXT  H N N 368 
THR N    N N N 369 
THR CA   C N S 370 
THR C    C N N 371 
THR O    O N N 372 
THR CB   C N R 373 
THR OG1  O N N 374 
THR CG2  C N N 375 
THR OXT  O N N 376 
THR H    H N N 377 
THR H2   H N N 378 
THR HA   H N N 379 
THR HB   H N N 380 
THR HG1  H N N 381 
THR HG21 H N N 382 
THR HG22 H N N 383 
THR HG23 H N N 384 
THR HXT  H N N 385 
TYR N    N N N 386 
TYR CA   C N S 387 
TYR C    C N N 388 
TYR O    O N N 389 
TYR CB   C N N 390 
TYR CG   C Y N 391 
TYR CD1  C Y N 392 
TYR CD2  C Y N 393 
TYR CE1  C Y N 394 
TYR CE2  C Y N 395 
TYR CZ   C Y N 396 
TYR OH   O N N 397 
TYR OXT  O N N 398 
TYR H    H N N 399 
TYR H2   H N N 400 
TYR HA   H N N 401 
TYR HB2  H N N 402 
TYR HB3  H N N 403 
TYR HD1  H N N 404 
TYR HD2  H N N 405 
TYR HE1  H N N 406 
TYR HE2  H N N 407 
TYR HH   H N N 408 
TYR HXT  H N N 409 
VAL N    N N N 410 
VAL CA   C N S 411 
VAL C    C N N 412 
VAL O    O N N 413 
VAL CB   C N N 414 
VAL CG1  C N N 415 
VAL CG2  C N N 416 
VAL OXT  O N N 417 
VAL H    H N N 418 
VAL H2   H N N 419 
VAL HA   H N N 420 
VAL HB   H N N 421 
VAL HG11 H N N 422 
VAL HG12 H N N 423 
VAL HG13 H N N 424 
VAL HG21 H N N 425 
VAL HG22 H N N 426 
VAL HG23 H N N 427 
VAL HXT  H N N 428 
# 
loop_
_chem_comp_bond.comp_id 
_chem_comp_bond.atom_id_1 
_chem_comp_bond.atom_id_2 
_chem_comp_bond.value_order 
_chem_comp_bond.pdbx_aromatic_flag 
_chem_comp_bond.pdbx_stereo_config 
_chem_comp_bond.pdbx_ordinal 
ALA N   CA   sing N N 1   
ALA N   H    sing N N 2   
ALA N   H2   sing N N 3   
ALA CA  C    sing N N 4   
ALA CA  CB   sing N N 5   
ALA CA  HA   sing N N 6   
ALA C   O    doub N N 7   
ALA C   OXT  sing N N 8   
ALA CB  HB1  sing N N 9   
ALA CB  HB2  sing N N 10  
ALA CB  HB3  sing N N 11  
ALA OXT HXT  sing N N 12  
ARG N   CA   sing N N 13  
ARG N   H    sing N N 14  
ARG N   H2   sing N N 15  
ARG CA  C    sing N N 16  
ARG CA  CB   sing N N 17  
ARG CA  HA   sing N N 18  
ARG C   O    doub N N 19  
ARG C   OXT  sing N N 20  
ARG CB  CG   sing N N 21  
ARG CB  HB2  sing N N 22  
ARG CB  HB3  sing N N 23  
ARG CG  CD   sing N N 24  
ARG CG  HG2  sing N N 25  
ARG CG  HG3  sing N N 26  
ARG CD  NE   sing N N 27  
ARG CD  HD2  sing N N 28  
ARG CD  HD3  sing N N 29  
ARG NE  CZ   sing N N 30  
ARG NE  HE   sing N N 31  
ARG CZ  NH1  sing N N 32  
ARG CZ  NH2  doub N N 33  
ARG NH1 HH11 sing N N 34  
ARG NH1 HH12 sing N N 35  
ARG NH2 HH21 sing N N 36  
ARG NH2 HH22 sing N N 37  
ARG OXT HXT  sing N N 38  
ASN N   CA   sing N N 39  
ASN N   H    sing N N 40  
ASN N   H2   sing N N 41  
ASN CA  C    sing N N 42  
ASN CA  CB   sing N N 43  
ASN CA  HA   sing N N 44  
ASN C   O    doub N N 45  
ASN C   OXT  sing N N 46  
ASN CB  CG   sing N N 47  
ASN CB  HB2  sing N N 48  
ASN CB  HB3  sing N N 49  
ASN CG  OD1  doub N N 50  
ASN CG  ND2  sing N N 51  
ASN ND2 HD21 sing N N 52  
ASN ND2 HD22 sing N N 53  
ASN OXT HXT  sing N N 54  
ASP N   CA   sing N N 55  
ASP N   H    sing N N 56  
ASP N   H2   sing N N 57  
ASP CA  C    sing N N 58  
ASP CA  CB   sing N N 59  
ASP CA  HA   sing N N 60  
ASP C   O    doub N N 61  
ASP C   OXT  sing N N 62  
ASP CB  CG   sing N N 63  
ASP CB  HB2  sing N N 64  
ASP CB  HB3  sing N N 65  
ASP CG  OD1  doub N N 66  
ASP CG  OD2  sing N N 67  
ASP OD2 HD2  sing N N 68  
ASP OXT HXT  sing N N 69  
CYS N   CA   sing N N 70  
CYS N   H    sing N N 71  
CYS N   H2   sing N N 72  
CYS CA  C    sing N N 73  
CYS CA  CB   sing N N 74  
CYS CA  HA   sing N N 75  
CYS C   O    doub N N 76  
CYS C   OXT  sing N N 77  
CYS CB  SG   sing N N 78  
CYS CB  HB2  sing N N 79  
CYS CB  HB3  sing N N 80  
CYS SG  HG   sing N N 81  
CYS OXT HXT  sing N N 82  
EDO C1  O1   sing N N 83  
EDO C1  C2   sing N N 84  
EDO C1  H11  sing N N 85  
EDO C1  H12  sing N N 86  
EDO O1  HO1  sing N N 87  
EDO C2  O2   sing N N 88  
EDO C2  H21  sing N N 89  
EDO C2  H22  sing N N 90  
EDO O2  HO2  sing N N 91  
GLN N   CA   sing N N 92  
GLN N   H    sing N N 93  
GLN N   H2   sing N N 94  
GLN CA  C    sing N N 95  
GLN CA  CB   sing N N 96  
GLN CA  HA   sing N N 97  
GLN C   O    doub N N 98  
GLN C   OXT  sing N N 99  
GLN CB  CG   sing N N 100 
GLN CB  HB2  sing N N 101 
GLN CB  HB3  sing N N 102 
GLN CG  CD   sing N N 103 
GLN CG  HG2  sing N N 104 
GLN CG  HG3  sing N N 105 
GLN CD  OE1  doub N N 106 
GLN CD  NE2  sing N N 107 
GLN NE2 HE21 sing N N 108 
GLN NE2 HE22 sing N N 109 
GLN OXT HXT  sing N N 110 
GLU N   CA   sing N N 111 
GLU N   H    sing N N 112 
GLU N   H2   sing N N 113 
GLU CA  C    sing N N 114 
GLU CA  CB   sing N N 115 
GLU CA  HA   sing N N 116 
GLU C   O    doub N N 117 
GLU C   OXT  sing N N 118 
GLU CB  CG   sing N N 119 
GLU CB  HB2  sing N N 120 
GLU CB  HB3  sing N N 121 
GLU CG  CD   sing N N 122 
GLU CG  HG2  sing N N 123 
GLU CG  HG3  sing N N 124 
GLU CD  OE1  doub N N 125 
GLU CD  OE2  sing N N 126 
GLU OE2 HE2  sing N N 127 
GLU OXT HXT  sing N N 128 
GLY N   CA   sing N N 129 
GLY N   H    sing N N 130 
GLY N   H2   sing N N 131 
GLY CA  C    sing N N 132 
GLY CA  HA2  sing N N 133 
GLY CA  HA3  sing N N 134 
GLY C   O    doub N N 135 
GLY C   OXT  sing N N 136 
GLY OXT HXT  sing N N 137 
HIS N   CA   sing N N 138 
HIS N   H    sing N N 139 
HIS N   H2   sing N N 140 
HIS CA  C    sing N N 141 
HIS CA  CB   sing N N 142 
HIS CA  HA   sing N N 143 
HIS C   O    doub N N 144 
HIS C   OXT  sing N N 145 
HIS CB  CG   sing N N 146 
HIS CB  HB2  sing N N 147 
HIS CB  HB3  sing N N 148 
HIS CG  ND1  sing Y N 149 
HIS CG  CD2  doub Y N 150 
HIS ND1 CE1  doub Y N 151 
HIS ND1 HD1  sing N N 152 
HIS CD2 NE2  sing Y N 153 
HIS CD2 HD2  sing N N 154 
HIS CE1 NE2  sing Y N 155 
HIS CE1 HE1  sing N N 156 
HIS NE2 HE2  sing N N 157 
HIS OXT HXT  sing N N 158 
HOH O   H1   sing N N 159 
HOH O   H2   sing N N 160 
ILE N   CA   sing N N 161 
ILE N   H    sing N N 162 
ILE N   H2   sing N N 163 
ILE CA  C    sing N N 164 
ILE CA  CB   sing N N 165 
ILE CA  HA   sing N N 166 
ILE C   O    doub N N 167 
ILE C   OXT  sing N N 168 
ILE CB  CG1  sing N N 169 
ILE CB  CG2  sing N N 170 
ILE CB  HB   sing N N 171 
ILE CG1 CD1  sing N N 172 
ILE CG1 HG12 sing N N 173 
ILE CG1 HG13 sing N N 174 
ILE CG2 HG21 sing N N 175 
ILE CG2 HG22 sing N N 176 
ILE CG2 HG23 sing N N 177 
ILE CD1 HD11 sing N N 178 
ILE CD1 HD12 sing N N 179 
ILE CD1 HD13 sing N N 180 
ILE OXT HXT  sing N N 181 
LEU N   CA   sing N N 182 
LEU N   H    sing N N 183 
LEU N   H2   sing N N 184 
LEU CA  C    sing N N 185 
LEU CA  CB   sing N N 186 
LEU CA  HA   sing N N 187 
LEU C   O    doub N N 188 
LEU C   OXT  sing N N 189 
LEU CB  CG   sing N N 190 
LEU CB  HB2  sing N N 191 
LEU CB  HB3  sing N N 192 
LEU CG  CD1  sing N N 193 
LEU CG  CD2  sing N N 194 
LEU CG  HG   sing N N 195 
LEU CD1 HD11 sing N N 196 
LEU CD1 HD12 sing N N 197 
LEU CD1 HD13 sing N N 198 
LEU CD2 HD21 sing N N 199 
LEU CD2 HD22 sing N N 200 
LEU CD2 HD23 sing N N 201 
LEU OXT HXT  sing N N 202 
LYS N   CA   sing N N 203 
LYS N   H    sing N N 204 
LYS N   H2   sing N N 205 
LYS CA  C    sing N N 206 
LYS CA  CB   sing N N 207 
LYS CA  HA   sing N N 208 
LYS C   O    doub N N 209 
LYS C   OXT  sing N N 210 
LYS CB  CG   sing N N 211 
LYS CB  HB2  sing N N 212 
LYS CB  HB3  sing N N 213 
LYS CG  CD   sing N N 214 
LYS CG  HG2  sing N N 215 
LYS CG  HG3  sing N N 216 
LYS CD  CE   sing N N 217 
LYS CD  HD2  sing N N 218 
LYS CD  HD3  sing N N 219 
LYS CE  NZ   sing N N 220 
LYS CE  HE2  sing N N 221 
LYS CE  HE3  sing N N 222 
LYS NZ  HZ1  sing N N 223 
LYS NZ  HZ2  sing N N 224 
LYS NZ  HZ3  sing N N 225 
LYS OXT HXT  sing N N 226 
MET N   CA   sing N N 227 
MET N   H    sing N N 228 
MET N   H2   sing N N 229 
MET CA  C    sing N N 230 
MET CA  CB   sing N N 231 
MET CA  HA   sing N N 232 
MET C   O    doub N N 233 
MET C   OXT  sing N N 234 
MET CB  CG   sing N N 235 
MET CB  HB2  sing N N 236 
MET CB  HB3  sing N N 237 
MET CG  SD   sing N N 238 
MET CG  HG2  sing N N 239 
MET CG  HG3  sing N N 240 
MET SD  CE   sing N N 241 
MET CE  HE1  sing N N 242 
MET CE  HE2  sing N N 243 
MET CE  HE3  sing N N 244 
MET OXT HXT  sing N N 245 
PG4 O1  C1   sing N N 246 
PG4 O1  HO1  sing N N 247 
PG4 C1  C2   sing N N 248 
PG4 C1  H11  sing N N 249 
PG4 C1  H12  sing N N 250 
PG4 C2  O2   sing N N 251 
PG4 C2  H21  sing N N 252 
PG4 C2  H22  sing N N 253 
PG4 O2  C3   sing N N 254 
PG4 C3  C4   sing N N 255 
PG4 C3  H31  sing N N 256 
PG4 C3  H32  sing N N 257 
PG4 C4  O3   sing N N 258 
PG4 C4  H41  sing N N 259 
PG4 C4  H42  sing N N 260 
PG4 O3  C5   sing N N 261 
PG4 C5  C6   sing N N 262 
PG4 C5  H51  sing N N 263 
PG4 C5  H52  sing N N 264 
PG4 C6  O4   sing N N 265 
PG4 C6  H61  sing N N 266 
PG4 C6  H62  sing N N 267 
PG4 O4  C7   sing N N 268 
PG4 C7  C8   sing N N 269 
PG4 C7  H71  sing N N 270 
PG4 C7  H72  sing N N 271 
PG4 C8  O5   sing N N 272 
PG4 C8  H81  sing N N 273 
PG4 C8  H82  sing N N 274 
PG4 O5  HO5  sing N N 275 
PGE C1  O1   sing N N 276 
PGE C1  C2   sing N N 277 
PGE C1  H1   sing N N 278 
PGE C1  H12  sing N N 279 
PGE O1  HO1  sing N N 280 
PGE C2  O2   sing N N 281 
PGE C2  H2   sing N N 282 
PGE C2  H22  sing N N 283 
PGE O2  C3   sing N N 284 
PGE C3  C4   sing N N 285 
PGE C3  H3   sing N N 286 
PGE C3  H32  sing N N 287 
PGE C4  O3   sing N N 288 
PGE C4  H4   sing N N 289 
PGE C4  H42  sing N N 290 
PGE O4  C6   sing N N 291 
PGE O4  HO4  sing N N 292 
PGE C6  C5   sing N N 293 
PGE C6  H6   sing N N 294 
PGE C6  H62  sing N N 295 
PGE C5  O3   sing N N 296 
PGE C5  H5   sing N N 297 
PGE C5  H52  sing N N 298 
PHE N   CA   sing N N 299 
PHE N   H    sing N N 300 
PHE N   H2   sing N N 301 
PHE CA  C    sing N N 302 
PHE CA  CB   sing N N 303 
PHE CA  HA   sing N N 304 
PHE C   O    doub N N 305 
PHE C   OXT  sing N N 306 
PHE CB  CG   sing N N 307 
PHE CB  HB2  sing N N 308 
PHE CB  HB3  sing N N 309 
PHE CG  CD1  doub Y N 310 
PHE CG  CD2  sing Y N 311 
PHE CD1 CE1  sing Y N 312 
PHE CD1 HD1  sing N N 313 
PHE CD2 CE2  doub Y N 314 
PHE CD2 HD2  sing N N 315 
PHE CE1 CZ   doub Y N 316 
PHE CE1 HE1  sing N N 317 
PHE CE2 CZ   sing Y N 318 
PHE CE2 HE2  sing N N 319 
PHE CZ  HZ   sing N N 320 
PHE OXT HXT  sing N N 321 
PRO N   CA   sing N N 322 
PRO N   CD   sing N N 323 
PRO N   H    sing N N 324 
PRO CA  C    sing N N 325 
PRO CA  CB   sing N N 326 
PRO CA  HA   sing N N 327 
PRO C   O    doub N N 328 
PRO C   OXT  sing N N 329 
PRO CB  CG   sing N N 330 
PRO CB  HB2  sing N N 331 
PRO CB  HB3  sing N N 332 
PRO CG  CD   sing N N 333 
PRO CG  HG2  sing N N 334 
PRO CG  HG3  sing N N 335 
PRO CD  HD2  sing N N 336 
PRO CD  HD3  sing N N 337 
PRO OXT HXT  sing N N 338 
SER N   CA   sing N N 339 
SER N   H    sing N N 340 
SER N   H2   sing N N 341 
SER CA  C    sing N N 342 
SER CA  CB   sing N N 343 
SER CA  HA   sing N N 344 
SER C   O    doub N N 345 
SER C   OXT  sing N N 346 
SER CB  OG   sing N N 347 
SER CB  HB2  sing N N 348 
SER CB  HB3  sing N N 349 
SER OG  HG   sing N N 350 
SER OXT HXT  sing N N 351 
THR N   CA   sing N N 352 
THR N   H    sing N N 353 
THR N   H2   sing N N 354 
THR CA  C    sing N N 355 
THR CA  CB   sing N N 356 
THR CA  HA   sing N N 357 
THR C   O    doub N N 358 
THR C   OXT  sing N N 359 
THR CB  OG1  sing N N 360 
THR CB  CG2  sing N N 361 
THR CB  HB   sing N N 362 
THR OG1 HG1  sing N N 363 
THR CG2 HG21 sing N N 364 
THR CG2 HG22 sing N N 365 
THR CG2 HG23 sing N N 366 
THR OXT HXT  sing N N 367 
TYR N   CA   sing N N 368 
TYR N   H    sing N N 369 
TYR N   H2   sing N N 370 
TYR CA  C    sing N N 371 
TYR CA  CB   sing N N 372 
TYR CA  HA   sing N N 373 
TYR C   O    doub N N 374 
TYR C   OXT  sing N N 375 
TYR CB  CG   sing N N 376 
TYR CB  HB2  sing N N 377 
TYR CB  HB3  sing N N 378 
TYR CG  CD1  doub Y N 379 
TYR CG  CD2  sing Y N 380 
TYR CD1 CE1  sing Y N 381 
TYR CD1 HD1  sing N N 382 
TYR CD2 CE2  doub Y N 383 
TYR CD2 HD2  sing N N 384 
TYR CE1 CZ   doub Y N 385 
TYR CE1 HE1  sing N N 386 
TYR CE2 CZ   sing Y N 387 
TYR CE2 HE2  sing N N 388 
TYR CZ  OH   sing N N 389 
TYR OH  HH   sing N N 390 
TYR OXT HXT  sing N N 391 
VAL N   CA   sing N N 392 
VAL N   H    sing N N 393 
VAL N   H2   sing N N 394 
VAL CA  C    sing N N 395 
VAL CA  CB   sing N N 396 
VAL CA  HA   sing N N 397 
VAL C   O    doub N N 398 
VAL C   OXT  sing N N 399 
VAL CB  CG1  sing N N 400 
VAL CB  CG2  sing N N 401 
VAL CB  HB   sing N N 402 
VAL CG1 HG11 sing N N 403 
VAL CG1 HG12 sing N N 404 
VAL CG1 HG13 sing N N 405 
VAL CG2 HG21 sing N N 406 
VAL CG2 HG22 sing N N 407 
VAL CG2 HG23 sing N N 408 
VAL OXT HXT  sing N N 409 
# 
loop_
_pdbx_entity_nonpoly.entity_id 
_pdbx_entity_nonpoly.name 
_pdbx_entity_nonpoly.comp_id 
3 'TETRAETHYLENE GLYCOL' PG4 
4 1,2-ETHANEDIOL         EDO 
5 'TRIETHYLENE GLYCOL'   PGE 
6 water                  HOH 
# 
_pdbx_initial_refinement_model.id               1 
_pdbx_initial_refinement_model.entity_id_list   ? 
_pdbx_initial_refinement_model.type             'experimental model' 
_pdbx_initial_refinement_model.source_name      PDB 
_pdbx_initial_refinement_model.accession_code   2VZC 
_pdbx_initial_refinement_model.details          'PDB ENTRY 2VZC' 
# 
